data_1RF1
#
_entry.id   1RF1
#
_cell.length_a   89.714
_cell.length_b   94.683
_cell.length_c   228.198
_cell.angle_alpha   90.00
_cell.angle_beta   90.00
_cell.angle_gamma   90.00
#
_symmetry.space_group_name_H-M   'P 21 21 21'
#
loop_
_entity.id
_entity.type
_entity.pdbx_description
1 polymer 'Fibrinogen alpha/alpha-E chain'
2 polymer 'Fibrinogen beta chain'
3 polymer 'Fibrinogen gamma chain'
4 polymer 'GHRP peptide'
5 branched 2-acetamido-2-deoxy-beta-D-glucopyranose-(1-4)-[alpha-L-fucopyranose-(1-6)]2-acetamido-2-deoxy-beta-D-glucopyranose
6 non-polymer 'CALCIUM ION'
7 water water
#
loop_
_entity_poly.entity_id
_entity_poly.type
_entity_poly.pdbx_seq_one_letter_code
_entity_poly.pdbx_strand_id
1 'polypeptide(L)' VIEKVQHIQLLQKNVRAQLVDMKRLEVDIDIKIRSCRGSCSRALAREVDLKDYEDQQKQLEQVIAK A,D
2 'polypeptide(L)'
;HQLYIDETVNSNIPTNLRVLRSILENLRSKIQKLESDVSAQMEYCRTPCTVSCNIPVVSGKECEEIIRKGGETSEMYLIQ
PDSSVKPYRVYCDMNTENGGWTVIQNRQDGSVDFGRKWDPYKQGFGNVATNTDGKNYCGLPGEYWLGNDKISQLTRMGPT
ELLIEMEDWKGDKVKAHYGGFTVQNEANKYQISVNKYRGTAGNALMDGASQLMGENRTMTIHNGMFFSTYDRDNDGWLTS
DPRKQCSKEDGGGWWYNRCHAANPNGRYYWGGQYTWDMAKHGTDDGVVWMNWKGSWYSMRKMSMKIRPFFPQQ
;
B,E
3 'polypeptide(L)'
;YEASILTHDSSIRYLQEIYNSNNQKIVNLKEKVAQLAAQCQEPCKDTVQIHDITGKDCQDIANKGAKQSGLYFIKPLKAN
QQFLVYCEIDGSGNGWTVFQKRLDGSVDFKKNWIQYKEGFGHLSPTGTTEFWLGNEKIHLISTQSAIPYALRVELEDWNG
RTSTADYAMFKVGPEADKYRLTYAYFAGGDAGDAFDGFDFGDDPSDKFFTSHNGMQFSTWDNDNDKFEGNCAEQDGSGWW
MNKCHAGHLNGVYYQGGTYSKASTPNGYDNGIIWATWKTRWYSMKKTTMKIIPFNRLTIGEGQQHHLGGAK
;
C,F
4 'polypeptide(L)' GHRP G,H,I,J
#
loop_
_chem_comp.id
_chem_comp.type
_chem_comp.name
_chem_comp.formula
CA non-polymer 'CALCIUM ION' 'Ca 2'
FUC L-saccharide, alpha linking alpha-L-fucopyranose 'C6 H12 O5'
NAG D-saccharide, beta linking 2-acetamido-2-deoxy-beta-D-glucopyranose 'C8 H15 N O6'
#
# COMPACT_ATOMS: atom_id res chain seq x y z
N ILE A 2 107.18 20.43 -15.12
CA ILE A 2 108.16 20.43 -14.00
C ILE A 2 107.47 20.18 -12.67
N GLU A 3 108.12 20.60 -11.59
CA GLU A 3 107.59 20.45 -10.23
C GLU A 3 106.18 21.01 -10.14
N LYS A 4 106.08 22.33 -10.21
CA LYS A 4 104.80 23.03 -10.12
C LYS A 4 103.80 22.58 -11.18
N VAL A 5 104.31 22.31 -12.38
CA VAL A 5 103.47 21.89 -13.50
C VAL A 5 102.58 20.69 -13.24
N GLN A 6 103.17 19.50 -13.14
CA GLN A 6 102.40 18.30 -12.92
C GLN A 6 101.59 18.30 -11.63
N HIS A 7 101.73 19.36 -10.85
CA HIS A 7 100.97 19.49 -9.61
C HIS A 7 99.56 19.95 -9.96
N ILE A 8 99.46 20.81 -10.96
CA ILE A 8 98.17 21.33 -11.40
C ILE A 8 97.31 20.26 -12.07
N GLN A 9 97.90 19.49 -12.97
CA GLN A 9 97.16 18.44 -13.65
C GLN A 9 96.48 17.55 -12.61
N LEU A 10 97.10 17.44 -11.44
CA LEU A 10 96.56 16.61 -10.38
C LEU A 10 95.33 17.25 -9.75
N LEU A 11 95.41 18.56 -9.50
CA LEU A 11 94.28 19.28 -8.91
C LEU A 11 93.13 19.46 -9.90
N GLN A 12 93.43 19.45 -11.19
CA GLN A 12 92.40 19.61 -12.22
C GLN A 12 91.53 18.35 -12.26
N LYS A 13 92.17 17.20 -12.07
CA LYS A 13 91.46 15.92 -12.07
C LYS A 13 90.87 15.67 -10.69
N ASN A 14 91.47 16.26 -9.68
CA ASN A 14 90.97 16.13 -8.30
C ASN A 14 89.68 16.93 -8.18
N VAL A 15 89.60 18.06 -8.88
CA VAL A 15 88.42 18.91 -8.83
C VAL A 15 87.36 18.40 -9.80
N ARG A 16 87.78 17.99 -11.00
CA ARG A 16 86.85 17.49 -12.00
C ARG A 16 86.05 16.34 -11.38
N ALA A 17 86.71 15.56 -10.54
CA ALA A 17 86.09 14.42 -9.89
C ALA A 17 85.27 14.86 -8.67
N GLN A 18 85.81 15.79 -7.89
CA GLN A 18 85.12 16.28 -6.70
C GLN A 18 83.84 17.00 -7.11
N LEU A 19 83.78 17.46 -8.35
CA LEU A 19 82.58 18.13 -8.84
C LEU A 19 81.52 17.08 -9.09
N VAL A 20 81.85 16.10 -9.92
CA VAL A 20 80.93 15.01 -10.23
C VAL A 20 80.40 14.38 -8.94
N ASP A 21 81.30 14.19 -7.97
CA ASP A 21 80.94 13.60 -6.68
C ASP A 21 79.93 14.48 -5.94
N MET A 22 80.25 15.76 -5.78
CA MET A 22 79.36 16.68 -5.08
C MET A 22 77.99 16.77 -5.74
N LYS A 23 78.01 16.85 -7.06
CA LYS A 23 76.78 16.93 -7.85
C LYS A 23 75.88 15.75 -7.50
N ARG A 24 76.52 14.61 -7.28
CA ARG A 24 75.82 13.39 -6.93
C ARG A 24 75.31 13.42 -5.50
N LEU A 25 76.12 13.94 -4.59
CA LEU A 25 75.73 14.02 -3.19
C LEU A 25 74.51 14.93 -3.08
N GLU A 26 74.48 15.96 -3.91
CA GLU A 26 73.40 16.93 -3.94
C GLU A 26 72.10 16.20 -4.31
N VAL A 27 72.17 15.33 -5.32
CA VAL A 27 71.00 14.59 -5.76
C VAL A 27 70.59 13.59 -4.69
N ASP A 28 71.57 12.85 -4.17
CA ASP A 28 71.34 11.86 -3.13
C ASP A 28 70.62 12.51 -1.96
N ILE A 29 71.21 13.58 -1.42
CA ILE A 29 70.62 14.29 -0.29
C ILE A 29 69.21 14.76 -0.56
N ASP A 30 68.94 15.23 -1.78
CA ASP A 30 67.60 15.69 -2.08
C ASP A 30 66.66 14.51 -1.88
N ILE A 31 66.99 13.41 -2.54
CA ILE A 31 66.20 12.19 -2.48
C ILE A 31 65.99 11.66 -1.05
N LYS A 32 67.07 11.51 -0.28
CA LYS A 32 66.98 11.00 1.08
C LYS A 32 66.14 11.92 1.97
N ILE A 33 66.32 13.22 1.81
CA ILE A 33 65.55 14.16 2.60
C ILE A 33 64.07 14.01 2.31
N ARG A 34 63.70 13.91 1.04
CA ARG A 34 62.29 13.77 0.69
C ARG A 34 61.71 12.43 1.20
N SER A 35 62.54 11.41 1.30
CA SER A 35 62.08 10.11 1.78
C SER A 35 61.74 10.16 3.28
N CYS A 36 61.98 11.31 3.91
CA CYS A 36 61.66 11.44 5.33
C CYS A 36 60.25 11.99 5.54
N ARG A 37 59.64 12.48 4.47
CA ARG A 37 58.32 13.05 4.53
C ARG A 37 57.28 12.03 4.96
N GLY A 38 57.55 10.76 4.67
CA GLY A 38 56.61 9.73 5.05
C GLY A 38 56.98 9.08 6.38
N SER A 39 57.91 9.70 7.09
CA SER A 39 58.36 9.13 8.36
C SER A 39 58.46 10.16 9.47
N CYS A 40 59.18 11.23 9.22
CA CYS A 40 59.37 12.29 10.22
C CYS A 40 58.22 13.29 10.23
N SER A 41 58.20 14.19 11.20
CA SER A 41 57.11 15.18 11.29
C SER A 41 56.94 16.06 10.04
N ARG A 42 58.04 16.37 9.36
CA ARG A 42 58.03 17.17 8.14
C ARG A 42 59.35 16.97 7.38
N ALA A 43 59.36 17.34 6.11
CA ALA A 43 60.57 17.22 5.32
C ALA A 43 60.97 18.63 4.91
N LEU A 44 62.25 18.95 5.06
CA LEU A 44 62.78 20.27 4.71
C LEU A 44 62.40 20.60 3.27
N ALA A 45 61.78 21.75 3.07
CA ALA A 45 61.38 22.16 1.72
C ALA A 45 62.64 22.69 1.08
N ARG A 46 62.90 22.28 -0.17
CA ARG A 46 64.10 22.74 -0.84
C ARG A 46 64.04 22.49 -2.33
N GLU A 47 65.13 22.84 -3.01
CA GLU A 47 65.24 22.66 -4.45
C GLU A 47 66.70 22.54 -4.83
N VAL A 48 66.95 21.79 -5.90
CA VAL A 48 68.31 21.59 -6.36
C VAL A 48 68.62 22.51 -7.52
N ASP A 49 69.90 22.85 -7.66
CA ASP A 49 70.34 23.73 -8.74
C ASP A 49 71.56 23.12 -9.40
N LEU A 50 71.35 22.24 -10.36
CA LEU A 50 72.45 21.59 -11.06
C LEU A 50 73.21 22.61 -11.89
N LYS A 51 72.47 23.58 -12.43
CA LYS A 51 73.06 24.64 -13.23
C LYS A 51 74.44 25.03 -12.72
N ASP A 52 74.48 25.55 -11.50
CA ASP A 52 75.74 25.96 -10.89
C ASP A 52 76.81 24.90 -11.07
N TYR A 53 76.49 23.66 -10.68
CA TYR A 53 77.42 22.55 -10.80
C TYR A 53 77.89 22.32 -12.23
N GLU A 54 77.00 22.50 -13.20
CA GLU A 54 77.34 22.30 -14.61
C GLU A 54 78.11 23.47 -15.22
N ASP A 55 77.80 24.68 -14.78
CA ASP A 55 78.49 25.86 -15.28
C ASP A 55 79.94 25.77 -14.87
N GLN A 56 80.19 25.30 -13.64
CA GLN A 56 81.53 25.17 -13.14
C GLN A 56 82.30 24.04 -13.82
N GLN A 57 81.61 22.95 -14.16
CA GLN A 57 82.26 21.83 -14.82
C GLN A 57 82.77 22.24 -16.20
N LYS A 58 82.07 23.18 -16.83
CA LYS A 58 82.47 23.68 -18.15
C LYS A 58 83.52 24.75 -17.94
N GLN A 59 83.29 25.60 -16.93
CA GLN A 59 84.20 26.68 -16.57
C GLN A 59 85.58 26.10 -16.29
N LEU A 60 85.61 24.82 -15.93
CA LEU A 60 86.84 24.12 -15.61
C LEU A 60 87.53 23.65 -16.88
N GLU A 61 86.81 22.90 -17.71
CA GLU A 61 87.37 22.40 -18.96
C GLU A 61 88.00 23.54 -19.75
N GLN A 62 87.51 24.75 -19.49
CA GLN A 62 88.02 25.95 -20.15
C GLN A 62 89.35 26.38 -19.54
N VAL A 63 89.96 25.47 -18.77
CA VAL A 63 91.24 25.74 -18.15
C VAL A 63 92.17 24.56 -18.38
N ILE A 64 91.56 23.38 -18.54
CA ILE A 64 92.32 22.18 -18.80
C ILE A 64 92.71 22.21 -20.29
N ALA A 65 92.44 23.36 -20.91
CA ALA A 65 92.76 23.57 -22.32
C ALA A 65 93.93 24.54 -22.44
N ILE B 13 98.00 31.23 -18.58
CA ILE B 13 98.95 30.41 -17.78
C ILE B 13 98.57 30.38 -16.30
N PRO B 14 98.34 31.57 -15.70
CA PRO B 14 97.97 31.69 -14.29
C PRO B 14 96.47 31.54 -14.03
N THR B 15 95.67 31.95 -15.00
CA THR B 15 94.22 31.88 -14.89
C THR B 15 93.82 30.51 -14.35
N ASN B 16 94.70 29.54 -14.52
CA ASN B 16 94.45 28.20 -14.05
C ASN B 16 94.21 28.24 -12.53
N LEU B 17 95.13 28.82 -11.79
CA LEU B 17 94.98 28.92 -10.33
C LEU B 17 93.73 29.71 -9.99
N ARG B 18 93.46 30.76 -10.77
CA ARG B 18 92.31 31.61 -10.57
C ARG B 18 91.03 30.77 -10.52
N VAL B 19 90.77 30.07 -11.62
CA VAL B 19 89.59 29.23 -11.75
C VAL B 19 89.48 28.22 -10.62
N LEU B 20 90.40 27.27 -10.57
CA LEU B 20 90.37 26.25 -9.54
C LEU B 20 89.99 26.82 -8.18
N ARG B 21 90.76 27.77 -7.68
CA ARG B 21 90.47 28.36 -6.38
C ARG B 21 89.01 28.79 -6.28
N SER B 22 88.46 29.28 -7.38
CA SER B 22 87.07 29.71 -7.40
C SER B 22 86.09 28.58 -7.11
N ILE B 23 86.32 27.44 -7.75
CA ILE B 23 85.45 26.29 -7.59
C ILE B 23 85.60 25.64 -6.22
N LEU B 24 86.84 25.37 -5.81
CA LEU B 24 87.08 24.74 -4.51
C LEU B 24 86.46 25.53 -3.37
N GLU B 25 86.22 26.82 -3.57
CA GLU B 25 85.62 27.63 -2.52
C GLU B 25 84.10 27.56 -2.67
N ASN B 26 83.62 27.63 -3.90
CA ASN B 26 82.18 27.53 -4.14
C ASN B 26 81.69 26.20 -3.58
N LEU B 27 82.46 25.14 -3.82
CA LEU B 27 82.09 23.82 -3.33
C LEU B 27 82.08 23.80 -1.80
N ARG B 28 83.12 24.37 -1.19
CA ARG B 28 83.20 24.42 0.26
C ARG B 28 81.87 24.93 0.84
N SER B 29 81.26 25.87 0.13
CA SER B 29 79.99 26.46 0.57
C SER B 29 78.84 25.49 0.32
N LYS B 30 78.86 24.85 -0.84
CA LYS B 30 77.82 23.88 -1.18
C LYS B 30 77.76 22.87 -0.06
N ILE B 31 78.94 22.50 0.46
CA ILE B 31 79.04 21.56 1.56
C ILE B 31 78.41 22.18 2.80
N GLN B 32 78.55 23.48 2.94
CA GLN B 32 77.98 24.20 4.07
C GLN B 32 76.46 24.14 4.02
N LYS B 33 75.91 24.40 2.84
CA LYS B 33 74.47 24.37 2.65
C LYS B 33 73.94 22.98 3.00
N LEU B 34 74.51 21.96 2.37
CA LEU B 34 74.11 20.58 2.58
C LEU B 34 74.21 20.16 4.04
N GLU B 35 75.33 20.48 4.68
CA GLU B 35 75.50 20.12 6.09
C GLU B 35 74.38 20.73 6.95
N SER B 36 73.93 21.92 6.57
CA SER B 36 72.83 22.60 7.29
C SER B 36 71.56 21.78 7.11
N ASP B 37 71.14 21.64 5.85
CA ASP B 37 69.95 20.89 5.48
C ASP B 37 69.81 19.55 6.20
N VAL B 38 70.87 18.73 6.12
CA VAL B 38 70.87 17.42 6.78
C VAL B 38 70.70 17.55 8.28
N SER B 39 71.29 18.58 8.85
CA SER B 39 71.21 18.80 10.28
C SER B 39 69.78 19.17 10.67
N ALA B 40 69.14 19.99 9.85
CA ALA B 40 67.76 20.41 10.09
C ALA B 40 66.80 19.23 10.03
N GLN B 41 66.95 18.40 9.00
CA GLN B 41 66.08 17.25 8.84
C GLN B 41 66.24 16.31 10.03
N MET B 42 67.46 16.18 10.54
CA MET B 42 67.66 15.32 11.68
C MET B 42 66.82 15.78 12.86
N GLU B 43 66.64 17.09 12.98
CA GLU B 43 65.84 17.62 14.09
C GLU B 43 64.36 17.31 13.88
N TYR B 44 63.87 17.50 12.66
CA TYR B 44 62.47 17.23 12.39
C TYR B 44 62.15 15.76 12.62
N CYS B 45 63.15 14.89 12.52
CA CYS B 45 62.96 13.46 12.71
C CYS B 45 62.92 13.00 14.17
N ARG B 46 62.97 13.94 15.10
CA ARG B 46 62.90 13.57 16.50
C ARG B 46 61.43 13.23 16.82
N THR B 47 60.55 13.57 15.90
CA THR B 47 59.13 13.27 16.06
C THR B 47 58.66 12.72 14.71
N PRO B 48 57.63 11.87 14.72
CA PRO B 48 57.12 11.28 13.48
C PRO B 48 55.88 11.93 12.90
N CYS B 49 55.61 11.60 11.63
CA CYS B 49 54.41 12.09 10.96
C CYS B 49 53.31 11.18 11.51
N THR B 50 52.06 11.56 11.37
CA THR B 50 51.00 10.71 11.89
C THR B 50 49.79 10.61 10.98
N VAL B 51 48.94 9.65 11.28
CA VAL B 51 47.71 9.42 10.54
C VAL B 51 46.67 8.87 11.50
N SER B 52 45.42 8.89 11.07
CA SER B 52 44.34 8.35 11.86
C SER B 52 43.40 7.76 10.84
N CYS B 53 43.50 6.45 10.67
CA CYS B 53 42.69 5.75 9.69
C CYS B 53 41.63 4.87 10.34
N ASN B 54 40.42 5.40 10.45
CA ASN B 54 39.33 4.62 11.02
C ASN B 54 39.07 3.50 10.03
N ILE B 55 38.83 2.31 10.56
CA ILE B 55 38.61 1.12 9.73
C ILE B 55 37.20 0.88 9.19
N PRO B 56 37.08 0.64 7.88
CA PRO B 56 35.75 0.39 7.29
C PRO B 56 35.14 -0.89 7.86
N VAL B 57 33.83 -0.88 8.03
CA VAL B 57 33.14 -2.05 8.55
C VAL B 57 33.35 -3.25 7.62
N VAL B 58 32.98 -3.09 6.35
CA VAL B 58 33.11 -4.18 5.39
C VAL B 58 34.55 -4.67 5.21
N SER B 59 34.72 -5.99 5.14
CA SER B 59 36.03 -6.59 4.97
C SER B 59 35.86 -7.86 4.13
N GLY B 60 36.98 -8.45 3.72
CA GLY B 60 36.93 -9.66 2.92
C GLY B 60 38.31 -10.25 2.68
N LYS B 61 38.39 -11.28 1.85
CA LYS B 61 39.67 -11.92 1.55
C LYS B 61 40.63 -10.98 0.83
N GLU B 62 40.07 -10.08 0.03
CA GLU B 62 40.84 -9.08 -0.69
C GLU B 62 39.88 -8.09 -1.34
N CYS B 63 40.42 -7.06 -1.99
CA CYS B 63 39.56 -6.02 -2.56
C CYS B 63 38.44 -6.44 -3.51
N GLU B 64 38.64 -7.49 -4.29
CA GLU B 64 37.61 -7.95 -5.21
C GLU B 64 36.39 -8.37 -4.40
N GLU B 65 36.60 -9.18 -3.37
CA GLU B 65 35.47 -9.62 -2.54
C GLU B 65 34.82 -8.39 -1.88
N ILE B 66 35.65 -7.49 -1.35
CA ILE B 66 35.13 -6.30 -0.70
C ILE B 66 34.22 -5.46 -1.61
N ILE B 67 34.58 -5.32 -2.88
CA ILE B 67 33.71 -4.53 -3.74
C ILE B 67 32.42 -5.27 -4.08
N ARG B 68 32.48 -6.60 -4.10
CA ARG B 68 31.28 -7.39 -4.39
C ARG B 68 30.37 -7.38 -3.16
N LYS B 69 30.91 -6.90 -2.04
CA LYS B 69 30.16 -6.80 -0.78
C LYS B 69 29.63 -5.38 -0.56
N GLY B 70 29.83 -4.50 -1.53
CA GLY B 70 29.33 -3.14 -1.40
C GLY B 70 30.30 -2.03 -1.09
N GLY B 71 31.59 -2.33 -0.99
CA GLY B 71 32.57 -1.28 -0.73
C GLY B 71 32.89 -0.64 -2.07
N GLU B 72 32.20 0.46 -2.39
CA GLU B 72 32.41 1.12 -3.67
C GLU B 72 33.35 2.32 -3.73
N THR B 73 33.97 2.67 -2.60
CA THR B 73 34.89 3.80 -2.61
C THR B 73 36.34 3.40 -2.33
N SER B 74 37.26 4.04 -3.02
CA SER B 74 38.66 3.76 -2.85
C SER B 74 39.19 4.38 -1.57
N GLU B 75 39.74 3.53 -0.71
CA GLU B 75 40.30 3.93 0.57
C GLU B 75 40.98 2.73 1.19
N MET B 76 41.45 2.89 2.41
CA MET B 76 42.10 1.81 3.11
C MET B 76 41.06 0.86 3.64
N TYR B 77 41.32 -0.43 3.46
CA TYR B 77 40.43 -1.48 3.95
C TYR B 77 41.26 -2.54 4.65
N LEU B 78 40.61 -3.29 5.51
CA LEU B 78 41.24 -4.36 6.25
C LEU B 78 40.88 -5.64 5.48
N ILE B 79 41.86 -6.49 5.19
CA ILE B 79 41.57 -7.76 4.51
C ILE B 79 42.22 -8.94 5.22
N GLN B 80 41.63 -10.12 5.03
CA GLN B 80 42.16 -11.32 5.62
C GLN B 80 42.07 -12.42 4.56
N PRO B 81 43.11 -12.51 3.69
CA PRO B 81 43.18 -13.49 2.62
C PRO B 81 42.90 -14.88 3.13
N ASP B 82 43.38 -15.17 4.33
CA ASP B 82 43.17 -16.47 4.91
C ASP B 82 43.19 -16.46 6.42
N SER B 83 42.36 -17.31 7.01
CA SER B 83 42.24 -17.41 8.46
C SER B 83 43.55 -17.73 9.20
N SER B 84 44.62 -17.94 8.46
CA SER B 84 45.91 -18.24 9.09
C SER B 84 46.54 -16.92 9.54
N VAL B 85 46.73 -16.03 8.58
CA VAL B 85 47.32 -14.73 8.81
C VAL B 85 46.33 -13.78 9.46
N LYS B 86 46.85 -12.90 10.31
CA LYS B 86 46.01 -11.91 10.98
C LYS B 86 45.60 -10.86 9.94
N PRO B 87 44.40 -10.28 10.08
CA PRO B 87 43.96 -9.27 9.11
C PRO B 87 44.96 -8.12 9.01
N TYR B 88 45.09 -7.57 7.81
CA TYR B 88 46.01 -6.47 7.61
C TYR B 88 45.46 -5.41 6.68
N ARG B 89 45.98 -4.19 6.86
CA ARG B 89 45.54 -3.04 6.08
C ARG B 89 46.10 -3.03 4.68
N VAL B 90 45.31 -2.50 3.75
CA VAL B 90 45.74 -2.39 2.37
C VAL B 90 44.90 -1.32 1.72
N TYR B 91 45.36 -0.80 0.59
CA TYR B 91 44.60 0.23 -0.12
C TYR B 91 43.87 -0.38 -1.32
N CYS B 92 42.56 -0.17 -1.39
CA CYS B 92 41.78 -0.71 -2.49
C CYS B 92 41.40 0.38 -3.47
N ASP B 93 41.56 0.07 -4.76
CA ASP B 93 41.21 0.97 -5.86
C ASP B 93 39.88 0.42 -6.35
N MET B 94 38.79 1.12 -6.07
CA MET B 94 37.48 0.61 -6.49
C MET B 94 36.90 1.32 -7.69
N ASN B 95 37.72 2.08 -8.40
CA ASN B 95 37.23 2.80 -9.56
C ASN B 95 37.87 2.41 -10.88
N THR B 96 39.19 2.22 -10.87
CA THR B 96 39.91 1.83 -12.08
C THR B 96 39.44 0.48 -12.62
N GLU B 97 39.13 0.45 -13.90
CA GLU B 97 38.69 -0.77 -14.57
C GLU B 97 37.76 -1.66 -13.75
N ASN B 98 36.65 -1.08 -13.31
CA ASN B 98 35.64 -1.79 -12.54
C ASN B 98 36.02 -2.14 -11.09
N GLY B 99 37.12 -1.55 -10.61
CA GLY B 99 37.57 -1.78 -9.24
C GLY B 99 37.93 -3.18 -8.79
N GLY B 100 38.12 -3.33 -7.48
CA GLY B 100 38.48 -4.62 -6.92
C GLY B 100 39.98 -4.84 -7.00
N TRP B 101 40.72 -3.76 -7.18
CA TRP B 101 42.16 -3.84 -7.27
C TRP B 101 42.83 -3.62 -5.93
N THR B 102 43.69 -4.56 -5.56
CA THR B 102 44.42 -4.49 -4.31
C THR B 102 45.81 -3.96 -4.62
N VAL B 103 46.10 -2.76 -4.15
CA VAL B 103 47.40 -2.17 -4.39
C VAL B 103 48.47 -2.89 -3.59
N ILE B 104 49.54 -3.32 -4.25
CA ILE B 104 50.63 -3.99 -3.57
C ILE B 104 51.91 -3.14 -3.65
N GLN B 105 51.89 -2.14 -4.54
CA GLN B 105 53.04 -1.25 -4.71
C GLN B 105 52.58 0.13 -5.17
N ASN B 106 53.11 1.19 -4.57
CA ASN B 106 52.71 2.54 -4.97
C ASN B 106 53.80 3.62 -4.81
N ARG B 107 54.02 4.37 -5.88
CA ARG B 107 55.01 5.46 -5.93
C ARG B 107 54.27 6.72 -6.42
N GLN B 108 54.50 7.86 -5.77
CA GLN B 108 53.78 9.05 -6.22
C GLN B 108 54.38 10.36 -5.76
N ASP B 109 55.33 10.32 -4.83
CA ASP B 109 55.90 11.57 -4.34
C ASP B 109 57.26 11.45 -3.64
N GLY B 110 57.89 10.28 -3.76
CA GLY B 110 59.20 10.10 -3.16
C GLY B 110 59.24 10.22 -1.65
N SER B 111 58.09 10.12 -0.99
CA SER B 111 58.04 10.24 0.47
C SER B 111 58.62 9.04 1.24
N VAL B 112 58.69 7.88 0.60
CA VAL B 112 59.24 6.69 1.26
C VAL B 112 60.49 6.12 0.60
N ASP B 113 61.43 5.69 1.43
CA ASP B 113 62.68 5.10 0.95
C ASP B 113 62.47 3.65 0.51
N PHE B 114 62.97 3.30 -0.67
CA PHE B 114 62.81 1.93 -1.18
C PHE B 114 64.12 1.15 -1.25
N GLY B 115 65.21 1.74 -0.77
CA GLY B 115 66.48 1.04 -0.78
C GLY B 115 66.60 0.32 0.54
N ARG B 116 65.81 -0.74 0.71
CA ARG B 116 65.80 -1.48 1.96
C ARG B 116 66.27 -2.94 1.86
N LYS B 117 66.69 -3.49 2.99
CA LYS B 117 67.18 -4.87 3.04
C LYS B 117 66.10 -5.93 2.77
N TRP B 118 66.49 -7.19 2.89
CA TRP B 118 65.59 -8.31 2.63
C TRP B 118 64.42 -8.47 3.59
N ASP B 119 64.65 -8.35 4.90
CA ASP B 119 63.56 -8.50 5.86
C ASP B 119 62.43 -7.48 5.65
N PRO B 120 62.78 -6.19 5.54
CA PRO B 120 61.75 -5.15 5.33
C PRO B 120 60.91 -5.43 4.07
N TYR B 121 61.57 -5.87 3.00
CA TYR B 121 60.86 -6.18 1.76
C TYR B 121 60.00 -7.42 1.89
N LYS B 122 60.31 -8.25 2.88
CA LYS B 122 59.56 -9.48 3.15
C LYS B 122 58.34 -9.16 3.99
N GLN B 123 58.55 -8.33 5.02
CA GLN B 123 57.51 -7.90 5.95
C GLN B 123 56.60 -6.82 5.40
N GLY B 124 57.12 -6.00 4.49
CA GLY B 124 56.34 -4.90 3.94
C GLY B 124 56.76 -3.58 4.58
N PHE B 125 56.56 -2.47 3.89
CA PHE B 125 56.94 -1.17 4.46
C PHE B 125 56.24 -0.01 3.77
N GLY B 126 56.31 1.16 4.37
CA GLY B 126 55.68 2.34 3.81
C GLY B 126 54.35 2.70 4.47
N ASN B 127 53.61 3.61 3.83
CA ASN B 127 52.32 4.04 4.37
C ASN B 127 51.23 3.61 3.42
N VAL B 128 50.31 2.79 3.92
CA VAL B 128 49.21 2.30 3.12
C VAL B 128 48.27 3.43 2.70
N ALA B 129 47.93 4.31 3.62
CA ALA B 129 47.02 5.39 3.31
C ALA B 129 47.14 6.59 4.25
N THR B 130 46.69 7.75 3.78
CA THR B 130 46.75 8.97 4.57
C THR B 130 45.40 9.65 4.60
N ASN B 131 45.19 10.47 5.63
CA ASN B 131 43.93 11.19 5.82
C ASN B 131 43.59 12.14 4.69
N THR B 132 42.33 12.08 4.26
CA THR B 132 41.82 12.92 3.19
C THR B 132 41.54 14.28 3.81
N ASP B 133 42.19 15.32 3.30
CA ASP B 133 42.04 16.69 3.79
C ASP B 133 40.78 16.89 4.64
N GLY B 134 40.95 16.85 5.96
CA GLY B 134 39.83 17.02 6.87
C GLY B 134 38.80 15.91 6.76
N LYS B 135 39.15 14.72 7.26
CA LYS B 135 38.26 13.54 7.23
C LYS B 135 38.76 12.50 8.22
N ASN B 136 37.85 11.62 8.65
CA ASN B 136 38.18 10.57 9.62
C ASN B 136 38.77 9.29 9.00
N TYR B 137 38.57 9.09 7.71
CA TYR B 137 39.10 7.90 7.05
C TYR B 137 40.24 8.29 6.12
N CYS B 138 41.13 7.35 5.86
CA CYS B 138 42.25 7.62 4.97
C CYS B 138 41.86 7.16 3.57
N GLY B 139 41.44 8.11 2.75
CA GLY B 139 41.01 7.79 1.40
C GLY B 139 42.08 7.93 0.34
N LEU B 140 43.27 8.33 0.74
CA LEU B 140 44.38 8.46 -0.19
C LEU B 140 45.46 7.45 0.14
N PRO B 141 46.14 6.93 -0.90
CA PRO B 141 47.20 5.96 -0.67
C PRO B 141 48.52 6.65 -0.41
N GLY B 142 49.38 6.00 0.35
CA GLY B 142 50.70 6.54 0.60
C GLY B 142 51.61 5.75 -0.32
N GLU B 143 52.93 5.86 -0.16
CA GLU B 143 53.82 5.07 -0.98
C GLU B 143 54.17 3.84 -0.17
N TYR B 144 54.00 2.66 -0.75
CA TYR B 144 54.33 1.46 0.00
C TYR B 144 54.54 0.22 -0.81
N TRP B 145 55.14 -0.77 -0.16
CA TRP B 145 55.40 -2.11 -0.71
C TRP B 145 54.66 -3.03 0.27
N LEU B 146 53.64 -3.74 -0.22
CA LEU B 146 52.84 -4.63 0.64
C LEU B 146 53.57 -5.68 1.46
N GLY B 147 54.60 -6.29 0.88
CA GLY B 147 55.35 -7.31 1.57
C GLY B 147 55.36 -8.60 0.76
N ASN B 148 56.55 -9.10 0.42
CA ASN B 148 56.70 -10.30 -0.38
C ASN B 148 55.86 -11.50 0.10
N ASP B 149 55.90 -11.81 1.39
CA ASP B 149 55.10 -12.93 1.88
C ASP B 149 53.65 -12.73 1.48
N LYS B 150 53.10 -11.58 1.85
CA LYS B 150 51.71 -11.25 1.55
C LYS B 150 51.41 -11.31 0.06
N ILE B 151 52.27 -10.70 -0.74
CA ILE B 151 52.06 -10.70 -2.19
C ILE B 151 52.09 -12.14 -2.70
N SER B 152 52.97 -12.96 -2.13
CA SER B 152 53.05 -14.35 -2.57
C SER B 152 51.73 -15.07 -2.24
N GLN B 153 51.31 -14.96 -0.99
CA GLN B 153 50.09 -15.61 -0.57
C GLN B 153 48.87 -15.17 -1.38
N LEU B 154 48.82 -13.89 -1.73
CA LEU B 154 47.67 -13.42 -2.49
C LEU B 154 47.63 -14.02 -3.91
N THR B 155 48.78 -14.07 -4.59
CA THR B 155 48.80 -14.60 -5.94
C THR B 155 48.56 -16.12 -6.03
N ARG B 156 48.85 -16.86 -4.96
CA ARG B 156 48.67 -18.32 -4.99
C ARG B 156 47.29 -18.80 -4.49
N MET B 157 46.37 -17.87 -4.26
CA MET B 157 45.00 -18.21 -3.82
C MET B 157 44.18 -18.65 -5.02
N GLY B 158 44.53 -18.14 -6.19
CA GLY B 158 43.81 -18.48 -7.41
C GLY B 158 44.36 -17.63 -8.55
N PRO B 159 43.97 -17.90 -9.81
CA PRO B 159 44.50 -17.09 -10.92
C PRO B 159 44.42 -15.61 -10.57
N THR B 160 45.51 -14.89 -10.81
CA THR B 160 45.60 -13.47 -10.49
C THR B 160 46.16 -12.65 -11.64
N GLU B 161 45.51 -11.52 -11.92
CA GLU B 161 45.97 -10.63 -12.97
C GLU B 161 46.64 -9.43 -12.29
N LEU B 162 47.59 -8.82 -12.98
CA LEU B 162 48.33 -7.68 -12.44
C LEU B 162 48.16 -6.46 -13.33
N LEU B 163 47.98 -5.31 -12.71
CA LEU B 163 47.83 -4.07 -13.45
C LEU B 163 48.88 -3.04 -13.02
N ILE B 164 49.81 -2.74 -13.91
CA ILE B 164 50.85 -1.77 -13.59
C ILE B 164 50.49 -0.46 -14.30
N GLU B 165 50.41 0.62 -13.54
CA GLU B 165 50.07 1.94 -14.08
C GLU B 165 51.16 2.97 -13.80
N MET B 166 51.29 3.93 -14.72
CA MET B 166 52.30 4.98 -14.58
C MET B 166 51.93 6.28 -15.27
N GLU B 167 52.66 7.33 -14.92
CA GLU B 167 52.43 8.66 -15.46
C GLU B 167 53.74 9.45 -15.42
N ASP B 168 53.96 10.27 -16.44
CA ASP B 168 55.17 11.10 -16.52
C ASP B 168 54.92 12.42 -15.82
N TRP B 169 55.95 13.26 -15.77
CA TRP B 169 55.82 14.55 -15.12
C TRP B 169 55.00 15.57 -15.90
N LYS B 170 54.48 15.17 -17.06
CA LYS B 170 53.66 16.08 -17.85
C LYS B 170 52.19 15.69 -17.75
N GLY B 171 51.93 14.50 -17.21
CA GLY B 171 50.56 14.06 -17.07
C GLY B 171 50.09 12.96 -18.01
N ASP B 172 51.00 12.40 -18.81
CA ASP B 172 50.61 11.33 -19.72
C ASP B 172 50.63 10.01 -18.99
N LYS B 173 49.71 9.13 -19.35
CA LYS B 173 49.61 7.82 -18.70
C LYS B 173 49.67 6.65 -19.67
N VAL B 174 50.21 5.54 -19.19
CA VAL B 174 50.29 4.31 -19.97
C VAL B 174 50.07 3.20 -18.96
N LYS B 175 49.88 1.98 -19.43
CA LYS B 175 49.65 0.86 -18.51
C LYS B 175 50.08 -0.46 -19.10
N ALA B 176 50.48 -1.37 -18.22
CA ALA B 176 50.92 -2.71 -18.60
C ALA B 176 50.07 -3.71 -17.81
N HIS B 177 49.22 -4.43 -18.51
CA HIS B 177 48.33 -5.41 -17.89
C HIS B 177 48.81 -6.85 -18.11
N TYR B 178 48.84 -7.62 -17.04
CA TYR B 178 49.26 -9.02 -17.13
C TYR B 178 48.16 -9.93 -16.62
N GLY B 179 47.59 -10.73 -17.53
CA GLY B 179 46.52 -11.65 -17.19
C GLY B 179 46.86 -12.67 -16.13
N GLY B 180 48.09 -13.16 -16.15
CA GLY B 180 48.53 -14.14 -15.16
C GLY B 180 49.72 -13.61 -14.42
N PHE B 181 49.68 -13.67 -13.09
CA PHE B 181 50.77 -13.19 -12.25
C PHE B 181 50.90 -14.04 -10.99
N THR B 182 52.11 -14.51 -10.72
CA THR B 182 52.36 -15.33 -9.54
C THR B 182 53.70 -15.02 -8.92
N VAL B 183 53.79 -15.15 -7.60
CA VAL B 183 55.02 -14.93 -6.87
C VAL B 183 55.12 -16.05 -5.84
N GLN B 184 56.15 -16.88 -5.98
CA GLN B 184 56.32 -18.01 -5.05
C GLN B 184 56.77 -17.52 -3.68
N ASN B 185 56.96 -18.42 -2.73
CA ASN B 185 57.35 -18.03 -1.37
C ASN B 185 58.84 -17.79 -1.13
N GLU B 186 59.16 -17.44 0.10
CA GLU B 186 60.54 -17.14 0.47
C GLU B 186 61.51 -18.26 0.09
N ALA B 187 61.13 -19.50 0.39
CA ALA B 187 61.99 -20.65 0.09
C ALA B 187 62.30 -20.74 -1.39
N ASN B 188 61.51 -20.05 -2.21
CA ASN B 188 61.71 -20.06 -3.64
C ASN B 188 62.14 -18.68 -4.11
N LYS B 189 62.78 -17.94 -3.20
CA LYS B 189 63.27 -16.59 -3.48
C LYS B 189 62.24 -15.69 -4.14
N TYR B 190 60.98 -15.87 -3.75
CA TYR B 190 59.88 -15.07 -4.27
C TYR B 190 59.90 -15.00 -5.79
N GLN B 191 60.15 -16.15 -6.43
CA GLN B 191 60.22 -16.19 -7.89
C GLN B 191 58.96 -15.65 -8.54
N ILE B 192 59.14 -14.87 -9.61
CA ILE B 192 58.02 -14.27 -10.32
C ILE B 192 57.73 -14.93 -11.67
N SER B 193 56.49 -14.80 -12.12
CA SER B 193 56.03 -15.35 -13.39
C SER B 193 54.83 -14.52 -13.85
N VAL B 194 54.84 -14.12 -15.11
CA VAL B 194 53.74 -13.32 -15.64
C VAL B 194 53.45 -13.75 -17.06
N ASN B 195 52.25 -13.44 -17.55
CA ASN B 195 51.86 -13.77 -18.91
C ASN B 195 50.59 -13.06 -19.34
N LYS B 196 50.26 -13.20 -20.62
CA LYS B 196 49.05 -12.59 -21.18
C LYS B 196 49.07 -11.08 -21.01
N TYR B 197 50.05 -10.45 -21.66
CA TYR B 197 50.24 -9.01 -21.61
C TYR B 197 49.29 -8.26 -22.53
N ARG B 198 49.20 -6.95 -22.30
CA ARG B 198 48.40 -6.05 -23.11
C ARG B 198 48.51 -4.66 -22.47
N GLY B 199 48.59 -3.64 -23.30
CA GLY B 199 48.70 -2.30 -22.77
C GLY B 199 49.44 -1.35 -23.69
N THR B 200 49.72 -0.16 -23.17
CA THR B 200 50.42 0.86 -23.93
C THR B 200 51.79 1.21 -23.38
N ALA B 201 52.17 0.59 -22.27
CA ALA B 201 53.47 0.90 -21.65
C ALA B 201 54.63 0.11 -22.23
N GLY B 202 54.34 -1.04 -22.83
CA GLY B 202 55.41 -1.85 -23.39
C GLY B 202 55.62 -3.04 -22.46
N ASN B 203 55.75 -4.23 -23.04
CA ASN B 203 55.91 -5.46 -22.28
C ASN B 203 57.33 -5.66 -21.74
N ALA B 204 57.76 -4.77 -20.86
CA ALA B 204 59.10 -4.85 -20.29
C ALA B 204 59.38 -6.07 -19.44
N LEU B 205 58.35 -6.58 -18.77
CA LEU B 205 58.55 -7.73 -17.90
C LEU B 205 58.84 -9.04 -18.65
N MET B 206 58.17 -9.23 -19.78
CA MET B 206 58.37 -10.44 -20.56
C MET B 206 59.39 -10.34 -21.68
N ASP B 207 59.32 -9.27 -22.47
CA ASP B 207 60.22 -9.10 -23.60
C ASP B 207 61.48 -8.26 -23.37
N GLY B 208 61.62 -7.67 -22.18
CA GLY B 208 62.80 -6.85 -21.91
C GLY B 208 62.78 -5.54 -22.68
N ALA B 209 63.77 -4.68 -22.43
CA ALA B 209 63.85 -3.37 -23.11
C ALA B 209 63.94 -3.46 -24.62
N SER B 210 62.90 -2.96 -25.28
CA SER B 210 62.82 -2.97 -26.75
C SER B 210 63.89 -2.13 -27.43
N GLN B 211 64.71 -1.43 -26.66
CA GLN B 211 65.75 -0.60 -27.26
C GLN B 211 67.05 -1.39 -27.40
N LEU B 212 67.11 -2.54 -26.72
CA LEU B 212 68.30 -3.37 -26.79
C LEU B 212 68.13 -4.44 -27.84
N MET B 213 69.20 -5.20 -28.07
CA MET B 213 69.16 -6.25 -29.09
C MET B 213 69.67 -7.60 -28.61
N GLY B 214 69.06 -8.66 -29.14
CA GLY B 214 69.46 -10.01 -28.79
C GLY B 214 69.85 -10.22 -27.34
N GLU B 215 71.07 -10.68 -27.12
CA GLU B 215 71.56 -10.94 -25.78
C GLU B 215 71.26 -9.82 -24.79
N ASN B 216 71.60 -8.59 -25.17
CA ASN B 216 71.37 -7.44 -24.30
C ASN B 216 69.92 -7.34 -23.84
N ARG B 217 68.98 -7.42 -24.78
CA ARG B 217 67.56 -7.34 -24.45
C ARG B 217 67.12 -8.49 -23.54
N THR B 218 67.61 -9.67 -23.85
CA THR B 218 67.28 -10.87 -23.09
C THR B 218 67.66 -10.79 -21.62
N MET B 219 68.77 -10.14 -21.31
CA MET B 219 69.20 -10.05 -19.91
C MET B 219 68.41 -9.01 -19.11
N THR B 220 67.47 -8.34 -19.76
CA THR B 220 66.65 -7.36 -19.06
C THR B 220 65.22 -7.85 -18.90
N ILE B 221 65.00 -9.15 -19.12
CA ILE B 221 63.67 -9.73 -18.96
C ILE B 221 63.50 -10.14 -17.50
N HIS B 222 62.37 -9.75 -16.90
CA HIS B 222 62.10 -10.05 -15.50
C HIS B 222 61.35 -11.35 -15.28
N ASN B 223 60.47 -11.68 -16.21
CA ASN B 223 59.69 -12.90 -16.10
C ASN B 223 60.57 -14.09 -15.71
N GLY B 224 60.25 -14.72 -14.59
CA GLY B 224 61.03 -15.86 -14.15
C GLY B 224 62.16 -15.53 -13.19
N MET B 225 62.50 -14.25 -13.07
CA MET B 225 63.59 -13.85 -12.18
C MET B 225 63.27 -14.01 -10.69
N PHE B 226 64.33 -14.08 -9.89
CA PHE B 226 64.17 -14.17 -8.43
C PHE B 226 64.26 -12.73 -7.89
N PHE B 227 63.94 -12.56 -6.61
CA PHE B 227 63.95 -11.25 -5.98
C PHE B 227 65.28 -10.95 -5.27
N SER B 228 65.75 -9.71 -5.39
CA SER B 228 66.99 -9.32 -4.74
C SER B 228 66.88 -8.00 -3.98
N THR B 229 67.72 -7.87 -2.97
CA THR B 229 67.79 -6.67 -2.16
C THR B 229 69.28 -6.46 -1.97
N TYR B 230 69.70 -5.22 -1.76
CA TYR B 230 71.12 -4.93 -1.65
C TYR B 230 71.91 -5.79 -0.67
N ASP B 231 71.21 -6.57 0.16
CA ASP B 231 71.91 -7.44 1.11
C ASP B 231 71.61 -8.91 0.85
N ARG B 232 71.04 -9.20 -0.32
CA ARG B 232 70.68 -10.57 -0.69
C ARG B 232 70.66 -10.70 -2.21
N ASP B 233 71.79 -11.11 -2.76
CA ASP B 233 71.94 -11.24 -4.21
C ASP B 233 71.38 -12.53 -4.82
N ASN B 234 70.35 -12.38 -5.67
CA ASN B 234 69.71 -13.50 -6.36
C ASN B 234 69.47 -13.08 -7.81
N ASP B 235 70.27 -12.12 -8.29
CA ASP B 235 70.14 -11.63 -9.66
C ASP B 235 70.81 -12.54 -10.68
N GLY B 236 70.48 -12.30 -11.95
CA GLY B 236 71.08 -13.07 -13.03
C GLY B 236 72.33 -12.40 -13.54
N TRP B 237 73.24 -12.07 -12.62
CA TRP B 237 74.49 -11.42 -12.94
C TRP B 237 75.60 -12.09 -12.13
N LEU B 238 76.36 -12.96 -12.82
CA LEU B 238 77.45 -13.70 -12.20
C LEU B 238 78.72 -12.84 -12.15
N THR B 239 79.15 -12.51 -10.95
CA THR B 239 80.35 -11.70 -10.78
C THR B 239 81.09 -12.08 -9.50
N SER B 240 82.25 -11.46 -9.28
CA SER B 240 83.06 -11.74 -8.10
C SER B 240 83.15 -10.50 -7.23
N ASP B 241 83.05 -9.34 -7.89
CA ASP B 241 83.11 -8.05 -7.21
C ASP B 241 81.82 -7.83 -6.43
N PRO B 242 81.90 -7.84 -5.09
CA PRO B 242 80.72 -7.64 -4.25
C PRO B 242 79.92 -6.37 -4.53
N ARG B 243 80.43 -5.51 -5.39
CA ARG B 243 79.73 -4.26 -5.70
C ARG B 243 78.97 -4.32 -7.02
N LYS B 244 79.15 -5.41 -7.77
CA LYS B 244 78.47 -5.54 -9.06
C LYS B 244 77.16 -6.28 -8.91
N GLN B 245 76.28 -5.78 -8.04
CA GLN B 245 74.98 -6.37 -7.79
C GLN B 245 73.87 -5.42 -8.22
N CYS B 246 72.95 -5.90 -9.06
CA CYS B 246 71.84 -5.07 -9.55
C CYS B 246 71.15 -4.25 -8.47
N SER B 247 70.77 -4.90 -7.38
CA SER B 247 70.09 -4.22 -6.28
C SER B 247 70.92 -3.10 -5.69
N LYS B 248 72.23 -3.30 -5.59
CA LYS B 248 73.12 -2.28 -5.05
C LYS B 248 73.23 -1.07 -5.97
N GLU B 249 73.42 -1.31 -7.26
CA GLU B 249 73.57 -0.22 -8.20
C GLU B 249 72.29 0.50 -8.58
N ASP B 250 71.21 -0.24 -8.79
CA ASP B 250 69.96 0.40 -9.15
C ASP B 250 69.03 0.68 -7.96
N GLY B 251 69.61 0.59 -6.77
CA GLY B 251 68.95 0.86 -5.50
C GLY B 251 67.48 0.56 -5.26
N GLY B 252 67.15 -0.72 -5.08
CA GLY B 252 65.78 -1.10 -4.84
C GLY B 252 65.62 -2.61 -4.80
N GLY B 253 64.55 -3.08 -4.16
CA GLY B 253 64.31 -4.52 -4.10
C GLY B 253 63.46 -4.83 -5.31
N TRP B 254 63.91 -5.75 -6.15
CA TRP B 254 63.15 -6.08 -7.36
C TRP B 254 63.51 -7.48 -7.86
N TRP B 255 62.90 -7.85 -8.98
CA TRP B 255 63.18 -9.13 -9.61
C TRP B 255 64.18 -8.78 -10.73
N TYR B 256 65.39 -8.44 -10.30
CA TYR B 256 66.46 -8.06 -11.20
C TYR B 256 67.04 -9.24 -11.97
N ASN B 257 67.43 -8.95 -13.20
CA ASN B 257 68.01 -9.96 -14.05
C ASN B 257 69.47 -9.54 -14.22
N ARG B 258 69.71 -8.73 -15.25
CA ARG B 258 71.05 -8.25 -15.54
C ARG B 258 71.02 -6.99 -16.45
N CYS B 259 70.39 -5.91 -15.99
CA CYS B 259 69.74 -5.84 -14.69
C CYS B 259 68.24 -5.64 -14.77
N HIS B 260 67.79 -4.70 -15.60
CA HIS B 260 66.35 -4.47 -15.68
C HIS B 260 65.91 -3.72 -16.92
N ALA B 261 64.60 -3.79 -17.17
CA ALA B 261 63.96 -3.08 -18.25
C ALA B 261 62.99 -2.17 -17.49
N ALA B 262 62.65 -2.59 -16.29
CA ALA B 262 61.74 -1.85 -15.41
C ALA B 262 62.26 -1.86 -13.98
N ASN B 263 62.36 -0.66 -13.40
CA ASN B 263 62.86 -0.51 -12.03
C ASN B 263 61.81 0.33 -11.26
N PRO B 264 60.63 -0.26 -10.99
CA PRO B 264 59.51 0.37 -10.28
C PRO B 264 59.82 0.77 -8.84
N ASN B 265 60.75 0.08 -8.20
CA ASN B 265 61.10 0.41 -6.83
C ASN B 265 62.40 1.20 -6.78
N GLY B 266 62.75 1.84 -7.89
CA GLY B 266 63.96 2.62 -7.95
C GLY B 266 63.86 3.92 -7.16
N ARG B 267 64.85 4.78 -7.35
CA ARG B 267 64.92 6.08 -6.67
C ARG B 267 64.03 7.10 -7.38
N TYR B 268 63.26 7.85 -6.60
CA TYR B 268 62.32 8.84 -7.11
C TYR B 268 62.95 10.20 -7.50
N TYR B 269 63.41 10.32 -8.75
CA TYR B 269 64.02 11.57 -9.23
C TYR B 269 62.98 12.65 -9.44
N TRP B 270 63.12 13.79 -8.75
CA TRP B 270 62.15 14.86 -8.92
C TRP B 270 62.34 15.50 -10.29
N GLY B 271 61.24 15.81 -10.95
CA GLY B 271 61.31 16.42 -12.26
C GLY B 271 61.17 15.43 -13.39
N GLY B 272 61.80 14.27 -13.25
CA GLY B 272 61.70 13.25 -14.28
C GLY B 272 63.00 12.90 -14.98
N GLN B 273 63.56 13.87 -15.70
CA GLN B 273 64.80 13.69 -16.43
C GLN B 273 66.00 13.58 -15.50
N TYR B 274 66.84 12.59 -15.71
CA TYR B 274 68.06 12.47 -14.92
C TYR B 274 69.16 11.88 -15.79
N THR B 275 70.40 11.93 -15.30
CA THR B 275 71.54 11.45 -16.08
C THR B 275 72.52 10.60 -15.27
N TRP B 276 73.38 9.89 -16.00
CA TRP B 276 74.37 9.00 -15.40
C TRP B 276 75.25 9.65 -14.35
N ASP B 277 75.43 10.96 -14.43
CA ASP B 277 76.29 11.64 -13.46
C ASP B 277 75.58 12.04 -12.18
N MET B 278 74.27 11.87 -12.14
CA MET B 278 73.49 12.20 -10.94
C MET B 278 73.27 10.94 -10.12
N ALA B 279 73.30 9.80 -10.80
CA ALA B 279 73.10 8.50 -10.16
C ALA B 279 74.26 8.10 -9.26
N LYS B 280 73.94 7.69 -8.04
CA LYS B 280 74.94 7.29 -7.07
C LYS B 280 75.98 6.30 -7.60
N HIS B 281 75.59 5.46 -8.55
CA HIS B 281 76.51 4.49 -9.11
C HIS B 281 76.63 4.60 -10.61
N GLY B 282 76.07 5.68 -11.16
CA GLY B 282 76.15 5.89 -12.59
C GLY B 282 75.20 5.03 -13.39
N THR B 283 74.37 4.24 -12.73
CA THR B 283 73.43 3.42 -13.45
C THR B 283 72.03 4.05 -13.41
N ASP B 284 71.20 3.66 -14.37
CA ASP B 284 69.83 4.15 -14.48
C ASP B 284 68.99 3.57 -13.34
N ASP B 285 69.21 4.09 -12.13
CA ASP B 285 68.56 3.64 -10.91
C ASP B 285 67.25 4.32 -10.54
N GLY B 286 66.55 4.91 -11.52
CA GLY B 286 65.32 5.59 -11.18
C GLY B 286 64.06 4.75 -11.30
N VAL B 287 62.90 5.41 -11.18
CA VAL B 287 61.61 4.75 -11.30
C VAL B 287 61.42 4.63 -12.81
N VAL B 288 62.15 3.66 -13.38
CA VAL B 288 62.19 3.44 -14.82
C VAL B 288 61.30 2.36 -15.43
N TRP B 289 60.99 2.57 -16.71
CA TRP B 289 60.22 1.62 -17.51
C TRP B 289 60.70 1.92 -18.92
N MET B 290 61.87 1.38 -19.24
CA MET B 290 62.53 1.59 -20.53
C MET B 290 61.65 1.54 -21.76
N ASN B 291 60.85 0.50 -21.90
CA ASN B 291 59.98 0.37 -23.06
C ASN B 291 59.10 1.56 -23.36
N TRP B 292 59.07 2.54 -22.46
CA TRP B 292 58.24 3.72 -22.70
C TRP B 292 59.00 5.04 -22.75
N LYS B 293 59.91 5.25 -21.80
CA LYS B 293 60.68 6.50 -21.72
C LYS B 293 62.20 6.33 -21.66
N GLY B 294 62.68 5.11 -21.88
CA GLY B 294 64.12 4.90 -21.82
C GLY B 294 64.60 4.67 -20.39
N SER B 295 65.91 4.68 -20.17
CA SER B 295 66.40 4.44 -18.82
C SER B 295 66.71 5.69 -18.01
N TRP B 296 66.62 6.87 -18.62
CA TRP B 296 66.93 8.10 -17.92
C TRP B 296 65.75 9.03 -17.62
N TYR B 297 64.60 8.42 -17.40
CA TYR B 297 63.40 9.17 -17.07
C TYR B 297 62.72 8.47 -15.89
N SER B 298 62.54 9.20 -14.80
CA SER B 298 61.90 8.63 -13.61
C SER B 298 60.44 9.09 -13.53
N MET B 299 59.53 8.12 -13.54
CA MET B 299 58.10 8.41 -13.50
C MET B 299 57.67 9.25 -12.29
N ARG B 300 56.57 9.97 -12.43
CA ARG B 300 56.09 10.76 -11.30
C ARG B 300 55.14 9.87 -10.49
N LYS B 301 54.44 8.98 -11.21
CA LYS B 301 53.53 8.03 -10.59
C LYS B 301 53.80 6.63 -11.14
N MET B 302 53.79 5.63 -10.27
CA MET B 302 54.02 4.23 -10.64
C MET B 302 53.34 3.36 -9.58
N SER B 303 52.65 2.31 -10.00
CA SER B 303 51.97 1.44 -9.06
C SER B 303 51.71 0.03 -9.60
N MET B 304 51.47 -0.90 -8.68
CA MET B 304 51.18 -2.29 -9.02
C MET B 304 49.91 -2.72 -8.29
N LYS B 305 48.98 -3.32 -9.01
CA LYS B 305 47.71 -3.74 -8.44
C LYS B 305 47.32 -5.14 -8.89
N ILE B 306 46.77 -5.95 -7.98
CA ILE B 306 46.35 -7.29 -8.35
C ILE B 306 44.87 -7.51 -8.09
N ARG B 307 44.29 -8.45 -8.84
CA ARG B 307 42.88 -8.78 -8.69
C ARG B 307 42.63 -10.20 -9.17
N PRO B 308 41.72 -10.93 -8.50
CA PRO B 308 41.44 -12.29 -8.92
C PRO B 308 41.07 -12.27 -10.40
N PHE B 309 41.60 -13.22 -11.16
CA PHE B 309 41.31 -13.27 -12.58
C PHE B 309 40.13 -14.15 -12.93
N PHE B 310 39.06 -13.51 -13.39
CA PHE B 310 37.85 -14.21 -13.78
C PHE B 310 37.83 -14.35 -15.30
N PRO B 311 38.23 -15.51 -15.82
CA PRO B 311 38.25 -15.73 -17.27
C PRO B 311 36.88 -15.43 -17.90
N TYR C 1 96.19 39.07 -10.58
CA TYR C 1 96.54 39.92 -11.75
C TYR C 1 97.61 39.24 -12.61
N GLU C 2 98.71 38.87 -11.96
CA GLU C 2 99.84 38.22 -12.59
C GLU C 2 100.95 38.13 -11.53
N ALA C 3 100.78 37.24 -10.57
CA ALA C 3 101.75 37.05 -9.49
C ALA C 3 103.08 36.49 -10.01
N SER C 4 104.05 36.36 -9.11
CA SER C 4 105.37 35.83 -9.49
C SER C 4 105.44 34.32 -9.32
N ILE C 5 106.39 33.69 -10.01
CA ILE C 5 106.58 32.24 -9.93
C ILE C 5 106.79 31.84 -8.47
N LEU C 6 107.39 32.74 -7.71
CA LEU C 6 107.66 32.51 -6.30
C LEU C 6 106.38 32.32 -5.49
N THR C 7 105.28 32.84 -6.03
CA THR C 7 103.97 32.75 -5.38
C THR C 7 103.30 31.41 -5.69
N HIS C 8 103.54 30.92 -6.90
CA HIS C 8 102.96 29.67 -7.36
C HIS C 8 103.02 28.49 -6.38
N ASP C 9 104.11 28.38 -5.64
CA ASP C 9 104.26 27.29 -4.69
C ASP C 9 103.38 27.47 -3.45
N SER C 10 103.37 28.68 -2.90
CA SER C 10 102.55 28.97 -1.72
C SER C 10 101.09 28.75 -2.06
N SER C 11 100.71 29.19 -3.25
CA SER C 11 99.34 29.06 -3.75
C SER C 11 98.98 27.63 -4.12
N ILE C 12 99.86 26.98 -4.86
CA ILE C 12 99.65 25.60 -5.31
C ILE C 12 99.26 24.70 -4.14
N ARG C 13 99.83 24.96 -2.97
CA ARG C 13 99.53 24.14 -1.80
C ARG C 13 98.24 24.58 -1.13
N TYR C 14 97.87 25.84 -1.30
CA TYR C 14 96.64 26.36 -0.70
C TYR C 14 95.43 25.63 -1.23
N LEU C 15 95.45 25.30 -2.52
CA LEU C 15 94.33 24.61 -3.14
C LEU C 15 94.27 23.16 -2.69
N GLN C 16 95.43 22.50 -2.69
CA GLN C 16 95.51 21.10 -2.29
C GLN C 16 95.03 20.94 -0.86
N GLU C 17 95.24 21.97 -0.04
CA GLU C 17 94.84 21.93 1.35
C GLU C 17 93.33 22.05 1.55
N ILE C 18 92.67 22.92 0.79
CA ILE C 18 91.22 23.05 0.93
C ILE C 18 90.54 21.92 0.16
N TYR C 19 91.23 21.37 -0.83
CA TYR C 19 90.67 20.29 -1.60
C TYR C 19 90.52 19.10 -0.65
N ASN C 20 91.61 18.76 0.02
CA ASN C 20 91.60 17.64 0.96
C ASN C 20 90.64 17.98 2.09
N SER C 21 90.66 19.23 2.52
CA SER C 21 89.78 19.70 3.58
C SER C 21 88.34 19.39 3.16
N ASN C 22 88.03 19.65 1.89
CA ASN C 22 86.71 19.38 1.36
C ASN C 22 86.37 17.88 1.39
N ASN C 23 87.27 17.06 0.84
CA ASN C 23 87.04 15.62 0.82
C ASN C 23 86.74 15.10 2.21
N GLN C 24 87.36 15.70 3.21
CA GLN C 24 87.13 15.26 4.58
C GLN C 24 85.71 15.58 5.01
N LYS C 25 85.33 16.85 4.91
CA LYS C 25 83.99 17.27 5.30
C LYS C 25 82.96 16.36 4.64
N ILE C 26 83.22 15.99 3.39
CA ILE C 26 82.33 15.13 2.63
C ILE C 26 82.24 13.72 3.23
N VAL C 27 83.37 13.15 3.61
CA VAL C 27 83.39 11.83 4.22
C VAL C 27 82.47 11.81 5.42
N ASN C 28 82.51 12.89 6.19
CA ASN C 28 81.66 12.98 7.37
C ASN C 28 80.21 13.28 7.00
N LEU C 29 80.01 14.09 5.97
CA LEU C 29 78.65 14.42 5.55
C LEU C 29 77.96 13.16 5.07
N LYS C 30 78.60 12.44 4.16
CA LYS C 30 78.06 11.20 3.65
C LYS C 30 77.68 10.32 4.83
N GLU C 31 78.55 10.29 5.83
CA GLU C 31 78.28 9.49 7.01
C GLU C 31 77.01 9.97 7.69
N LYS C 32 76.92 11.28 7.90
CA LYS C 32 75.74 11.85 8.53
C LYS C 32 74.48 11.55 7.72
N VAL C 33 74.64 11.48 6.41
CA VAL C 33 73.51 11.17 5.55
C VAL C 33 73.05 9.75 5.88
N ALA C 34 74.00 8.90 6.21
CA ALA C 34 73.70 7.52 6.55
C ALA C 34 72.85 7.49 7.82
N GLN C 35 73.31 8.19 8.86
CA GLN C 35 72.58 8.22 10.13
C GLN C 35 71.17 8.76 9.97
N LEU C 36 70.97 9.64 9.01
CA LEU C 36 69.65 10.22 8.77
C LEU C 36 68.71 9.16 8.24
N ALA C 37 69.19 8.40 7.28
CA ALA C 37 68.41 7.33 6.65
C ALA C 37 67.85 6.37 7.69
N ALA C 38 68.67 6.04 8.69
CA ALA C 38 68.25 5.13 9.74
C ALA C 38 67.08 5.69 10.55
N GLN C 39 66.86 6.98 10.42
CA GLN C 39 65.77 7.64 11.14
C GLN C 39 64.52 7.81 10.29
N CYS C 40 64.62 7.57 8.99
CA CYS C 40 63.47 7.74 8.11
C CYS C 40 62.98 6.43 7.53
N GLN C 41 62.93 5.39 8.37
CA GLN C 41 62.48 4.07 7.92
C GLN C 41 61.06 3.71 8.38
N GLU C 42 60.67 4.13 9.58
CA GLU C 42 59.33 3.81 10.08
C GLU C 42 58.22 4.59 9.38
N PRO C 43 57.02 3.99 9.29
CA PRO C 43 55.88 4.64 8.66
C PRO C 43 55.27 5.62 9.64
N CYS C 44 54.35 6.46 9.17
CA CYS C 44 53.71 7.41 10.07
C CYS C 44 52.95 6.59 11.10
N LYS C 45 52.89 7.11 12.32
CA LYS C 45 52.18 6.42 13.40
C LYS C 45 50.68 6.60 13.27
N ASP C 46 49.96 5.49 13.15
CA ASP C 46 48.50 5.52 13.04
C ASP C 46 47.94 5.63 14.46
N THR C 47 47.06 6.60 14.69
CA THR C 47 46.47 6.78 16.01
C THR C 47 45.57 5.60 16.35
N VAL C 48 44.83 5.10 15.37
CA VAL C 48 43.91 3.99 15.63
C VAL C 48 44.64 2.64 15.64
N GLN C 49 44.36 1.85 16.67
CA GLN C 49 44.96 0.54 16.82
C GLN C 49 43.90 -0.43 17.30
N ILE C 50 44.07 -1.71 16.98
CA ILE C 50 43.11 -2.74 17.39
C ILE C 50 43.72 -3.54 18.52
N HIS C 51 42.93 -3.79 19.57
CA HIS C 51 43.43 -4.55 20.72
C HIS C 51 43.66 -6.04 20.43
N ASP C 52 44.58 -6.65 21.17
CA ASP C 52 44.92 -8.06 20.98
C ASP C 52 43.89 -9.08 21.47
N ILE C 53 43.27 -8.81 22.61
CA ILE C 53 42.30 -9.75 23.15
C ILE C 53 41.11 -9.95 22.23
N THR C 54 40.73 -11.21 22.05
CA THR C 54 39.60 -11.55 21.19
C THR C 54 38.66 -12.51 21.95
N GLY C 55 37.50 -12.80 21.37
CA GLY C 55 36.54 -13.69 22.01
C GLY C 55 35.28 -13.93 21.18
N LYS C 56 34.28 -14.56 21.78
CA LYS C 56 33.02 -14.84 21.08
C LYS C 56 32.22 -13.55 20.86
N ASP C 57 32.35 -12.61 21.79
CA ASP C 57 31.68 -11.32 21.69
C ASP C 57 32.34 -10.37 22.69
N CYS C 58 31.91 -9.12 22.69
CA CYS C 58 32.52 -8.16 23.59
C CYS C 58 32.47 -8.53 25.07
N GLN C 59 31.36 -9.09 25.53
CA GLN C 59 31.23 -9.48 26.93
C GLN C 59 32.28 -10.52 27.28
N ASP C 60 32.50 -11.47 26.36
CA ASP C 60 33.48 -12.53 26.54
C ASP C 60 34.87 -11.93 26.70
N ILE C 61 35.16 -10.91 25.89
CA ILE C 61 36.44 -10.21 25.94
C ILE C 61 36.57 -9.46 27.26
N ALA C 62 35.51 -8.78 27.67
CA ALA C 62 35.54 -8.06 28.93
C ALA C 62 35.87 -9.06 30.02
N ASN C 63 35.27 -10.24 29.95
CA ASN C 63 35.55 -11.27 30.96
C ASN C 63 37.01 -11.69 30.95
N LYS C 64 37.66 -11.58 29.81
CA LYS C 64 39.06 -11.98 29.70
C LYS C 64 40.00 -10.90 30.20
N GLY C 65 39.45 -9.79 30.70
CA GLY C 65 40.31 -8.74 31.21
C GLY C 65 40.24 -7.35 30.62
N ALA C 66 39.99 -7.23 29.32
CA ALA C 66 39.91 -5.92 28.66
C ALA C 66 39.14 -4.94 29.52
N LYS C 67 39.55 -3.67 29.50
CA LYS C 67 38.85 -2.68 30.31
C LYS C 67 38.41 -1.44 29.57
N GLN C 68 39.05 -1.14 28.45
CA GLN C 68 38.68 0.07 27.72
C GLN C 68 37.97 -0.16 26.39
N SER C 69 37.02 0.73 26.09
CA SER C 69 36.26 0.68 24.86
C SER C 69 37.19 0.88 23.67
N GLY C 70 37.07 0.02 22.68
CA GLY C 70 37.89 0.14 21.50
C GLY C 70 37.53 -0.86 20.43
N LEU C 71 38.41 -1.00 19.45
CA LEU C 71 38.17 -1.93 18.38
C LEU C 71 38.79 -3.25 18.79
N TYR C 72 38.01 -4.31 18.61
CA TYR C 72 38.47 -5.66 18.93
C TYR C 72 37.98 -6.58 17.84
N PHE C 73 38.58 -7.76 17.75
CA PHE C 73 38.16 -8.76 16.79
C PHE C 73 37.35 -9.78 17.59
N ILE C 74 36.19 -10.18 17.09
CA ILE C 74 35.41 -11.21 17.78
C ILE C 74 35.10 -12.32 16.79
N LYS C 75 34.86 -13.50 17.31
CA LYS C 75 34.53 -14.62 16.45
C LYS C 75 33.50 -15.52 17.11
N PRO C 76 32.21 -15.28 16.80
CA PRO C 76 31.16 -16.11 17.38
C PRO C 76 31.36 -17.55 16.94
N LEU C 77 30.82 -18.49 17.71
CA LEU C 77 30.94 -19.91 17.43
C LEU C 77 30.67 -20.33 15.97
N LYS C 78 29.49 -19.97 15.47
CA LYS C 78 29.12 -20.32 14.11
C LYS C 78 29.79 -19.48 13.03
N ALA C 79 30.50 -18.43 13.45
CA ALA C 79 31.17 -17.55 12.50
C ALA C 79 32.30 -18.28 11.78
N ASN C 80 32.31 -18.19 10.46
CA ASN C 80 33.36 -18.82 9.67
C ASN C 80 34.65 -18.05 9.85
N GLN C 81 34.59 -16.74 9.63
CA GLN C 81 35.74 -15.88 9.77
C GLN C 81 35.46 -14.91 10.94
N GLN C 82 36.51 -14.31 11.48
CA GLN C 82 36.36 -13.36 12.58
C GLN C 82 36.15 -11.99 11.97
N PHE C 83 35.63 -11.04 12.74
CA PHE C 83 35.43 -9.70 12.22
C PHE C 83 35.64 -8.62 13.28
N LEU C 84 35.96 -7.42 12.84
CA LEU C 84 36.21 -6.31 13.74
C LEU C 84 34.93 -5.66 14.23
N VAL C 85 34.90 -5.31 15.52
CA VAL C 85 33.74 -4.65 16.09
C VAL C 85 34.19 -3.60 17.08
N TYR C 86 33.23 -2.81 17.54
CA TYR C 86 33.50 -1.79 18.53
C TYR C 86 32.87 -2.26 19.84
N CYS C 87 33.68 -2.40 20.88
CA CYS C 87 33.20 -2.83 22.17
C CYS C 87 33.13 -1.66 23.14
N GLU C 88 32.03 -1.58 23.87
CA GLU C 88 31.88 -0.52 24.87
C GLU C 88 32.06 -1.27 26.18
N ILE C 89 33.01 -0.82 27.00
CA ILE C 89 33.24 -1.49 28.28
C ILE C 89 33.16 -0.51 29.43
N ASP C 90 32.24 -0.77 30.37
CA ASP C 90 32.06 0.11 31.52
C ASP C 90 32.80 -0.37 32.75
N GLY C 91 32.73 0.43 33.82
CA GLY C 91 33.40 0.11 35.05
C GLY C 91 32.87 -1.14 35.75
N SER C 92 31.61 -1.47 35.49
CA SER C 92 31.00 -2.64 36.11
C SER C 92 31.51 -3.94 35.49
N GLY C 93 32.17 -3.84 34.34
CA GLY C 93 32.67 -5.04 33.70
C GLY C 93 31.76 -5.53 32.59
N ASN C 94 30.86 -4.66 32.14
CA ASN C 94 29.93 -5.01 31.08
C ASN C 94 30.50 -4.71 29.71
N GLY C 95 30.39 -5.67 28.81
CA GLY C 95 30.89 -5.50 27.46
C GLY C 95 29.79 -5.57 26.42
N TRP C 96 29.40 -4.40 25.90
CA TRP C 96 28.37 -4.31 24.87
C TRP C 96 29.00 -4.38 23.50
N THR C 97 28.32 -5.03 22.55
CA THR C 97 28.81 -5.10 21.19
C THR C 97 27.88 -4.15 20.42
N VAL C 98 28.40 -3.01 20.00
CA VAL C 98 27.61 -2.01 19.27
C VAL C 98 27.47 -2.34 17.78
N PHE C 99 26.24 -2.32 17.26
CA PHE C 99 26.05 -2.62 15.85
C PHE C 99 25.45 -1.50 15.01
N GLN C 100 25.09 -0.38 15.65
CA GLN C 100 24.52 0.74 14.92
C GLN C 100 24.90 2.06 15.58
N LYS C 101 25.26 3.05 14.78
CA LYS C 101 25.64 4.34 15.34
C LYS C 101 25.31 5.53 14.44
N ARG C 102 24.73 6.56 15.04
CA ARG C 102 24.41 7.79 14.31
C ARG C 102 24.89 8.93 15.21
N LEU C 103 25.40 10.00 14.61
CA LEU C 103 25.86 11.13 15.40
C LEU C 103 26.19 12.39 14.61
N ASP C 104 26.18 12.31 13.29
CA ASP C 104 26.48 13.49 12.47
C ASP C 104 25.89 13.52 11.07
N GLY C 105 25.48 12.37 10.56
CA GLY C 105 24.91 12.32 9.23
C GLY C 105 25.96 12.22 8.14
N SER C 106 27.16 11.80 8.52
CA SER C 106 28.27 11.66 7.59
C SER C 106 28.17 10.40 6.74
N VAL C 107 27.37 9.43 7.19
CA VAL C 107 27.23 8.19 6.45
C VAL C 107 25.85 8.04 5.82
N ASP C 108 25.84 7.85 4.52
CA ASP C 108 24.58 7.67 3.79
C ASP C 108 24.04 6.31 4.24
N PHE C 109 22.79 6.27 4.70
CA PHE C 109 22.22 5.01 5.11
C PHE C 109 21.26 4.44 4.08
N LYS C 110 21.23 5.05 2.91
CA LYS C 110 20.38 4.59 1.84
C LYS C 110 21.24 3.59 1.07
N LYS C 111 21.34 2.38 1.59
CA LYS C 111 22.14 1.31 0.99
C LYS C 111 21.28 0.12 0.56
N ASN C 112 21.88 -0.85 -0.14
CA ASN C 112 21.12 -2.01 -0.57
C ASN C 112 21.18 -3.20 0.38
N TRP C 113 20.64 -4.32 -0.09
CA TRP C 113 20.59 -5.54 0.71
C TRP C 113 21.97 -6.07 1.10
N ILE C 114 22.84 -6.23 0.11
CA ILE C 114 24.17 -6.74 0.39
C ILE C 114 24.90 -5.79 1.34
N GLN C 115 24.79 -4.50 1.09
CA GLN C 115 25.47 -3.54 1.95
C GLN C 115 24.97 -3.62 3.39
N TYR C 116 23.67 -3.78 3.58
CA TYR C 116 23.13 -3.92 4.94
C TYR C 116 23.48 -5.28 5.50
N LYS C 117 23.72 -6.25 4.63
CA LYS C 117 24.09 -7.61 5.06
C LYS C 117 25.54 -7.67 5.51
N GLU C 118 26.42 -7.06 4.73
CA GLU C 118 27.85 -7.07 5.02
C GLU C 118 28.32 -5.92 5.92
N GLY C 119 27.52 -4.86 6.01
CA GLY C 119 27.89 -3.73 6.85
C GLY C 119 28.56 -2.58 6.12
N PHE C 120 28.44 -1.37 6.66
CA PHE C 120 29.05 -0.18 6.06
C PHE C 120 29.31 0.87 7.12
N GLY C 121 30.12 1.86 6.76
CA GLY C 121 30.48 2.92 7.71
C GLY C 121 31.88 2.64 8.21
N HIS C 122 32.28 3.30 9.30
CA HIS C 122 33.62 3.09 9.85
C HIS C 122 33.64 2.85 11.34
N LEU C 123 34.62 2.05 11.77
CA LEU C 123 34.78 1.74 13.18
C LEU C 123 35.93 2.60 13.71
N SER C 124 35.70 3.27 14.83
CA SER C 124 36.72 4.12 15.43
C SER C 124 36.93 3.72 16.88
N PRO C 125 38.17 3.86 17.38
CA PRO C 125 38.49 3.51 18.76
C PRO C 125 37.77 4.43 19.75
N THR C 126 37.51 5.64 19.32
CA THR C 126 36.85 6.62 20.16
C THR C 126 35.32 6.51 20.09
N GLY C 127 34.85 5.66 19.18
CA GLY C 127 33.41 5.47 19.01
C GLY C 127 32.79 6.78 18.61
N THR C 128 33.36 7.42 17.59
CA THR C 128 32.86 8.70 17.12
C THR C 128 32.52 8.67 15.63
N THR C 129 32.23 7.48 15.13
CA THR C 129 31.88 7.32 13.71
C THR C 129 30.55 6.58 13.56
N GLU C 130 29.90 6.85 12.43
CA GLU C 130 28.61 6.22 12.13
C GLU C 130 28.80 4.91 11.37
N PHE C 131 27.98 3.91 11.68
CA PHE C 131 28.11 2.63 10.99
C PHE C 131 26.96 1.67 11.25
N TRP C 132 26.94 0.63 10.43
CA TRP C 132 25.98 -0.46 10.55
C TRP C 132 26.89 -1.67 10.42
N LEU C 133 26.99 -2.45 11.49
CA LEU C 133 27.85 -3.61 11.53
C LEU C 133 27.59 -4.65 10.46
N GLY C 134 26.33 -4.86 10.11
CA GLY C 134 25.97 -5.86 9.12
C GLY C 134 25.06 -6.97 9.66
N ASN C 135 23.92 -7.16 9.01
CA ASN C 135 22.94 -8.16 9.40
C ASN C 135 23.48 -9.55 9.71
N GLU C 136 24.35 -10.08 8.85
CA GLU C 136 24.90 -11.42 9.08
C GLU C 136 25.66 -11.47 10.41
N LYS C 137 26.47 -10.45 10.69
CA LYS C 137 27.22 -10.41 11.94
C LYS C 137 26.28 -10.33 13.13
N ILE C 138 25.27 -9.47 13.02
CA ILE C 138 24.31 -9.31 14.09
C ILE C 138 23.64 -10.65 14.33
N HIS C 139 23.29 -11.34 13.25
CA HIS C 139 22.64 -12.63 13.36
C HIS C 139 23.54 -13.60 14.10
N LEU C 140 24.80 -13.64 13.69
CA LEU C 140 25.78 -14.53 14.30
C LEU C 140 26.00 -14.27 15.79
N ILE C 141 26.07 -13.01 16.18
CA ILE C 141 26.30 -12.66 17.58
C ILE C 141 25.11 -12.97 18.47
N SER C 142 23.91 -12.68 17.96
CA SER C 142 22.68 -12.84 18.72
C SER C 142 22.11 -14.26 18.77
N THR C 143 22.67 -15.19 18.02
CA THR C 143 22.14 -16.54 18.05
C THR C 143 23.12 -17.62 18.45
N GLN C 144 24.07 -17.27 19.32
CA GLN C 144 25.04 -18.25 19.80
C GLN C 144 24.29 -19.22 20.71
N SER C 145 24.62 -20.50 20.62
CA SER C 145 23.94 -21.52 21.43
C SER C 145 23.73 -21.10 22.89
N ALA C 146 22.52 -21.36 23.38
CA ALA C 146 22.12 -21.08 24.77
C ALA C 146 22.64 -19.78 25.38
N ILE C 147 22.65 -18.71 24.61
CA ILE C 147 23.10 -17.44 25.15
C ILE C 147 22.07 -16.37 24.85
N PRO C 148 21.09 -16.22 25.75
CA PRO C 148 20.05 -15.20 25.56
C PRO C 148 20.69 -13.82 25.56
N TYR C 149 20.36 -13.02 24.55
CA TYR C 149 20.92 -11.68 24.42
C TYR C 149 19.91 -10.58 24.71
N ALA C 150 20.43 -9.38 24.94
CA ALA C 150 19.59 -8.23 25.22
C ALA C 150 20.02 -7.06 24.34
N LEU C 151 19.07 -6.20 23.97
CA LEU C 151 19.36 -5.04 23.13
C LEU C 151 19.03 -3.73 23.81
N ARG C 152 19.93 -2.76 23.70
CA ARG C 152 19.66 -1.46 24.27
C ARG C 152 19.78 -0.39 23.20
N VAL C 153 18.76 0.45 23.15
CA VAL C 153 18.73 1.55 22.21
C VAL C 153 18.99 2.83 22.98
N GLU C 154 19.89 3.65 22.47
CA GLU C 154 20.25 4.91 23.10
C GLU C 154 19.96 6.06 22.16
N LEU C 155 19.19 7.04 22.65
CA LEU C 155 18.86 8.19 21.84
C LEU C 155 19.33 9.47 22.51
N GLU C 156 19.54 10.50 21.71
CA GLU C 156 19.95 11.81 22.20
C GLU C 156 19.36 12.84 21.25
N ASP C 157 18.74 13.87 21.84
CA ASP C 157 18.14 14.93 21.05
C ASP C 157 19.19 16.02 20.87
N TRP C 158 18.77 17.12 20.26
CA TRP C 158 19.67 18.24 20.03
C TRP C 158 19.69 19.20 21.22
N ASN C 159 19.40 18.65 22.39
CA ASN C 159 19.38 19.45 23.62
C ASN C 159 20.07 18.70 24.75
N GLY C 160 20.87 17.70 24.39
CA GLY C 160 21.60 16.93 25.39
C GLY C 160 20.79 15.93 26.21
N ARG C 161 19.52 15.75 25.88
CA ARG C 161 18.71 14.79 26.63
C ARG C 161 18.85 13.41 25.98
N THR C 162 19.15 12.40 26.79
CA THR C 162 19.28 11.03 26.28
C THR C 162 18.26 10.11 26.94
N SER C 163 17.74 9.16 26.15
CA SER C 163 16.76 8.21 26.65
C SER C 163 17.15 6.79 26.24
N THR C 164 16.57 5.80 26.91
CA THR C 164 16.87 4.39 26.66
C THR C 164 15.65 3.51 26.39
N ALA C 165 15.89 2.38 25.74
CA ALA C 165 14.84 1.40 25.44
C ALA C 165 15.50 0.04 25.40
N ASP C 166 15.13 -0.85 26.32
CA ASP C 166 15.73 -2.17 26.36
C ASP C 166 14.75 -3.25 25.92
N TYR C 167 15.27 -4.31 25.29
CA TYR C 167 14.44 -5.41 24.83
C TYR C 167 15.14 -6.71 25.16
N ALA C 168 14.47 -7.55 25.95
CA ALA C 168 15.03 -8.83 26.35
C ALA C 168 14.86 -9.89 25.27
N MET C 169 15.77 -10.85 25.26
CA MET C 169 15.75 -11.94 24.28
C MET C 169 15.80 -11.41 22.83
N PHE C 170 16.63 -10.40 22.61
CA PHE C 170 16.81 -9.82 21.28
C PHE C 170 17.40 -10.88 20.39
N LYS C 171 16.95 -10.93 19.15
CA LYS C 171 17.48 -11.92 18.25
C LYS C 171 17.24 -11.48 16.81
N VAL C 172 18.12 -11.93 15.93
CA VAL C 172 18.01 -11.61 14.51
C VAL C 172 18.30 -12.91 13.80
N GLY C 173 17.35 -13.35 12.97
CA GLY C 173 17.51 -14.60 12.26
C GLY C 173 18.47 -14.58 11.09
N PRO C 174 18.58 -15.70 10.35
CA PRO C 174 19.45 -15.89 9.20
C PRO C 174 18.90 -15.23 7.94
N GLU C 175 19.76 -15.12 6.92
CA GLU C 175 19.36 -14.53 5.66
C GLU C 175 18.19 -15.30 5.06
N ALA C 176 18.13 -16.60 5.32
CA ALA C 176 17.06 -17.45 4.80
C ALA C 176 15.68 -16.95 5.25
N ASP C 177 15.63 -16.24 6.38
CA ASP C 177 14.36 -15.72 6.90
C ASP C 177 14.43 -14.19 6.90
N LYS C 178 15.20 -13.65 5.96
CA LYS C 178 15.36 -12.21 5.81
C LYS C 178 15.73 -11.45 7.10
N TYR C 179 16.63 -12.04 7.89
CA TYR C 179 17.11 -11.42 9.13
C TYR C 179 15.99 -10.88 10.01
N ARG C 180 14.94 -11.68 10.16
CA ARG C 180 13.77 -11.30 10.97
C ARG C 180 14.15 -10.88 12.38
N LEU C 181 13.52 -9.82 12.86
CA LEU C 181 13.76 -9.29 14.19
C LEU C 181 12.73 -9.83 15.18
N THR C 182 13.20 -10.24 16.36
CA THR C 182 12.31 -10.74 17.39
C THR C 182 12.88 -10.51 18.79
N TYR C 183 12.00 -10.48 19.77
CA TYR C 183 12.38 -10.30 21.17
C TYR C 183 11.25 -10.81 22.06
N ALA C 184 11.59 -11.16 23.30
CA ALA C 184 10.61 -11.66 24.25
C ALA C 184 9.72 -10.53 24.76
N TYR C 185 10.31 -9.40 25.15
CA TYR C 185 9.53 -8.27 25.66
C TYR C 185 10.31 -6.99 25.87
N PHE C 186 9.58 -5.88 25.95
CA PHE C 186 10.15 -4.56 26.19
C PHE C 186 10.66 -4.65 27.61
N ALA C 187 11.96 -4.44 27.81
CA ALA C 187 12.55 -4.54 29.13
C ALA C 187 12.46 -3.24 29.92
N GLY C 188 11.76 -2.25 29.37
CA GLY C 188 11.61 -0.98 30.05
C GLY C 188 12.61 0.06 29.58
N GLY C 189 12.32 1.33 29.82
CA GLY C 189 13.21 2.39 29.40
C GLY C 189 12.48 3.70 29.12
N ASP C 190 13.03 4.79 29.62
CA ASP C 190 12.42 6.11 29.47
C ASP C 190 12.29 6.65 28.04
N ALA C 191 12.70 5.86 27.05
CA ALA C 191 12.58 6.29 25.67
C ALA C 191 11.27 5.76 25.09
N GLY C 192 10.69 4.78 25.78
CA GLY C 192 9.43 4.21 25.32
C GLY C 192 9.58 3.03 24.39
N ASP C 193 8.53 2.23 24.27
CA ASP C 193 8.54 1.05 23.42
C ASP C 193 8.00 1.34 22.01
N ALA C 194 8.90 1.76 21.12
CA ALA C 194 8.48 2.07 19.76
C ALA C 194 8.30 0.79 18.94
N PHE C 195 9.00 -0.28 19.35
CA PHE C 195 8.91 -1.55 18.65
C PHE C 195 7.54 -2.18 18.81
N ASP C 196 6.76 -1.67 19.74
CA ASP C 196 5.43 -2.21 19.99
C ASP C 196 4.37 -1.54 19.12
N GLY C 197 4.79 -0.56 18.32
CA GLY C 197 3.86 0.14 17.47
C GLY C 197 3.46 1.43 18.16
N PHE C 198 2.79 2.32 17.42
CA PHE C 198 2.38 3.60 17.97
C PHE C 198 1.11 4.12 17.31
N ASP C 199 0.09 4.39 18.13
CA ASP C 199 -1.16 4.90 17.60
C ASP C 199 -0.95 6.32 17.10
N PHE C 200 -1.06 6.50 15.79
CA PHE C 200 -0.88 7.83 15.21
C PHE C 200 -2.26 8.46 15.03
N GLY C 201 -3.29 7.72 15.42
CA GLY C 201 -4.66 8.20 15.33
C GLY C 201 -5.08 8.58 13.92
N ASP C 202 -4.54 7.88 12.94
CA ASP C 202 -4.89 8.16 11.56
C ASP C 202 -5.59 6.95 10.94
N ASP C 203 -5.77 5.92 11.76
CA ASP C 203 -6.44 4.68 11.35
C ASP C 203 -6.62 3.80 12.58
N PRO C 204 -7.40 2.71 12.47
CA PRO C 204 -7.65 1.81 13.59
C PRO C 204 -6.49 0.84 13.80
N SER C 205 -5.89 0.42 12.70
CA SER C 205 -4.79 -0.53 12.72
C SER C 205 -3.41 0.10 12.65
N ASP C 206 -3.33 1.40 12.97
CA ASP C 206 -2.06 2.10 12.97
C ASP C 206 -1.05 1.34 13.79
N LYS C 207 -1.34 1.21 15.08
CA LYS C 207 -0.48 0.50 16.02
C LYS C 207 0.05 -0.80 15.42
N PHE C 208 -0.87 -1.66 14.99
CA PHE C 208 -0.51 -2.95 14.41
C PHE C 208 0.48 -2.83 13.27
N PHE C 209 0.29 -1.84 12.41
CA PHE C 209 1.18 -1.67 11.27
C PHE C 209 2.43 -0.84 11.48
N THR C 210 2.69 -0.45 12.73
CA THR C 210 3.88 0.31 13.04
C THR C 210 4.74 -0.47 14.04
N SER C 211 4.30 -1.68 14.38
CA SER C 211 5.03 -2.53 15.32
C SER C 211 6.16 -3.23 14.55
N HIS C 212 7.26 -3.54 15.25
CA HIS C 212 8.39 -4.16 14.58
C HIS C 212 8.74 -5.57 15.01
N ASN C 213 8.17 -6.05 16.11
CA ASN C 213 8.52 -7.40 16.54
C ASN C 213 8.01 -8.44 15.53
N GLY C 214 8.92 -9.28 15.07
CA GLY C 214 8.55 -10.30 14.11
C GLY C 214 8.75 -9.86 12.67
N MET C 215 9.10 -8.60 12.46
CA MET C 215 9.32 -8.07 11.12
C MET C 215 10.64 -8.51 10.49
N GLN C 216 10.61 -8.78 9.18
CA GLN C 216 11.82 -9.17 8.48
C GLN C 216 12.56 -7.87 8.13
N PHE C 217 13.73 -7.99 7.52
CA PHE C 217 14.48 -6.79 7.15
C PHE C 217 14.18 -6.39 5.71
N SER C 218 14.19 -5.08 5.45
CA SER C 218 13.91 -4.59 4.09
C SER C 218 14.84 -3.51 3.60
N THR C 219 15.14 -3.55 2.30
CA THR C 219 15.97 -2.55 1.63
C THR C 219 15.24 -2.25 0.33
N TRP C 220 15.60 -1.17 -0.35
CA TRP C 220 14.89 -0.84 -1.58
C TRP C 220 14.91 -1.97 -2.60
N ASP C 221 16.06 -2.66 -2.70
CA ASP C 221 16.22 -3.75 -3.65
C ASP C 221 15.76 -5.12 -3.13
N ASN C 222 15.11 -5.13 -1.98
CA ASN C 222 14.63 -6.36 -1.40
C ASN C 222 13.50 -6.08 -0.42
N ASP C 223 12.27 -6.02 -0.95
CA ASP C 223 11.05 -5.73 -0.19
C ASP C 223 10.49 -6.93 0.57
N ASN C 224 10.33 -6.77 1.88
CA ASN C 224 9.79 -7.82 2.72
C ASN C 224 8.88 -7.19 3.80
N ASP C 225 8.34 -6.01 3.49
CA ASP C 225 7.47 -5.31 4.44
C ASP C 225 6.00 -5.68 4.27
N LYS C 226 5.18 -5.32 5.25
CA LYS C 226 3.75 -5.60 5.25
C LYS C 226 2.96 -4.48 4.59
N PHE C 227 3.49 -3.94 3.50
CA PHE C 227 2.86 -2.85 2.77
C PHE C 227 2.95 -3.19 1.28
N GLU C 228 1.90 -2.88 0.52
CA GLU C 228 1.93 -3.20 -0.91
C GLU C 228 2.98 -2.36 -1.64
N GLY C 229 3.34 -1.23 -1.05
CA GLY C 229 4.36 -0.39 -1.65
C GLY C 229 5.70 -0.84 -1.11
N ASN C 230 6.69 0.05 -1.14
CA ASN C 230 8.01 -0.32 -0.64
C ASN C 230 8.54 0.68 0.38
N CYS C 231 8.32 0.39 1.65
CA CYS C 231 8.77 1.28 2.72
C CYS C 231 10.23 1.67 2.59
N ALA C 232 11.12 0.68 2.61
CA ALA C 232 12.56 0.95 2.51
C ALA C 232 12.90 1.90 1.38
N GLU C 233 12.25 1.72 0.23
CA GLU C 233 12.52 2.58 -0.92
C GLU C 233 11.98 3.98 -0.73
N GLN C 234 10.74 4.10 -0.26
CA GLN C 234 10.15 5.42 -0.07
C GLN C 234 10.88 6.16 1.04
N ASP C 235 11.15 5.47 2.13
CA ASP C 235 11.83 6.10 3.25
C ASP C 235 13.34 6.11 3.05
N GLY C 236 13.81 5.46 1.99
CA GLY C 236 15.23 5.43 1.66
C GLY C 236 16.17 5.00 2.75
N SER C 237 16.08 3.73 3.16
CA SER C 237 16.92 3.18 4.21
C SER C 237 16.77 1.67 4.27
N GLY C 238 17.39 1.05 5.27
CA GLY C 238 17.30 -0.39 5.45
C GLY C 238 16.80 -0.59 6.85
N TRP C 239 15.69 -1.31 7.01
CA TRP C 239 15.11 -1.50 8.33
C TRP C 239 14.02 -2.57 8.40
N TRP C 240 13.67 -2.94 9.62
CA TRP C 240 12.63 -3.94 9.86
C TRP C 240 11.28 -3.22 9.70
N MET C 241 10.89 -3.02 8.45
CA MET C 241 9.64 -2.34 8.09
C MET C 241 8.39 -3.21 8.18
N ASN C 242 7.30 -2.56 8.61
CA ASN C 242 5.99 -3.21 8.72
C ASN C 242 5.13 -2.49 7.69
N LYS C 243 4.51 -1.36 8.10
CA LYS C 243 3.68 -0.55 7.20
C LYS C 243 3.34 0.83 7.76
N CYS C 244 4.35 1.66 8.02
CA CYS C 244 5.74 1.28 7.80
C CYS C 244 6.57 1.14 9.08
N HIS C 245 6.58 2.18 9.93
CA HIS C 245 7.39 2.12 11.15
C HIS C 245 7.03 3.07 12.29
N ALA C 246 7.42 2.71 13.50
CA ALA C 246 7.18 3.53 14.69
C ALA C 246 8.53 3.96 15.24
N GLY C 247 9.54 3.13 15.00
CA GLY C 247 10.90 3.40 15.43
C GLY C 247 11.77 3.22 14.20
N HIS C 248 12.50 4.25 13.78
CA HIS C 248 13.30 4.16 12.57
C HIS C 248 14.69 4.82 12.73
N LEU C 249 15.63 4.11 13.33
CA LEU C 249 16.95 4.67 13.58
C LEU C 249 17.92 4.73 12.37
N ASN C 250 17.56 4.09 11.26
CA ASN C 250 18.41 4.11 10.07
C ASN C 250 17.88 5.10 9.04
N GLY C 251 17.04 6.03 9.49
CA GLY C 251 16.46 7.00 8.58
C GLY C 251 17.38 8.16 8.23
N VAL C 252 16.88 9.08 7.41
CA VAL C 252 17.65 10.24 6.97
C VAL C 252 17.98 11.19 8.10
N TYR C 253 19.26 11.58 8.17
CA TYR C 253 19.77 12.47 9.20
C TYR C 253 19.39 13.93 8.96
N TYR C 254 18.43 14.41 9.72
CA TYR C 254 17.98 15.80 9.59
C TYR C 254 18.69 16.69 10.62
N GLN C 255 19.39 17.69 10.09
CA GLN C 255 20.12 18.62 10.92
C GLN C 255 19.14 19.48 11.71
N GLY C 256 19.44 19.69 12.99
CA GLY C 256 18.59 20.49 13.83
C GLY C 256 17.51 19.69 14.54
N GLY C 257 17.26 18.48 14.05
CA GLY C 257 16.24 17.64 14.66
C GLY C 257 14.84 17.84 14.13
N THR C 258 14.47 19.09 13.88
CA THR C 258 13.13 19.38 13.38
C THR C 258 13.04 19.42 11.87
N TYR C 259 12.07 18.68 11.32
CA TYR C 259 11.85 18.66 9.89
C TYR C 259 10.34 18.53 9.64
N SER C 260 9.90 18.65 8.39
CA SER C 260 8.48 18.59 8.08
C SER C 260 8.07 17.70 6.93
N LYS C 261 6.76 17.58 6.77
CA LYS C 261 6.14 16.79 5.72
C LYS C 261 6.64 17.30 4.36
N ALA C 262 7.08 18.55 4.35
CA ALA C 262 7.58 19.18 3.13
C ALA C 262 9.00 18.75 2.85
N SER C 263 9.81 18.63 3.91
CA SER C 263 11.20 18.23 3.78
C SER C 263 11.39 17.03 2.85
N THR C 264 10.49 16.07 2.97
CA THR C 264 10.54 14.86 2.17
C THR C 264 9.83 15.04 0.83
N PRO C 265 10.21 14.25 -0.19
CA PRO C 265 9.63 14.30 -1.54
C PRO C 265 8.19 13.78 -1.59
N ASN C 266 7.97 12.62 -0.99
CA ASN C 266 6.66 11.97 -0.95
C ASN C 266 5.75 12.58 0.12
N GLY C 267 6.37 12.97 1.24
CA GLY C 267 5.63 13.55 2.34
C GLY C 267 5.78 12.71 3.60
N TYR C 268 6.05 11.42 3.40
CA TYR C 268 6.22 10.49 4.51
C TYR C 268 7.41 10.83 5.40
N ASP C 269 7.24 10.58 6.69
CA ASP C 269 8.28 10.84 7.69
C ASP C 269 9.39 9.81 7.53
N ASN C 270 10.55 10.27 7.07
CA ASN C 270 11.69 9.37 6.84
C ASN C 270 12.92 9.64 7.71
N GLY C 271 12.73 10.36 8.80
CA GLY C 271 13.84 10.65 9.68
C GLY C 271 14.16 9.58 10.70
N ILE C 272 15.11 9.89 11.57
CA ILE C 272 15.53 8.99 12.63
C ILE C 272 14.58 9.23 13.80
N ILE C 273 13.43 8.57 13.74
CA ILE C 273 12.40 8.74 14.76
C ILE C 273 12.18 7.55 15.68
N TRP C 274 11.54 7.82 16.81
CA TRP C 274 11.21 6.84 17.82
C TRP C 274 9.97 7.41 18.53
N ALA C 275 8.82 7.27 17.87
CA ALA C 275 7.51 7.79 18.31
C ALA C 275 7.19 7.88 19.80
N THR C 276 7.58 6.89 20.57
CA THR C 276 7.29 6.91 22.00
C THR C 276 8.06 7.97 22.78
N TRP C 277 8.96 8.69 22.13
CA TRP C 277 9.75 9.69 22.83
C TRP C 277 9.73 11.07 22.19
N LYS C 278 9.44 11.11 20.90
CA LYS C 278 9.40 12.38 20.19
C LYS C 278 8.47 12.26 19.00
N THR C 279 8.05 13.39 18.44
CA THR C 279 7.15 13.37 17.31
C THR C 279 7.77 12.77 16.05
N ARG C 280 6.90 12.36 15.14
CA ARG C 280 7.32 11.77 13.88
C ARG C 280 8.26 12.71 13.14
N TRP C 281 8.06 14.01 13.36
CA TRP C 281 8.87 15.00 12.68
C TRP C 281 10.04 15.53 13.50
N TYR C 282 10.64 14.63 14.27
CA TYR C 282 11.81 14.97 15.06
C TYR C 282 12.81 13.83 14.88
N SER C 283 13.89 14.13 14.13
CA SER C 283 14.95 13.16 13.87
C SER C 283 16.05 13.35 14.90
N MET C 284 16.43 12.28 15.59
CA MET C 284 17.45 12.33 16.62
C MET C 284 18.80 12.87 16.13
N LYS C 285 19.65 13.26 17.08
CA LYS C 285 20.97 13.79 16.77
C LYS C 285 22.01 12.69 16.93
N LYS C 286 21.82 11.85 17.95
CA LYS C 286 22.73 10.73 18.19
C LYS C 286 21.94 9.44 18.41
N THR C 287 22.44 8.36 17.84
CA THR C 287 21.79 7.06 17.94
C THR C 287 22.81 5.95 18.09
N THR C 288 22.44 4.93 18.85
CA THR C 288 23.32 3.79 19.07
C THR C 288 22.52 2.55 19.45
N MET C 289 22.85 1.44 18.81
CA MET C 289 22.18 0.15 19.07
C MET C 289 23.27 -0.84 19.44
N LYS C 290 23.19 -1.34 20.67
CA LYS C 290 24.16 -2.29 21.19
C LYS C 290 23.51 -3.49 21.85
N ILE C 291 24.24 -4.59 21.94
CA ILE C 291 23.71 -5.81 22.53
C ILE C 291 24.69 -6.41 23.53
N ILE C 292 24.17 -7.21 24.44
CA ILE C 292 24.98 -7.84 25.48
C ILE C 292 24.18 -9.00 26.06
N PRO C 293 24.87 -10.04 26.54
CA PRO C 293 24.10 -11.17 27.10
C PRO C 293 23.09 -10.66 28.12
N PHE C 294 21.88 -11.20 28.07
CA PHE C 294 20.81 -10.80 28.97
C PHE C 294 21.17 -10.93 30.45
N ASN C 295 21.79 -12.05 30.81
CA ASN C 295 22.18 -12.28 32.20
C ASN C 295 23.02 -11.12 32.72
N ARG C 296 23.69 -10.45 31.80
CA ARG C 296 24.56 -9.34 32.16
C ARG C 296 23.76 -8.07 32.50
N LEU C 297 22.54 -7.99 31.98
CA LEU C 297 21.68 -6.84 32.22
C LEU C 297 20.83 -6.98 33.48
N THR C 298 21.36 -6.46 34.60
CA THR C 298 20.68 -6.51 35.89
C THR C 298 20.35 -7.96 36.30
N ILE D 8 5.39 17.35 -16.48
CA ILE D 8 4.06 17.96 -16.81
C ILE D 8 3.32 17.15 -17.88
N GLN D 9 4.07 16.46 -18.73
CA GLN D 9 3.47 15.64 -19.78
C GLN D 9 2.67 14.54 -19.08
N LEU D 10 3.04 14.28 -17.82
CA LEU D 10 2.41 13.27 -16.99
C LEU D 10 1.03 13.70 -16.49
N LEU D 11 0.88 14.98 -16.16
CA LEU D 11 -0.39 15.50 -15.66
C LEU D 11 -1.45 15.49 -16.76
N GLN D 12 -1.11 16.02 -17.92
CA GLN D 12 -2.03 16.07 -19.06
C GLN D 12 -2.78 14.75 -19.26
N LYS D 13 -2.15 13.67 -18.84
CA LYS D 13 -2.73 12.33 -18.95
C LYS D 13 -3.67 12.08 -17.78
N ASN D 14 -3.13 12.17 -16.58
CA ASN D 14 -3.88 11.95 -15.35
C ASN D 14 -5.18 12.75 -15.29
N VAL D 15 -5.10 14.05 -15.57
CA VAL D 15 -6.28 14.89 -15.54
C VAL D 15 -7.40 14.36 -16.42
N ARG D 16 -7.13 14.18 -17.71
CA ARG D 16 -8.16 13.67 -18.60
C ARG D 16 -8.81 12.43 -18.00
N ALA D 17 -8.04 11.74 -17.15
CA ALA D 17 -8.50 10.54 -16.48
C ALA D 17 -9.34 10.85 -15.24
N GLN D 18 -9.04 11.95 -14.58
CA GLN D 18 -9.79 12.32 -13.40
C GLN D 18 -11.12 12.95 -13.83
N LEU D 19 -11.19 13.39 -15.08
CA LEU D 19 -12.40 13.98 -15.61
C LEU D 19 -13.45 12.90 -15.86
N VAL D 20 -13.01 11.81 -16.50
CA VAL D 20 -13.90 10.70 -16.79
C VAL D 20 -14.36 10.08 -15.49
N ASP D 21 -13.44 9.97 -14.54
CA ASP D 21 -13.72 9.40 -13.24
C ASP D 21 -14.81 10.22 -12.56
N MET D 22 -14.62 11.54 -12.51
CA MET D 22 -15.59 12.45 -11.90
C MET D 22 -16.95 12.36 -12.55
N LYS D 23 -16.98 12.47 -13.88
CA LYS D 23 -18.21 12.41 -14.65
C LYS D 23 -19.05 11.19 -14.26
N ARG D 24 -18.40 10.03 -14.13
CA ARG D 24 -19.08 8.81 -13.76
C ARG D 24 -19.54 8.86 -12.31
N LEU D 25 -18.67 9.37 -11.44
CA LEU D 25 -18.98 9.44 -10.02
C LEU D 25 -20.15 10.38 -9.77
N GLU D 26 -20.35 11.34 -10.67
CA GLU D 26 -21.45 12.27 -10.53
C GLU D 26 -22.72 11.52 -10.90
N VAL D 27 -22.67 10.77 -11.99
CA VAL D 27 -23.81 9.98 -12.43
C VAL D 27 -24.16 8.94 -11.38
N ASP D 28 -23.13 8.33 -10.79
CA ASP D 28 -23.33 7.31 -9.78
C ASP D 28 -23.98 7.90 -8.53
N ILE D 29 -23.46 9.03 -8.08
CA ILE D 29 -24.00 9.66 -6.89
C ILE D 29 -25.43 10.11 -7.12
N ASP D 30 -25.74 10.57 -8.33
CA ASP D 30 -27.11 10.98 -8.61
C ASP D 30 -28.05 9.78 -8.44
N ILE D 31 -27.69 8.65 -9.04
CA ILE D 31 -28.49 7.44 -8.95
C ILE D 31 -28.58 6.91 -7.51
N LYS D 32 -27.45 6.91 -6.82
CA LYS D 32 -27.40 6.41 -5.44
C LYS D 32 -28.23 7.26 -4.49
N ILE D 33 -28.15 8.57 -4.64
CA ILE D 33 -28.91 9.42 -3.76
C ILE D 33 -30.40 9.22 -4.00
N ARG D 34 -30.80 9.16 -5.26
CA ARG D 34 -32.21 8.97 -5.58
C ARG D 34 -32.76 7.63 -5.08
N SER D 35 -31.90 6.62 -5.02
CA SER D 35 -32.34 5.32 -4.55
C SER D 35 -32.61 5.36 -3.05
N CYS D 36 -32.37 6.51 -2.41
CA CYS D 36 -32.61 6.64 -0.98
C CYS D 36 -34.03 7.18 -0.73
N ARG D 37 -34.65 7.68 -1.79
CA ARG D 37 -35.98 8.24 -1.69
C ARG D 37 -36.97 7.21 -1.18
N GLY D 38 -36.71 5.94 -1.47
CA GLY D 38 -37.64 4.92 -1.03
C GLY D 38 -37.22 4.27 0.27
N SER D 39 -36.28 4.89 0.97
CA SER D 39 -35.82 4.33 2.24
C SER D 39 -35.63 5.37 3.35
N CYS D 40 -35.16 6.55 2.99
CA CYS D 40 -34.92 7.58 3.99
C CYS D 40 -36.01 8.63 4.03
N SER D 41 -35.97 9.47 5.06
CA SER D 41 -36.97 10.53 5.26
C SER D 41 -37.27 11.35 4.00
N ARG D 42 -36.24 11.59 3.20
CA ARG D 42 -36.40 12.34 1.97
C ARG D 42 -35.13 12.17 1.14
N ALA D 43 -35.20 12.59 -0.13
CA ALA D 43 -34.04 12.50 -1.02
C ALA D 43 -33.64 13.90 -1.44
N LEU D 44 -32.37 14.25 -1.23
CA LEU D 44 -31.86 15.57 -1.61
C LEU D 44 -32.17 15.87 -3.07
N ALA D 45 -32.91 16.94 -3.31
CA ALA D 45 -33.25 17.35 -4.67
C ALA D 45 -31.93 17.81 -5.29
N ARG D 46 -31.74 17.57 -6.58
CA ARG D 46 -30.50 17.95 -7.25
C ARG D 46 -30.60 17.71 -8.74
N GLU D 47 -29.58 18.15 -9.47
CA GLU D 47 -29.52 17.95 -10.91
C GLU D 47 -28.07 17.76 -11.32
N VAL D 48 -27.86 17.21 -12.52
CA VAL D 48 -26.50 16.98 -12.99
C VAL D 48 -26.25 17.68 -14.31
N ASP D 49 -25.26 18.56 -14.31
CA ASP D 49 -24.90 19.30 -15.50
C ASP D 49 -23.62 18.71 -16.08
N LEU D 50 -23.79 17.80 -17.03
CA LEU D 50 -22.66 17.12 -17.68
C LEU D 50 -21.99 18.06 -18.67
N LYS D 51 -22.76 18.98 -19.23
CA LYS D 51 -22.22 19.94 -20.19
C LYS D 51 -20.91 20.53 -19.69
N ASP D 52 -20.91 21.02 -18.45
CA ASP D 52 -19.72 21.60 -17.85
C ASP D 52 -18.52 20.66 -18.03
N TYR D 53 -18.77 19.37 -17.85
CA TYR D 53 -17.72 18.35 -17.99
C TYR D 53 -17.34 18.20 -19.46
N GLU D 54 -18.34 18.14 -20.33
CA GLU D 54 -18.14 17.97 -21.76
C GLU D 54 -17.34 19.12 -22.38
N ASP D 55 -17.21 20.21 -21.65
CA ASP D 55 -16.45 21.37 -22.12
C ASP D 55 -15.03 21.34 -21.59
N GLN D 56 -14.91 21.08 -20.29
CA GLN D 56 -13.60 21.01 -19.64
C GLN D 56 -12.76 19.94 -20.30
N GLN D 57 -13.39 19.11 -21.11
CA GLN D 57 -12.69 18.04 -21.80
C GLN D 57 -12.32 18.51 -23.20
N LYS D 58 -13.13 19.41 -23.75
CA LYS D 58 -12.87 19.95 -25.08
C LYS D 58 -11.73 20.96 -25.03
N GLN D 59 -11.32 21.30 -23.81
CA GLN D 59 -10.23 22.24 -23.61
C GLN D 59 -8.91 21.47 -23.46
N LEU D 60 -8.97 20.39 -22.70
CA LEU D 60 -7.80 19.54 -22.46
C LEU D 60 -7.40 18.80 -23.73
N GLU D 61 -8.38 18.48 -24.57
CA GLU D 61 -8.12 17.77 -25.82
C GLU D 61 -7.31 18.58 -26.81
N GLN D 62 -7.55 19.88 -26.86
CA GLN D 62 -6.85 20.77 -27.77
C GLN D 62 -5.46 21.14 -27.26
N VAL D 63 -4.95 20.32 -26.33
CA VAL D 63 -3.63 20.55 -25.76
C VAL D 63 -2.86 19.24 -25.61
N LEU E 17 -0.33 24.13 -19.29
CA LEU E 17 -0.19 25.61 -19.38
C LEU E 17 -1.21 26.28 -18.47
N ARG E 18 -2.16 27.00 -19.07
CA ARG E 18 -3.20 27.72 -18.34
C ARG E 18 -4.37 26.82 -17.96
N VAL E 19 -5.08 26.33 -18.97
CA VAL E 19 -6.25 25.45 -18.78
C VAL E 19 -6.08 24.47 -17.62
N LEU E 20 -4.84 24.13 -17.32
CA LEU E 20 -4.55 23.20 -16.22
C LEU E 20 -5.03 23.79 -14.90
N ARG E 21 -4.74 25.06 -14.69
CA ARG E 21 -5.13 25.77 -13.48
C ARG E 21 -6.67 25.74 -13.36
N SER E 22 -7.33 26.00 -14.48
CA SER E 22 -8.78 26.01 -14.56
C SER E 22 -9.41 24.73 -14.02
N ILE E 23 -9.72 23.82 -14.94
CA ILE E 23 -10.33 22.53 -14.63
C ILE E 23 -9.97 21.94 -13.27
N LEU E 24 -8.69 21.80 -13.00
CA LEU E 24 -8.23 21.22 -11.73
C LEU E 24 -8.82 21.84 -10.46
N GLU E 25 -8.90 23.16 -10.40
CA GLU E 25 -9.46 23.82 -9.22
C GLU E 25 -10.97 23.66 -9.19
N ASN E 26 -11.56 23.45 -10.36
CA ASN E 26 -13.01 23.26 -10.48
C ASN E 26 -13.43 21.93 -9.85
N LEU E 27 -12.71 20.87 -10.22
CA LEU E 27 -13.00 19.53 -9.69
C LEU E 27 -12.90 19.52 -8.17
N ARG E 28 -11.95 20.29 -7.64
CA ARG E 28 -11.77 20.37 -6.19
C ARG E 28 -13.11 20.78 -5.58
N SER E 29 -13.81 21.68 -6.27
CA SER E 29 -15.12 22.16 -5.83
C SER E 29 -16.19 21.11 -6.10
N LYS E 30 -16.11 20.49 -7.28
CA LYS E 30 -17.07 19.45 -7.63
C LYS E 30 -17.07 18.42 -6.49
N ILE E 31 -15.89 18.02 -6.07
CA ILE E 31 -15.76 17.07 -4.98
C ILE E 31 -16.50 17.60 -3.76
N GLN E 32 -16.14 18.81 -3.33
CA GLN E 32 -16.77 19.44 -2.18
C GLN E 32 -18.29 19.48 -2.38
N LYS E 33 -18.72 19.81 -3.59
CA LYS E 33 -20.15 19.86 -3.89
C LYS E 33 -20.79 18.49 -3.61
N LEU E 34 -20.27 17.46 -4.27
CA LEU E 34 -20.77 16.10 -4.11
C LEU E 34 -20.60 15.63 -2.68
N GLU E 35 -19.48 15.99 -2.07
CA GLU E 35 -19.23 15.61 -0.69
C GLU E 35 -20.35 16.18 0.19
N SER E 36 -20.75 17.42 -0.09
CA SER E 36 -21.81 18.09 0.65
C SER E 36 -23.15 17.40 0.42
N ASP E 37 -23.48 17.11 -0.83
CA ASP E 37 -24.74 16.43 -1.13
C ASP E 37 -24.81 15.11 -0.41
N VAL E 38 -23.72 14.34 -0.48
CA VAL E 38 -23.67 13.04 0.18
C VAL E 38 -23.74 13.17 1.69
N SER E 39 -23.22 14.26 2.23
CA SER E 39 -23.23 14.46 3.66
C SER E 39 -24.65 14.73 4.17
N ALA E 40 -25.43 15.45 3.36
CA ALA E 40 -26.81 15.77 3.72
C ALA E 40 -27.68 14.51 3.69
N GLN E 41 -27.58 13.76 2.60
CA GLN E 41 -28.35 12.53 2.46
C GLN E 41 -28.13 11.59 3.63
N MET E 42 -26.89 11.51 4.11
CA MET E 42 -26.59 10.63 5.24
C MET E 42 -27.37 11.08 6.47
N GLU E 43 -27.66 12.37 6.54
CA GLU E 43 -28.42 12.88 7.67
C GLU E 43 -29.89 12.53 7.52
N TYR E 44 -30.44 12.74 6.32
CA TYR E 44 -31.84 12.42 6.11
C TYR E 44 -32.07 10.92 6.30
N CYS E 45 -31.02 10.13 6.08
CA CYS E 45 -31.14 8.69 6.24
C CYS E 45 -31.05 8.25 7.68
N ARG E 46 -31.03 9.22 8.58
CA ARG E 46 -31.00 8.91 10.01
C ARG E 46 -32.44 8.63 10.41
N THR E 47 -33.35 8.92 9.48
CA THR E 47 -34.78 8.71 9.68
C THR E 47 -35.34 8.09 8.41
N PRO E 48 -36.29 7.15 8.54
CA PRO E 48 -36.92 6.45 7.42
C PRO E 48 -38.15 7.12 6.81
N CYS E 49 -38.52 6.69 5.60
CA CYS E 49 -39.72 7.21 4.96
C CYS E 49 -40.83 6.31 5.53
N THR E 50 -42.07 6.77 5.46
CA THR E 50 -43.14 5.94 6.00
C THR E 50 -44.35 5.85 5.08
N VAL E 51 -45.22 4.90 5.42
CA VAL E 51 -46.47 4.67 4.72
C VAL E 51 -47.42 4.15 5.77
N SER E 52 -48.71 4.15 5.44
CA SER E 52 -49.74 3.64 6.33
C SER E 52 -50.71 2.96 5.39
N CYS E 53 -50.58 1.64 5.23
CA CYS E 53 -51.45 0.92 4.34
C CYS E 53 -52.47 0.05 5.04
N ASN E 54 -53.68 0.57 5.22
CA ASN E 54 -54.71 -0.23 5.85
C ASN E 54 -54.94 -1.37 4.85
N ILE E 55 -55.26 -2.55 5.37
CA ILE E 55 -55.41 -3.72 4.53
C ILE E 55 -56.82 -4.08 4.06
N PRO E 56 -56.98 -4.31 2.74
CA PRO E 56 -58.30 -4.67 2.23
C PRO E 56 -58.78 -5.99 2.82
N VAL E 57 -60.07 -6.08 3.12
CA VAL E 57 -60.64 -7.29 3.68
C VAL E 57 -60.62 -8.43 2.68
N VAL E 58 -60.99 -8.15 1.42
CA VAL E 58 -61.00 -9.20 0.42
C VAL E 58 -59.57 -9.68 0.19
N SER E 59 -59.40 -11.00 0.06
CA SER E 59 -58.09 -11.59 -0.14
C SER E 59 -58.24 -12.91 -0.88
N GLY E 60 -57.15 -13.42 -1.46
CA GLY E 60 -57.20 -14.66 -2.20
C GLY E 60 -55.83 -15.22 -2.56
N LYS E 61 -55.81 -16.30 -3.35
CA LYS E 61 -54.55 -16.92 -3.74
C LYS E 61 -53.65 -15.97 -4.52
N GLU E 62 -54.23 -15.15 -5.38
CA GLU E 62 -53.48 -14.16 -6.15
C GLU E 62 -54.43 -13.07 -6.59
N CYS E 63 -53.95 -12.08 -7.33
CA CYS E 63 -54.83 -10.99 -7.73
C CYS E 63 -56.01 -11.36 -8.64
N GLU E 64 -55.86 -12.42 -9.41
CA GLU E 64 -56.94 -12.84 -10.31
C GLU E 64 -58.15 -13.28 -9.49
N GLU E 65 -57.92 -14.10 -8.47
CA GLU E 65 -59.03 -14.55 -7.63
C GLU E 65 -59.65 -13.37 -6.87
N ILE E 66 -58.82 -12.41 -6.47
CA ILE E 66 -59.34 -11.27 -5.74
C ILE E 66 -60.35 -10.49 -6.59
N ILE E 67 -59.98 -10.22 -7.85
CA ILE E 67 -60.90 -9.48 -8.70
C ILE E 67 -62.20 -10.29 -8.92
N ARG E 68 -62.09 -11.61 -8.95
CA ARG E 68 -63.27 -12.45 -9.11
C ARG E 68 -64.06 -12.50 -7.80
N LYS E 69 -63.51 -11.88 -6.74
CA LYS E 69 -64.19 -11.84 -5.45
C LYS E 69 -64.72 -10.44 -5.17
N GLY E 70 -64.72 -9.59 -6.19
CA GLY E 70 -65.24 -8.23 -6.01
C GLY E 70 -64.24 -7.11 -5.76
N GLY E 71 -62.94 -7.40 -5.77
CA GLY E 71 -61.95 -6.36 -5.54
C GLY E 71 -61.65 -5.67 -6.86
N GLU E 72 -62.41 -4.63 -7.17
CA GLU E 72 -62.26 -3.93 -8.44
C GLU E 72 -61.27 -2.77 -8.55
N THR E 73 -60.67 -2.36 -7.44
CA THR E 73 -59.72 -1.27 -7.46
C THR E 73 -58.26 -1.69 -7.35
N SER E 74 -57.40 -0.96 -8.03
CA SER E 74 -55.97 -1.20 -8.02
C SER E 74 -55.39 -0.64 -6.73
N GLU E 75 -54.74 -1.51 -5.95
CA GLU E 75 -54.14 -1.11 -4.70
C GLU E 75 -53.43 -2.30 -4.08
N MET E 76 -52.93 -2.14 -2.86
CA MET E 76 -52.25 -3.22 -2.17
C MET E 76 -53.22 -4.22 -1.60
N TYR E 77 -52.87 -5.49 -1.71
CA TYR E 77 -53.71 -6.55 -1.15
C TYR E 77 -52.83 -7.63 -0.52
N LEU E 78 -53.48 -8.45 0.29
CA LEU E 78 -52.82 -9.56 0.95
C LEU E 78 -53.24 -10.77 0.12
N ILE E 79 -52.29 -11.63 -0.22
CA ILE E 79 -52.63 -12.84 -0.98
C ILE E 79 -51.96 -14.03 -0.33
N GLN E 80 -52.59 -15.20 -0.43
CA GLN E 80 -52.00 -16.40 0.13
C GLN E 80 -52.08 -17.48 -0.92
N PRO E 81 -51.15 -17.43 -1.90
CA PRO E 81 -51.08 -18.39 -2.99
C PRO E 81 -50.93 -19.78 -2.43
N ASP E 82 -50.37 -19.83 -1.23
CA ASP E 82 -50.16 -21.10 -0.59
C ASP E 82 -50.33 -21.09 0.92
N SER E 83 -51.13 -22.03 1.41
CA SER E 83 -51.41 -22.17 2.82
C SER E 83 -50.20 -22.66 3.63
N SER E 84 -49.10 -22.95 2.94
CA SER E 84 -47.87 -23.40 3.60
C SER E 84 -46.94 -22.23 3.88
N VAL E 85 -47.51 -21.03 3.91
CA VAL E 85 -46.75 -19.82 4.18
C VAL E 85 -47.75 -18.71 4.50
N LYS E 86 -47.32 -17.73 5.27
CA LYS E 86 -48.21 -16.64 5.66
C LYS E 86 -48.55 -15.69 4.52
N PRO E 87 -49.77 -15.12 4.56
CA PRO E 87 -50.19 -14.19 3.52
C PRO E 87 -49.14 -13.10 3.38
N TYR E 88 -49.11 -12.45 2.23
CA TYR E 88 -48.15 -11.39 2.04
C TYR E 88 -48.70 -10.33 1.10
N ARG E 89 -48.12 -9.15 1.18
CA ARG E 89 -48.54 -8.00 0.41
C ARG E 89 -48.04 -7.99 -1.03
N VAL E 90 -48.88 -7.50 -1.94
CA VAL E 90 -48.54 -7.37 -3.35
C VAL E 90 -49.37 -6.21 -3.90
N TYR E 91 -49.00 -5.71 -5.08
CA TYR E 91 -49.80 -4.65 -5.66
C TYR E 91 -50.62 -5.30 -6.78
N CYS E 92 -51.93 -5.05 -6.79
CA CYS E 92 -52.79 -5.62 -7.81
C CYS E 92 -53.30 -4.59 -8.81
N ASP E 93 -53.08 -4.85 -10.09
CA ASP E 93 -53.58 -3.96 -11.14
C ASP E 93 -54.91 -4.58 -11.56
N MET E 94 -56.01 -3.88 -11.30
CA MET E 94 -57.31 -4.42 -11.65
C MET E 94 -57.97 -3.69 -12.82
N ASN E 95 -57.19 -2.90 -13.55
CA ASN E 95 -57.72 -2.15 -14.69
C ASN E 95 -57.16 -2.55 -16.05
N THR E 96 -55.85 -2.79 -16.10
CA THR E 96 -55.20 -3.16 -17.34
C THR E 96 -55.66 -4.50 -17.90
N GLU E 97 -56.16 -4.47 -19.12
CA GLU E 97 -56.63 -5.67 -19.80
C GLU E 97 -57.43 -6.62 -18.91
N ASN E 98 -58.56 -6.14 -18.38
CA ASN E 98 -59.42 -6.96 -17.53
C ASN E 98 -58.89 -7.26 -16.13
N GLY E 99 -57.94 -6.45 -15.66
CA GLY E 99 -57.39 -6.62 -14.33
C GLY E 99 -57.00 -8.04 -13.96
N GLY E 100 -56.79 -8.27 -12.66
CA GLY E 100 -56.40 -9.58 -12.17
C GLY E 100 -54.91 -9.83 -12.29
N TRP E 101 -54.16 -8.74 -12.47
CA TRP E 101 -52.71 -8.82 -12.62
C TRP E 101 -51.96 -8.64 -11.31
N THR E 102 -51.08 -9.59 -11.01
CA THR E 102 -50.26 -9.51 -9.80
C THR E 102 -48.89 -8.92 -10.17
N VAL E 103 -48.58 -7.75 -9.64
CA VAL E 103 -47.30 -7.10 -9.91
C VAL E 103 -46.14 -7.81 -9.22
N ILE E 104 -45.10 -8.14 -9.97
CA ILE E 104 -43.93 -8.79 -9.38
C ILE E 104 -42.69 -7.90 -9.54
N GLN E 105 -42.76 -6.88 -10.39
CA GLN E 105 -41.61 -5.99 -10.58
C GLN E 105 -42.12 -4.63 -11.03
N ASN E 106 -41.55 -3.54 -10.48
CA ASN E 106 -41.99 -2.21 -10.87
C ASN E 106 -40.95 -1.11 -10.74
N ARG E 107 -40.77 -0.36 -11.82
CA ARG E 107 -39.81 0.75 -11.88
C ARG E 107 -40.60 1.96 -12.37
N GLN E 108 -40.36 3.13 -11.78
CA GLN E 108 -41.10 4.31 -12.19
C GLN E 108 -40.42 5.60 -11.74
N ASP E 109 -39.46 5.51 -10.83
CA ASP E 109 -38.84 6.73 -10.36
C ASP E 109 -37.43 6.64 -9.80
N GLY E 110 -36.83 5.46 -9.82
CA GLY E 110 -35.48 5.32 -9.29
C GLY E 110 -35.40 5.46 -7.77
N SER E 111 -36.52 5.26 -7.08
CA SER E 111 -36.56 5.39 -5.62
C SER E 111 -35.96 4.22 -4.81
N VAL E 112 -35.77 3.08 -5.47
CA VAL E 112 -35.24 1.89 -4.80
C VAL E 112 -34.01 1.31 -5.50
N ASP E 113 -33.07 0.82 -4.69
CA ASP E 113 -31.83 0.22 -5.19
C ASP E 113 -32.12 -1.20 -5.73
N PHE E 114 -31.66 -1.50 -6.94
CA PHE E 114 -31.87 -2.84 -7.53
C PHE E 114 -30.59 -3.63 -7.66
N GLY E 115 -29.47 -3.03 -7.28
CA GLY E 115 -28.21 -3.73 -7.36
C GLY E 115 -27.97 -4.45 -6.06
N ARG E 116 -28.77 -5.47 -5.79
CA ARG E 116 -28.67 -6.22 -4.55
C ARG E 116 -28.15 -7.64 -4.69
N LYS E 117 -27.81 -8.25 -3.56
CA LYS E 117 -27.27 -9.60 -3.56
C LYS E 117 -28.32 -10.68 -3.81
N TRP E 118 -27.86 -11.92 -3.82
CA TRP E 118 -28.72 -13.07 -4.05
C TRP E 118 -29.84 -13.21 -3.04
N ASP E 119 -29.52 -13.04 -1.77
CA ASP E 119 -30.55 -13.20 -0.74
C ASP E 119 -31.69 -12.17 -0.84
N PRO E 120 -31.36 -10.87 -0.99
CA PRO E 120 -32.44 -9.89 -1.08
C PRO E 120 -33.35 -10.22 -2.28
N TYR E 121 -32.74 -10.70 -3.37
CA TYR E 121 -33.50 -11.07 -4.55
C TYR E 121 -34.35 -12.31 -4.34
N LYS E 122 -33.91 -13.16 -3.42
CA LYS E 122 -34.63 -14.38 -3.10
C LYS E 122 -35.84 -14.04 -2.22
N GLN E 123 -35.63 -13.12 -1.29
CA GLN E 123 -36.66 -12.72 -0.34
C GLN E 123 -37.61 -11.62 -0.83
N GLY E 124 -37.13 -10.78 -1.73
CA GLY E 124 -37.94 -9.67 -2.20
C GLY E 124 -37.50 -8.38 -1.52
N PHE E 125 -37.62 -7.26 -2.20
CA PHE E 125 -37.22 -5.98 -1.60
C PHE E 125 -37.97 -4.84 -2.28
N GLY E 126 -37.93 -3.67 -1.66
CA GLY E 126 -38.60 -2.51 -2.22
C GLY E 126 -39.88 -2.15 -1.51
N ASN E 127 -40.63 -1.21 -2.08
CA ASN E 127 -41.89 -0.78 -1.51
C ASN E 127 -43.04 -1.22 -2.41
N VAL E 128 -43.92 -2.03 -1.84
CA VAL E 128 -45.05 -2.55 -2.59
C VAL E 128 -46.01 -1.44 -2.98
N ALA E 129 -46.37 -0.60 -2.02
CA ALA E 129 -47.32 0.47 -2.27
C ALA E 129 -47.14 1.67 -1.35
N THR E 130 -47.67 2.81 -1.77
CA THR E 130 -47.59 4.04 -1.00
C THR E 130 -48.96 4.71 -0.93
N ASN E 131 -49.10 5.65 -0.01
CA ASN E 131 -50.37 6.34 0.18
C ASN E 131 -50.75 7.29 -0.94
N THR E 132 -52.02 7.24 -1.30
CA THR E 132 -52.59 8.06 -2.36
C THR E 132 -53.11 9.40 -1.83
N ASP E 133 -52.20 10.30 -1.52
CA ASP E 133 -52.55 11.65 -1.06
C ASP E 133 -53.69 11.75 -0.04
N GLY E 134 -53.35 11.86 1.23
CA GLY E 134 -54.37 11.99 2.27
C GLY E 134 -55.24 10.79 2.52
N LYS E 135 -55.14 9.75 1.69
CA LYS E 135 -55.93 8.55 1.86
C LYS E 135 -55.35 7.64 2.92
N ASN E 136 -56.17 6.74 3.44
CA ASN E 136 -55.75 5.80 4.47
C ASN E 136 -55.18 4.52 3.86
N TYR E 137 -55.52 4.27 2.59
CA TYR E 137 -55.02 3.08 1.91
C TYR E 137 -53.96 3.44 0.87
N CYS E 138 -53.17 2.46 0.48
CA CYS E 138 -52.11 2.64 -0.50
C CYS E 138 -52.56 2.18 -1.89
N GLY E 139 -53.10 3.13 -2.67
CA GLY E 139 -53.57 2.81 -4.00
C GLY E 139 -52.52 2.94 -5.08
N LEU E 140 -51.32 3.38 -4.71
CA LEU E 140 -50.23 3.53 -5.67
C LEU E 140 -49.11 2.51 -5.46
N PRO E 141 -48.51 2.05 -6.54
CA PRO E 141 -47.43 1.08 -6.34
C PRO E 141 -46.09 1.77 -6.13
N GLY E 142 -45.20 1.11 -5.42
CA GLY E 142 -43.88 1.67 -5.24
C GLY E 142 -43.00 0.85 -6.18
N GLU E 143 -41.68 1.04 -6.08
CA GLU E 143 -40.75 0.27 -6.89
C GLU E 143 -40.39 -0.97 -6.05
N TYR E 144 -40.47 -2.15 -6.63
CA TYR E 144 -40.12 -3.35 -5.87
C TYR E 144 -39.89 -4.60 -6.71
N TRP E 145 -39.37 -5.63 -6.04
CA TRP E 145 -39.11 -6.96 -6.62
C TRP E 145 -39.84 -7.89 -5.64
N LEU E 146 -40.84 -8.60 -6.12
CA LEU E 146 -41.62 -9.48 -5.26
C LEU E 146 -40.79 -10.50 -4.50
N GLY E 147 -39.82 -11.08 -5.19
CA GLY E 147 -38.97 -12.10 -4.58
C GLY E 147 -38.99 -13.38 -5.41
N ASN E 148 -37.82 -13.92 -5.68
CA ASN E 148 -37.72 -15.13 -6.48
C ASN E 148 -38.46 -16.34 -5.91
N ASP E 149 -38.35 -16.60 -4.62
CA ASP E 149 -39.09 -17.75 -4.09
C ASP E 149 -40.58 -17.60 -4.34
N LYS E 150 -41.11 -16.40 -4.13
CA LYS E 150 -42.54 -16.14 -4.32
C LYS E 150 -42.95 -16.16 -5.79
N ILE E 151 -42.15 -15.56 -6.66
CA ILE E 151 -42.45 -15.54 -8.09
C ILE E 151 -42.47 -16.99 -8.57
N SER E 152 -41.48 -17.77 -8.13
CA SER E 152 -41.42 -19.17 -8.53
C SER E 152 -42.70 -19.89 -8.15
N GLN E 153 -43.05 -19.78 -6.87
CA GLN E 153 -44.23 -20.45 -6.37
C GLN E 153 -45.49 -20.04 -7.09
N LEU E 154 -45.58 -18.78 -7.49
CA LEU E 154 -46.76 -18.33 -8.19
C LEU E 154 -46.86 -18.95 -9.59
N THR E 155 -45.80 -18.84 -10.39
CA THR E 155 -45.82 -19.38 -11.74
C THR E 155 -46.05 -20.89 -11.79
N ARG E 156 -45.75 -21.61 -10.71
CA ARG E 156 -45.92 -23.05 -10.68
C ARG E 156 -47.28 -23.54 -10.17
N MET E 157 -48.11 -22.65 -9.65
CA MET E 157 -49.45 -23.03 -9.19
C MET E 157 -50.26 -23.54 -10.37
N GLY E 158 -50.04 -22.94 -11.55
CA GLY E 158 -50.77 -23.32 -12.75
C GLY E 158 -50.27 -22.50 -13.93
N PRO E 159 -50.72 -22.79 -15.17
CA PRO E 159 -50.24 -22.01 -16.31
C PRO E 159 -50.34 -20.52 -16.03
N THR E 160 -49.23 -19.83 -16.24
CA THR E 160 -49.14 -18.41 -15.97
C THR E 160 -48.69 -17.56 -17.15
N GLU E 161 -49.34 -16.41 -17.33
CA GLU E 161 -48.99 -15.47 -18.38
C GLU E 161 -48.25 -14.26 -17.77
N LEU E 162 -47.35 -13.65 -18.55
CA LEU E 162 -46.56 -12.52 -18.09
C LEU E 162 -46.76 -11.29 -18.95
N LEU E 163 -47.06 -10.17 -18.31
CA LEU E 163 -47.26 -8.93 -19.04
C LEU E 163 -46.18 -7.91 -18.67
N ILE E 164 -45.36 -7.53 -19.65
CA ILE E 164 -44.30 -6.56 -19.42
C ILE E 164 -44.63 -5.28 -20.18
N GLU E 165 -44.67 -4.18 -19.44
CA GLU E 165 -44.98 -2.85 -19.96
C GLU E 165 -43.86 -1.86 -19.67
N MET E 166 -43.70 -0.88 -20.55
CA MET E 166 -42.67 0.13 -20.37
C MET E 166 -43.07 1.44 -21.05
N GLU E 167 -42.51 2.54 -20.58
CA GLU E 167 -42.81 3.84 -21.13
C GLU E 167 -41.53 4.66 -21.21
N ASP E 168 -41.36 5.41 -22.31
CA ASP E 168 -40.16 6.24 -22.46
C ASP E 168 -40.39 7.60 -21.79
N TRP E 169 -39.44 8.52 -21.95
CA TRP E 169 -39.54 9.80 -21.30
C TRP E 169 -40.38 10.87 -21.99
N LYS E 170 -40.99 10.50 -23.13
CA LYS E 170 -41.85 11.41 -23.87
C LYS E 170 -43.30 10.91 -23.80
N GLY E 171 -43.51 9.85 -23.02
CA GLY E 171 -44.85 9.31 -22.87
C GLY E 171 -45.21 8.12 -23.74
N ASP E 172 -44.38 7.77 -24.72
CA ASP E 172 -44.69 6.63 -25.55
C ASP E 172 -44.55 5.34 -24.74
N LYS E 173 -45.37 4.35 -25.05
CA LYS E 173 -45.29 3.11 -24.34
C LYS E 173 -45.59 1.90 -25.22
N VAL E 174 -44.89 0.81 -24.94
CA VAL E 174 -45.05 -0.45 -25.66
C VAL E 174 -45.16 -1.56 -24.63
N LYS E 175 -45.43 -2.78 -25.10
CA LYS E 175 -45.54 -3.89 -24.18
C LYS E 175 -45.12 -5.17 -24.83
N ALA E 176 -44.94 -6.19 -23.99
CA ALA E 176 -44.54 -7.52 -24.44
C ALA E 176 -45.28 -8.50 -23.57
N HIS E 177 -46.07 -9.36 -24.20
CA HIS E 177 -46.86 -10.35 -23.48
C HIS E 177 -46.30 -11.73 -23.75
N TYR E 178 -46.33 -12.58 -22.73
CA TYR E 178 -45.86 -13.96 -22.83
C TYR E 178 -46.92 -14.88 -22.26
N GLY E 179 -47.61 -15.59 -23.14
CA GLY E 179 -48.65 -16.49 -22.73
C GLY E 179 -48.24 -17.58 -21.76
N GLY E 180 -46.96 -17.92 -21.76
CA GLY E 180 -46.48 -18.95 -20.85
C GLY E 180 -45.26 -18.45 -20.11
N PHE E 181 -45.25 -18.61 -18.78
CA PHE E 181 -44.16 -18.14 -17.96
C PHE E 181 -43.98 -19.02 -16.72
N THR E 182 -42.75 -19.47 -16.48
CA THR E 182 -42.47 -20.29 -15.31
C THR E 182 -41.07 -19.99 -14.82
N VAL E 183 -40.89 -20.07 -13.50
CA VAL E 183 -39.61 -19.82 -12.85
C VAL E 183 -39.43 -20.95 -11.86
N GLN E 184 -38.42 -21.77 -12.06
CA GLN E 184 -38.18 -22.90 -11.16
C GLN E 184 -37.68 -22.42 -9.79
N ASN E 185 -37.61 -23.34 -8.84
CA ASN E 185 -37.16 -22.98 -7.50
C ASN E 185 -35.67 -22.67 -7.37
N GLU E 186 -35.27 -22.27 -6.17
CA GLU E 186 -33.88 -21.92 -5.92
C GLU E 186 -32.91 -23.06 -6.19
N ALA E 187 -33.38 -24.29 -6.00
CA ALA E 187 -32.54 -25.45 -6.24
C ALA E 187 -32.17 -25.51 -7.72
N ASN E 188 -32.98 -24.87 -8.55
CA ASN E 188 -32.73 -24.86 -9.98
C ASN E 188 -32.28 -23.47 -10.44
N LYS E 189 -31.70 -22.72 -9.51
CA LYS E 189 -31.22 -21.38 -9.83
C LYS E 189 -32.28 -20.49 -10.45
N TYR E 190 -33.54 -20.72 -10.08
CA TYR E 190 -34.64 -19.93 -10.57
C TYR E 190 -34.69 -19.85 -12.10
N GLN E 191 -34.37 -20.95 -12.78
CA GLN E 191 -34.36 -20.97 -14.24
C GLN E 191 -35.68 -20.48 -14.85
N ILE E 192 -35.56 -19.62 -15.85
CA ILE E 192 -36.73 -19.03 -16.48
C ILE E 192 -37.11 -19.68 -17.80
N SER E 193 -38.39 -19.59 -18.11
CA SER E 193 -38.91 -20.13 -19.35
C SER E 193 -40.11 -19.31 -19.77
N VAL E 194 -40.19 -18.95 -21.04
CA VAL E 194 -41.29 -18.16 -21.56
C VAL E 194 -41.60 -18.52 -23.00
N ASN E 195 -42.87 -18.38 -23.38
CA ASN E 195 -43.27 -18.65 -24.75
C ASN E 195 -44.52 -17.86 -25.11
N LYS E 196 -45.02 -18.09 -26.33
CA LYS E 196 -46.23 -17.43 -26.85
C LYS E 196 -46.13 -15.92 -26.73
N TYR E 197 -45.18 -15.35 -27.45
CA TYR E 197 -44.95 -13.91 -27.46
C TYR E 197 -45.96 -13.14 -28.32
N ARG E 198 -46.30 -11.94 -27.87
CA ARG E 198 -47.24 -11.05 -28.56
C ARG E 198 -46.97 -9.67 -28.00
N GLY E 199 -46.62 -8.72 -28.86
CA GLY E 199 -46.35 -7.39 -28.33
C GLY E 199 -45.81 -6.39 -29.33
N THR E 200 -45.55 -5.18 -28.83
CA THR E 200 -45.03 -4.12 -29.68
C THR E 200 -43.65 -3.69 -29.22
N ALA E 201 -43.12 -4.32 -28.17
CA ALA E 201 -41.80 -3.93 -27.65
C ALA E 201 -40.65 -4.74 -28.24
N GLY E 202 -40.98 -5.86 -28.89
CA GLY E 202 -39.95 -6.71 -29.45
C GLY E 202 -39.74 -7.87 -28.50
N ASN E 203 -39.65 -9.08 -29.04
CA ASN E 203 -39.48 -10.29 -28.23
C ASN E 203 -38.06 -10.50 -27.72
N ALA E 204 -37.58 -9.57 -26.92
CA ALA E 204 -36.23 -9.60 -26.34
C ALA E 204 -35.88 -10.87 -25.56
N LEU E 205 -36.82 -11.37 -24.77
CA LEU E 205 -36.57 -12.56 -23.96
C LEU E 205 -36.32 -13.82 -24.77
N MET E 206 -37.13 -14.04 -25.80
CA MET E 206 -36.99 -15.26 -26.59
C MET E 206 -36.02 -15.18 -27.76
N ASP E 207 -35.92 -14.02 -28.41
CA ASP E 207 -35.05 -13.90 -29.56
C ASP E 207 -33.77 -13.12 -29.35
N GLY E 208 -33.71 -12.29 -28.31
CA GLY E 208 -32.51 -11.52 -28.08
C GLY E 208 -32.56 -10.25 -28.92
N ALA E 209 -31.58 -9.37 -28.74
CA ALA E 209 -31.53 -8.10 -29.45
C ALA E 209 -31.68 -8.21 -30.96
N SER E 210 -32.65 -7.47 -31.49
CA SER E 210 -32.92 -7.45 -32.91
C SER E 210 -31.83 -6.78 -33.75
N GLN E 211 -31.06 -5.88 -33.15
CA GLN E 211 -30.00 -5.22 -33.89
C GLN E 211 -28.67 -5.98 -33.91
N LEU E 212 -28.71 -7.25 -33.52
CA LEU E 212 -27.50 -8.07 -33.52
C LEU E 212 -27.71 -9.27 -34.45
N MET E 213 -26.62 -9.84 -34.96
CA MET E 213 -26.69 -10.96 -35.89
C MET E 213 -26.07 -12.25 -35.34
N GLY E 214 -26.59 -13.37 -35.82
CA GLY E 214 -26.09 -14.68 -35.42
C GLY E 214 -25.68 -14.84 -33.97
N GLU E 215 -24.49 -15.38 -33.77
CA GLU E 215 -23.91 -15.61 -32.44
C GLU E 215 -24.15 -14.48 -31.46
N ASN E 216 -23.84 -13.26 -31.87
CA ASN E 216 -24.00 -12.09 -31.03
C ASN E 216 -25.44 -11.95 -30.52
N ARG E 217 -26.40 -12.20 -31.39
CA ARG E 217 -27.80 -12.09 -31.00
C ARG E 217 -28.28 -13.18 -30.06
N THR E 218 -27.91 -14.43 -30.34
CA THR E 218 -28.35 -15.53 -29.49
C THR E 218 -27.76 -15.45 -28.09
N MET E 219 -26.57 -14.87 -27.95
CA MET E 219 -26.01 -14.78 -26.63
C MET E 219 -26.75 -13.73 -25.77
N THR E 220 -27.82 -13.13 -26.31
CA THR E 220 -28.59 -12.19 -25.53
C THR E 220 -30.00 -12.71 -25.28
N ILE E 221 -30.23 -13.99 -25.59
CA ILE E 221 -31.53 -14.61 -25.35
C ILE E 221 -31.66 -14.94 -23.86
N HIS E 222 -32.75 -14.52 -23.24
CA HIS E 222 -32.96 -14.78 -21.82
C HIS E 222 -33.69 -16.08 -21.52
N ASN E 223 -34.56 -16.48 -22.43
CA ASN E 223 -35.32 -17.69 -22.27
C ASN E 223 -34.33 -18.80 -21.92
N GLY E 224 -34.61 -19.55 -20.85
CA GLY E 224 -33.74 -20.64 -20.46
C GLY E 224 -32.55 -20.31 -19.59
N MET E 225 -32.32 -19.04 -19.29
CA MET E 225 -31.18 -18.65 -18.45
C MET E 225 -31.45 -18.83 -16.96
N PHE E 226 -30.37 -18.86 -16.18
CA PHE E 226 -30.47 -18.97 -14.71
C PHE E 226 -30.38 -17.56 -14.15
N PHE E 227 -30.79 -17.39 -12.90
CA PHE E 227 -30.75 -16.06 -12.29
C PHE E 227 -29.38 -15.76 -11.71
N SER E 228 -28.93 -14.51 -11.83
CA SER E 228 -27.64 -14.11 -11.29
C SER E 228 -27.73 -12.79 -10.55
N THR E 229 -26.90 -12.65 -9.53
CA THR E 229 -26.81 -11.42 -8.76
C THR E 229 -25.30 -11.18 -8.77
N TYR E 230 -24.85 -10.00 -8.32
CA TYR E 230 -23.43 -9.70 -8.37
C TYR E 230 -22.56 -10.56 -7.45
N ASP E 231 -23.19 -11.27 -6.52
CA ASP E 231 -22.44 -12.14 -5.64
C ASP E 231 -22.74 -13.61 -5.95
N ARG E 232 -23.44 -13.87 -7.05
CA ARG E 232 -23.79 -15.25 -7.46
C ARG E 232 -23.85 -15.34 -9.00
N ASP E 233 -22.79 -15.89 -9.58
CA ASP E 233 -22.68 -16.03 -11.04
C ASP E 233 -23.25 -17.34 -11.60
N ASN E 234 -24.37 -17.22 -12.30
CA ASN E 234 -25.01 -18.36 -12.95
C ASN E 234 -25.31 -17.94 -14.39
N ASP E 235 -24.57 -16.97 -14.90
CA ASP E 235 -24.82 -16.49 -16.25
C ASP E 235 -24.22 -17.37 -17.34
N GLY E 236 -24.42 -16.98 -18.60
CA GLY E 236 -23.87 -17.73 -19.71
C GLY E 236 -22.54 -17.19 -20.20
N TRP E 237 -21.78 -16.56 -19.30
CA TRP E 237 -20.48 -15.98 -19.66
C TRP E 237 -19.34 -16.80 -19.01
N LEU E 238 -18.62 -17.55 -19.84
CA LEU E 238 -17.52 -18.38 -19.36
C LEU E 238 -16.23 -17.59 -19.31
N THR E 239 -15.85 -17.16 -18.11
CA THR E 239 -14.62 -16.39 -17.93
C THR E 239 -13.91 -16.86 -16.67
N SER E 240 -12.69 -16.36 -16.49
CA SER E 240 -11.91 -16.72 -15.33
C SER E 240 -11.63 -15.43 -14.58
N ASP E 241 -11.93 -14.31 -15.25
CA ASP E 241 -11.74 -13.00 -14.67
C ASP E 241 -12.97 -12.68 -13.82
N PRO E 242 -12.81 -12.66 -12.48
CA PRO E 242 -13.94 -12.38 -11.60
C PRO E 242 -14.72 -11.11 -11.93
N ARG E 243 -14.06 -10.14 -12.59
CA ARG E 243 -14.72 -8.89 -12.96
C ARG E 243 -15.70 -9.07 -14.12
N LYS E 244 -15.47 -10.09 -14.95
CA LYS E 244 -16.32 -10.31 -16.10
C LYS E 244 -17.60 -11.10 -15.80
N GLN E 245 -18.54 -10.46 -15.11
CA GLN E 245 -19.82 -11.07 -14.80
C GLN E 245 -20.97 -10.11 -15.14
N CYS E 246 -21.93 -10.61 -15.93
CA CYS E 246 -23.08 -9.79 -16.35
C CYS E 246 -23.71 -8.97 -15.25
N SER E 247 -24.03 -9.60 -14.13
CA SER E 247 -24.65 -8.93 -12.99
C SER E 247 -23.80 -7.81 -12.36
N LYS E 248 -22.48 -7.95 -12.39
CA LYS E 248 -21.62 -6.90 -11.83
C LYS E 248 -21.55 -5.72 -12.77
N GLU E 249 -21.41 -5.98 -14.06
CA GLU E 249 -21.30 -4.89 -15.02
C GLU E 249 -22.64 -4.23 -15.33
N ASP E 250 -23.66 -5.04 -15.59
CA ASP E 250 -24.95 -4.48 -15.95
C ASP E 250 -25.89 -4.02 -14.84
N GLY E 251 -25.48 -4.15 -13.58
CA GLY E 251 -26.28 -3.60 -12.50
C GLY E 251 -27.31 -4.24 -11.58
N GLY E 252 -27.89 -5.39 -11.95
CA GLY E 252 -28.86 -5.96 -11.03
C GLY E 252 -28.96 -7.47 -11.08
N GLY E 253 -29.99 -8.01 -10.43
CA GLY E 253 -30.21 -9.44 -10.46
C GLY E 253 -31.09 -9.70 -11.67
N TRP E 254 -30.70 -10.65 -12.51
CA TRP E 254 -31.50 -10.93 -13.70
C TRP E 254 -31.14 -12.27 -14.34
N TRP E 255 -31.98 -12.69 -15.27
CA TRP E 255 -31.73 -13.93 -15.99
C TRP E 255 -30.72 -13.62 -17.12
N TYR E 256 -29.57 -13.10 -16.71
CA TYR E 256 -28.51 -12.73 -17.64
C TYR E 256 -27.96 -13.91 -18.43
N ASN E 257 -27.43 -13.61 -19.60
CA ASN E 257 -26.85 -14.62 -20.47
C ASN E 257 -25.42 -14.19 -20.75
N ARG E 258 -25.24 -13.43 -21.83
CA ARG E 258 -23.93 -12.94 -22.23
C ARG E 258 -24.06 -11.72 -23.16
N CYS E 259 -24.74 -10.66 -22.70
CA CYS E 259 -25.32 -10.61 -21.38
C CYS E 259 -26.84 -10.42 -21.36
N HIS E 260 -27.34 -9.49 -22.17
CA HIS E 260 -28.77 -9.27 -22.20
C HIS E 260 -29.27 -8.51 -23.41
N ALA E 261 -30.57 -8.64 -23.61
CA ALA E 261 -31.30 -7.92 -24.65
C ALA E 261 -32.21 -6.98 -23.83
N ALA E 262 -32.62 -7.46 -22.66
CA ALA E 262 -33.48 -6.73 -21.73
C ALA E 262 -32.82 -6.69 -20.35
N ASN E 263 -32.85 -5.54 -19.69
CA ASN E 263 -32.24 -5.35 -18.38
C ASN E 263 -33.26 -4.55 -17.52
N PRO E 264 -34.45 -5.14 -17.29
CA PRO E 264 -35.53 -4.52 -16.50
C PRO E 264 -35.14 -4.10 -15.09
N ASN E 265 -34.17 -4.81 -14.50
CA ASN E 265 -33.73 -4.46 -13.15
C ASN E 265 -32.45 -3.63 -13.16
N GLY E 266 -32.21 -2.95 -14.29
CA GLY E 266 -31.03 -2.11 -14.42
C GLY E 266 -31.10 -0.81 -13.64
N ARG E 267 -30.06 0.01 -13.79
CA ARG E 267 -29.94 1.29 -13.10
C ARG E 267 -30.86 2.35 -13.72
N TYR E 268 -31.51 3.13 -12.86
CA TYR E 268 -32.45 4.16 -13.32
C TYR E 268 -31.80 5.52 -13.71
N TYR E 269 -31.42 5.66 -14.97
CA TYR E 269 -30.83 6.92 -15.44
C TYR E 269 -31.93 7.97 -15.66
N TRP E 270 -31.80 9.12 -15.00
CA TRP E 270 -32.83 10.14 -15.18
C TRP E 270 -32.70 10.73 -16.58
N GLY E 271 -33.85 10.93 -17.23
CA GLY E 271 -33.84 11.49 -18.57
C GLY E 271 -33.91 10.49 -19.71
N GLY E 272 -33.44 9.26 -19.48
CA GLY E 272 -33.50 8.25 -20.53
C GLY E 272 -32.20 7.98 -21.29
N GLN E 273 -31.62 9.04 -21.85
CA GLN E 273 -30.38 8.94 -22.62
C GLN E 273 -29.16 8.83 -21.73
N TYR E 274 -28.26 7.91 -22.07
CA TYR E 274 -27.02 7.78 -21.31
C TYR E 274 -25.92 7.25 -22.23
N THR E 275 -24.67 7.33 -21.78
CA THR E 275 -23.55 6.88 -22.60
C THR E 275 -22.59 5.97 -21.86
N TRP E 276 -21.75 5.28 -22.62
CA TRP E 276 -20.78 4.36 -22.07
C TRP E 276 -19.89 5.04 -21.02
N ASP E 277 -19.55 6.30 -21.25
CA ASP E 277 -18.69 7.03 -20.31
C ASP E 277 -19.48 7.54 -19.10
N MET E 278 -20.77 7.26 -19.07
CA MET E 278 -21.61 7.65 -17.93
C MET E 278 -21.77 6.43 -17.02
N ALA E 279 -21.71 5.24 -17.61
CA ALA E 279 -21.89 3.98 -16.90
C ALA E 279 -20.70 3.54 -16.05
N LYS E 280 -20.99 3.14 -14.82
CA LYS E 280 -19.97 2.69 -13.89
C LYS E 280 -18.90 1.82 -14.55
N HIS E 281 -19.31 0.72 -15.19
CA HIS E 281 -18.37 -0.18 -15.84
C HIS E 281 -18.31 -0.02 -17.35
N GLY E 282 -18.91 1.04 -17.86
CA GLY E 282 -18.87 1.26 -19.29
C GLY E 282 -19.80 0.38 -20.11
N THR E 283 -20.80 -0.22 -19.49
CA THR E 283 -21.72 -1.08 -20.24
C THR E 283 -23.15 -0.53 -20.24
N ASP E 284 -24.02 -1.13 -21.05
CA ASP E 284 -25.40 -0.68 -21.09
C ASP E 284 -26.13 -1.31 -19.91
N ASP E 285 -26.00 -0.65 -18.76
CA ASP E 285 -26.56 -1.08 -17.48
C ASP E 285 -27.82 -0.35 -17.03
N GLY E 286 -28.58 0.20 -17.97
CA GLY E 286 -29.80 0.90 -17.59
C GLY E 286 -31.04 0.03 -17.69
N VAL E 287 -32.21 0.63 -17.43
CA VAL E 287 -33.47 -0.10 -17.53
C VAL E 287 -33.67 -0.19 -19.04
N VAL E 288 -33.04 -1.18 -19.64
CA VAL E 288 -33.04 -1.36 -21.08
C VAL E 288 -33.92 -2.43 -21.70
N TRP E 289 -34.29 -2.19 -22.96
CA TRP E 289 -35.06 -3.13 -23.77
C TRP E 289 -34.59 -2.80 -25.20
N MET E 290 -33.41 -3.30 -25.53
CA MET E 290 -32.79 -3.07 -26.83
C MET E 290 -33.74 -3.13 -28.02
N ASN E 291 -34.62 -4.13 -28.05
CA ASN E 291 -35.53 -4.27 -29.18
C ASN E 291 -36.47 -3.10 -29.43
N TRP E 292 -36.43 -2.08 -28.59
CA TRP E 292 -37.30 -0.93 -28.80
C TRP E 292 -36.55 0.38 -28.80
N LYS E 293 -35.52 0.50 -27.95
CA LYS E 293 -34.77 1.75 -27.87
C LYS E 293 -33.27 1.56 -27.88
N GLY E 294 -32.80 0.34 -28.13
CA GLY E 294 -31.37 0.11 -28.15
C GLY E 294 -30.75 0.02 -26.76
N SER E 295 -29.43 -0.10 -26.71
CA SER E 295 -28.70 -0.24 -25.45
C SER E 295 -28.50 1.02 -24.62
N TRP E 296 -28.61 2.19 -25.24
CA TRP E 296 -28.36 3.40 -24.48
C TRP E 296 -29.53 4.28 -24.15
N TYR E 297 -30.63 3.65 -23.74
CA TYR E 297 -31.82 4.39 -23.35
C TYR E 297 -32.49 3.68 -22.20
N SER E 298 -32.59 4.37 -21.07
CA SER E 298 -33.19 3.81 -19.86
C SER E 298 -34.65 4.26 -19.72
N MET E 299 -35.57 3.30 -19.67
CA MET E 299 -37.00 3.59 -19.57
C MET E 299 -37.41 4.48 -18.40
N ARG E 300 -38.56 5.13 -18.52
CA ARG E 300 -39.04 5.94 -17.40
C ARG E 300 -39.88 5.00 -16.55
N LYS E 301 -40.58 4.09 -17.21
CA LYS E 301 -41.40 3.11 -16.51
C LYS E 301 -41.14 1.73 -17.10
N MET E 302 -41.15 0.73 -16.23
CA MET E 302 -40.94 -0.66 -16.61
C MET E 302 -41.60 -1.49 -15.50
N SER E 303 -42.33 -2.53 -15.85
CA SER E 303 -42.98 -3.35 -14.84
C SER E 303 -43.24 -4.76 -15.36
N MET E 304 -43.45 -5.67 -14.42
CA MET E 304 -43.72 -7.07 -14.72
C MET E 304 -44.90 -7.58 -13.89
N LYS E 305 -45.95 -8.06 -14.55
CA LYS E 305 -47.08 -8.58 -13.81
C LYS E 305 -47.52 -9.91 -14.37
N ILE E 306 -48.18 -10.71 -13.53
CA ILE E 306 -48.61 -12.03 -13.94
C ILE E 306 -50.05 -12.30 -13.56
N ARG E 307 -50.59 -13.37 -14.13
CA ARG E 307 -51.97 -13.75 -13.89
C ARG E 307 -52.17 -15.18 -14.42
N PRO E 308 -53.06 -15.95 -13.78
CA PRO E 308 -53.33 -17.32 -14.23
C PRO E 308 -53.77 -17.27 -15.68
N PHE E 309 -53.21 -18.13 -16.52
CA PHE E 309 -53.58 -18.14 -17.93
C PHE E 309 -54.73 -19.05 -18.28
N PHE E 310 -55.94 -18.51 -18.29
CA PHE E 310 -57.12 -19.28 -18.63
C PHE E 310 -57.24 -19.21 -20.15
N PRO E 311 -56.74 -20.25 -20.85
CA PRO E 311 -56.77 -20.31 -22.32
C PRO E 311 -58.09 -19.82 -22.93
N HIS F 8 9.03 30.24 -10.95
CA HIS F 8 8.23 29.50 -11.96
C HIS F 8 7.90 28.08 -11.51
N ASP F 9 8.93 27.32 -11.14
CA ASP F 9 8.77 25.94 -10.70
C ASP F 9 7.64 25.77 -9.68
N SER F 10 7.35 26.83 -8.93
CA SER F 10 6.29 26.80 -7.92
C SER F 10 4.92 26.52 -8.51
N SER F 11 4.57 27.27 -9.56
CA SER F 11 3.28 27.12 -10.22
C SER F 11 3.23 25.91 -11.17
N ILE F 12 3.96 24.86 -10.80
CA ILE F 12 3.99 23.63 -11.59
C ILE F 12 4.08 22.43 -10.67
N ARG F 13 4.44 22.68 -9.41
CA ARG F 13 4.53 21.63 -8.39
C ARG F 13 3.20 21.63 -7.64
N TYR F 14 2.50 22.75 -7.74
CA TYR F 14 1.20 22.94 -7.10
C TYR F 14 0.12 22.33 -8.00
N LEU F 15 0.27 22.52 -9.30
CA LEU F 15 -0.69 22.00 -10.27
C LEU F 15 -0.73 20.47 -10.27
N GLN F 16 -0.05 19.85 -9.32
CA GLN F 16 -0.04 18.40 -9.23
C GLN F 16 -0.47 17.99 -7.84
N GLU F 17 -0.06 18.79 -6.84
CA GLU F 17 -0.42 18.52 -5.45
C GLU F 17 -1.93 18.43 -5.31
N ILE F 18 -2.65 19.27 -6.06
CA ILE F 18 -4.10 19.27 -6.00
C ILE F 18 -4.68 18.06 -6.72
N TYR F 19 -4.09 17.69 -7.85
CA TYR F 19 -4.57 16.54 -8.60
C TYR F 19 -4.53 15.32 -7.70
N ASN F 20 -3.37 15.10 -7.09
CA ASN F 20 -3.17 13.96 -6.20
C ASN F 20 -4.03 14.07 -4.95
N SER F 21 -4.35 15.30 -4.55
CA SER F 21 -5.18 15.51 -3.37
C SER F 21 -6.63 15.19 -3.72
N ASN F 22 -7.04 15.58 -4.93
CA ASN F 22 -8.39 15.31 -5.41
C ASN F 22 -8.57 13.80 -5.43
N ASN F 23 -7.62 13.12 -6.04
CA ASN F 23 -7.64 11.67 -6.16
C ASN F 23 -7.99 11.02 -4.83
N GLN F 24 -7.40 11.52 -3.74
CA GLN F 24 -7.67 10.94 -2.43
C GLN F 24 -9.02 11.35 -1.87
N LYS F 25 -9.45 12.59 -2.15
CA LYS F 25 -10.75 13.03 -1.66
C LYS F 25 -11.78 12.15 -2.37
N ILE F 26 -11.52 11.89 -3.65
CA ILE F 26 -12.38 11.06 -4.46
C ILE F 26 -12.38 9.63 -3.93
N VAL F 27 -11.20 9.14 -3.56
CA VAL F 27 -11.10 7.79 -3.01
C VAL F 27 -11.98 7.76 -1.78
N ASN F 28 -11.82 8.76 -0.92
CA ASN F 28 -12.61 8.83 0.29
C ASN F 28 -14.10 9.03 -0.01
N LEU F 29 -14.39 9.88 -0.99
CA LEU F 29 -15.77 10.15 -1.36
C LEU F 29 -16.45 8.83 -1.72
N LYS F 30 -15.86 8.10 -2.66
CA LYS F 30 -16.41 6.83 -3.08
C LYS F 30 -16.64 5.93 -1.87
N GLU F 31 -15.73 5.94 -0.91
CA GLU F 31 -15.92 5.13 0.27
C GLU F 31 -17.15 5.63 1.01
N LYS F 32 -17.34 6.95 1.00
CA LYS F 32 -18.49 7.54 1.68
C LYS F 32 -19.78 7.12 0.99
N VAL F 33 -19.75 7.14 -0.34
CA VAL F 33 -20.92 6.74 -1.13
C VAL F 33 -21.32 5.31 -0.73
N ALA F 34 -20.32 4.46 -0.54
CA ALA F 34 -20.57 3.07 -0.17
C ALA F 34 -21.23 2.95 1.19
N GLN F 35 -20.88 3.83 2.11
CA GLN F 35 -21.46 3.80 3.45
C GLN F 35 -22.94 4.19 3.34
N LEU F 36 -23.21 5.17 2.49
CA LEU F 36 -24.56 5.66 2.25
C LEU F 36 -25.47 4.56 1.70
N ALA F 37 -24.97 3.80 0.73
CA ALA F 37 -25.75 2.72 0.13
C ALA F 37 -26.24 1.75 1.19
N ALA F 38 -25.39 1.41 2.15
CA ALA F 38 -25.77 0.48 3.20
C ALA F 38 -26.89 1.05 4.05
N GLN F 39 -27.16 2.35 3.87
CA GLN F 39 -28.20 3.02 4.63
C GLN F 39 -29.49 3.23 3.84
N CYS F 40 -29.48 2.82 2.57
CA CYS F 40 -30.65 2.98 1.72
C CYS F 40 -31.18 1.64 1.19
N GLN F 41 -31.11 0.60 2.01
CA GLN F 41 -31.60 -0.73 1.61
C GLN F 41 -32.97 -1.10 2.17
N GLU F 42 -33.36 -0.53 3.31
CA GLU F 42 -34.65 -0.86 3.90
C GLU F 42 -35.81 -0.19 3.19
N PRO F 43 -37.00 -0.79 3.30
CA PRO F 43 -38.23 -0.25 2.68
C PRO F 43 -38.81 0.76 3.65
N CYS F 44 -39.70 1.64 3.18
CA CYS F 44 -40.32 2.60 4.10
C CYS F 44 -41.02 1.77 5.15
N LYS F 45 -41.04 2.25 6.40
CA LYS F 45 -41.69 1.51 7.45
C LYS F 45 -43.20 1.73 7.39
N ASP F 46 -43.96 0.64 7.42
CA ASP F 46 -45.42 0.71 7.38
C ASP F 46 -45.92 0.90 8.81
N THR F 47 -46.83 1.85 9.02
CA THR F 47 -47.37 2.06 10.36
C THR F 47 -48.34 0.95 10.74
N VAL F 48 -48.98 0.34 9.77
CA VAL F 48 -49.91 -0.73 10.13
C VAL F 48 -49.12 -2.04 10.15
N GLN F 49 -49.28 -2.78 11.23
CA GLN F 49 -48.60 -4.05 11.42
C GLN F 49 -49.61 -5.09 11.84
N ILE F 50 -49.28 -6.35 11.57
CA ILE F 50 -50.14 -7.46 11.95
C ILE F 50 -49.45 -8.25 13.05
N HIS F 51 -50.14 -8.44 14.18
CA HIS F 51 -49.57 -9.20 15.30
C HIS F 51 -49.28 -10.66 14.96
N ASP F 52 -48.33 -11.26 15.69
CA ASP F 52 -47.93 -12.65 15.47
C ASP F 52 -48.81 -13.70 16.13
N ILE F 53 -49.46 -13.34 17.24
CA ILE F 53 -50.34 -14.27 17.94
C ILE F 53 -51.53 -14.61 17.04
N THR F 54 -51.87 -15.88 16.96
CA THR F 54 -52.98 -16.31 16.14
C THR F 54 -53.81 -17.38 16.87
N GLY F 55 -55.05 -17.57 16.45
CA GLY F 55 -55.90 -18.56 17.08
C GLY F 55 -57.19 -18.83 16.33
N LYS F 56 -58.13 -19.53 16.97
CA LYS F 56 -59.42 -19.88 16.38
C LYS F 56 -60.30 -18.64 16.21
N ASP F 57 -60.16 -17.71 17.15
CA ASP F 57 -60.90 -16.46 17.13
C ASP F 57 -60.19 -15.49 18.06
N CYS F 58 -60.66 -14.25 18.12
CA CYS F 58 -60.02 -13.26 18.97
C CYS F 58 -60.03 -13.62 20.47
N GLN F 59 -60.98 -14.44 20.89
CA GLN F 59 -61.01 -14.81 22.29
C GLN F 59 -59.85 -15.75 22.59
N ASP F 60 -59.59 -16.65 21.65
CA ASP F 60 -58.50 -17.63 21.75
C ASP F 60 -57.19 -16.85 21.78
N ILE F 61 -57.15 -15.75 21.04
CA ILE F 61 -55.97 -14.92 20.98
C ILE F 61 -55.77 -14.16 22.29
N ALA F 62 -56.85 -13.68 22.89
CA ALA F 62 -56.74 -12.96 24.16
C ALA F 62 -56.20 -13.93 25.22
N ASN F 63 -56.80 -15.12 25.28
CA ASN F 63 -56.37 -16.11 26.25
C ASN F 63 -54.86 -16.42 26.13
N LYS F 64 -54.33 -16.36 24.92
CA LYS F 64 -52.93 -16.65 24.70
C LYS F 64 -51.99 -15.54 25.15
N GLY F 65 -52.55 -14.42 25.61
CA GLY F 65 -51.69 -13.34 26.07
C GLY F 65 -51.81 -12.00 25.37
N ALA F 66 -52.39 -11.98 24.17
CA ALA F 66 -52.55 -10.72 23.43
C ALA F 66 -53.20 -9.69 24.34
N LYS F 67 -52.71 -8.46 24.29
CA LYS F 67 -53.24 -7.42 25.16
C LYS F 67 -53.47 -6.15 24.36
N GLN F 68 -53.59 -6.26 23.05
CA GLN F 68 -53.78 -5.06 22.26
C GLN F 68 -54.72 -5.20 21.08
N SER F 69 -55.71 -4.31 21.01
CA SER F 69 -56.63 -4.36 19.90
C SER F 69 -55.84 -4.10 18.62
N GLY F 70 -56.23 -4.74 17.55
CA GLY F 70 -55.53 -4.57 16.28
C GLY F 70 -55.81 -5.69 15.30
N LEU F 71 -54.88 -5.87 14.36
CA LEU F 71 -55.05 -6.89 13.35
C LEU F 71 -54.33 -8.20 13.62
N TYR F 72 -55.06 -9.30 13.49
CA TYR F 72 -54.51 -10.64 13.70
C TYR F 72 -55.11 -11.59 12.67
N PHE F 73 -54.47 -12.74 12.49
CA PHE F 73 -54.95 -13.77 11.58
C PHE F 73 -55.66 -14.79 12.45
N ILE F 74 -56.83 -15.26 12.02
CA ILE F 74 -57.50 -16.32 12.78
C ILE F 74 -57.80 -17.47 11.85
N LYS F 75 -57.94 -18.66 12.42
CA LYS F 75 -58.23 -19.82 11.61
C LYS F 75 -59.17 -20.75 12.35
N PRO F 76 -60.48 -20.56 12.16
CA PRO F 76 -61.48 -21.40 12.83
C PRO F 76 -61.25 -22.87 12.51
N LEU F 77 -61.67 -23.74 13.42
CA LEU F 77 -61.49 -25.17 13.24
C LEU F 77 -61.71 -25.71 11.83
N LYS F 78 -62.89 -25.49 11.27
CA LYS F 78 -63.17 -26.01 9.95
C LYS F 78 -62.89 -25.09 8.78
N ALA F 79 -61.90 -24.22 8.91
CA ALA F 79 -61.57 -23.29 7.82
C ALA F 79 -60.40 -23.81 6.98
N ASN F 80 -60.40 -23.47 5.70
CA ASN F 80 -59.32 -23.91 4.80
C ASN F 80 -58.03 -23.13 5.06
N GLN F 81 -58.13 -21.81 5.00
CA GLN F 81 -56.99 -20.93 5.23
C GLN F 81 -57.34 -19.96 6.35
N GLN F 82 -56.35 -19.19 6.81
CA GLN F 82 -56.61 -18.20 7.82
C GLN F 82 -56.96 -16.92 7.07
N PHE F 83 -57.47 -15.93 7.79
CA PHE F 83 -57.81 -14.65 7.20
C PHE F 83 -57.59 -13.59 8.26
N LEU F 84 -57.51 -12.35 7.84
CA LEU F 84 -57.27 -11.25 8.76
C LEU F 84 -58.54 -10.70 9.38
N VAL F 85 -58.46 -10.30 10.65
CA VAL F 85 -59.61 -9.69 11.32
C VAL F 85 -59.08 -8.62 12.23
N TYR F 86 -60.00 -7.81 12.74
CA TYR F 86 -59.66 -6.76 13.69
C TYR F 86 -60.16 -7.29 15.02
N CYS F 87 -59.27 -7.40 15.99
CA CYS F 87 -59.64 -7.88 17.31
C CYS F 87 -59.73 -6.74 18.29
N GLU F 88 -60.78 -6.77 19.11
CA GLU F 88 -60.96 -5.78 20.15
C GLU F 88 -60.65 -6.55 21.42
N ILE F 89 -59.61 -6.10 22.13
CA ILE F 89 -59.18 -6.77 23.35
C ILE F 89 -59.18 -5.76 24.51
N ASP F 90 -59.99 -6.03 25.53
CA ASP F 90 -60.10 -5.12 26.67
C ASP F 90 -59.22 -5.50 27.86
N GLY F 91 -59.28 -4.68 28.91
CA GLY F 91 -58.49 -4.93 30.10
C GLY F 91 -58.97 -6.10 30.93
N SER F 92 -59.99 -6.82 30.45
CA SER F 92 -60.52 -7.97 31.18
C SER F 92 -60.32 -9.30 30.46
N GLY F 93 -59.46 -9.31 29.45
CA GLY F 93 -59.22 -10.55 28.73
C GLY F 93 -60.30 -10.93 27.73
N ASN F 94 -61.14 -9.98 27.35
CA ASN F 94 -62.17 -10.28 26.39
C ASN F 94 -61.65 -9.97 25.00
N GLY F 95 -61.85 -10.93 24.10
CA GLY F 95 -61.44 -10.74 22.72
C GLY F 95 -62.64 -10.80 21.79
N TRP F 96 -63.06 -9.64 21.27
CA TRP F 96 -64.19 -9.61 20.35
C TRP F 96 -63.71 -9.63 18.90
N THR F 97 -64.36 -10.43 18.06
CA THR F 97 -64.01 -10.44 16.64
C THR F 97 -65.05 -9.51 16.01
N VAL F 98 -64.61 -8.37 15.51
CA VAL F 98 -65.52 -7.40 14.89
C VAL F 98 -65.76 -7.71 13.42
N PHE F 99 -67.02 -7.83 13.01
CA PHE F 99 -67.28 -8.14 11.60
C PHE F 99 -68.00 -7.05 10.79
N GLN F 100 -68.34 -5.94 11.43
CA GLN F 100 -69.00 -4.84 10.75
C GLN F 100 -68.69 -3.52 11.45
N LYS F 101 -68.40 -2.48 10.66
CA LYS F 101 -68.08 -1.17 11.24
C LYS F 101 -68.48 -0.01 10.33
N ARG F 102 -69.24 0.93 10.91
CA ARG F 102 -69.67 2.13 10.19
C ARG F 102 -69.23 3.29 11.06
N LEU F 103 -68.68 4.35 10.45
CA LEU F 103 -68.27 5.50 11.25
C LEU F 103 -68.14 6.83 10.51
N ASP F 104 -68.04 6.82 9.18
CA ASP F 104 -67.93 8.09 8.45
C ASP F 104 -68.48 8.08 7.02
N GLY F 105 -69.17 7.00 6.66
CA GLY F 105 -69.73 6.89 5.32
C GLY F 105 -68.70 6.92 4.21
N SER F 106 -67.48 6.48 4.50
CA SER F 106 -66.41 6.44 3.51
C SER F 106 -66.46 5.22 2.61
N VAL F 107 -67.22 4.21 3.01
CA VAL F 107 -67.31 3.00 2.21
C VAL F 107 -68.72 2.79 1.70
N ASP F 108 -68.82 2.37 0.45
CA ASP F 108 -70.12 2.14 -0.15
C ASP F 108 -70.61 0.74 0.19
N PHE F 109 -71.81 0.64 0.76
CA PHE F 109 -72.37 -0.67 1.13
C PHE F 109 -73.36 -1.28 0.14
N LYS F 110 -73.53 -0.65 -1.02
CA LYS F 110 -74.41 -1.18 -2.04
C LYS F 110 -73.51 -2.18 -2.78
N LYS F 111 -73.37 -3.37 -2.23
CA LYS F 111 -72.50 -4.39 -2.85
C LYS F 111 -73.27 -5.64 -3.22
N ASN F 112 -72.70 -6.47 -4.08
CA ASN F 112 -73.38 -7.69 -4.49
C ASN F 112 -73.18 -8.90 -3.59
N TRP F 113 -73.79 -10.02 -3.97
CA TRP F 113 -73.72 -11.25 -3.18
C TRP F 113 -72.31 -11.75 -2.93
N ILE F 114 -71.47 -11.67 -3.95
CA ILE F 114 -70.11 -12.14 -3.79
C ILE F 114 -69.28 -11.22 -2.89
N GLN F 115 -69.44 -9.91 -3.06
CA GLN F 115 -68.70 -8.96 -2.24
C GLN F 115 -69.10 -9.07 -0.77
N TYR F 116 -70.38 -9.35 -0.52
CA TYR F 116 -70.87 -9.51 0.86
C TYR F 116 -70.44 -10.86 1.43
N LYS F 117 -70.16 -11.80 0.53
CA LYS F 117 -69.73 -13.12 0.94
C LYS F 117 -68.25 -13.11 1.29
N GLU F 118 -67.46 -12.42 0.46
CA GLU F 118 -66.02 -12.35 0.65
C GLU F 118 -65.56 -11.22 1.55
N GLY F 119 -66.38 -10.17 1.68
CA GLY F 119 -66.03 -9.03 2.51
C GLY F 119 -65.53 -7.84 1.71
N PHE F 120 -65.69 -6.63 2.25
CA PHE F 120 -65.23 -5.41 1.58
C PHE F 120 -64.86 -4.34 2.61
N GLY F 121 -64.17 -3.29 2.15
CA GLY F 121 -63.73 -2.24 3.04
C GLY F 121 -62.29 -2.52 3.45
N HIS F 122 -61.79 -1.80 4.46
CA HIS F 122 -60.41 -1.97 4.93
C HIS F 122 -60.33 -2.19 6.44
N LEU F 123 -59.31 -2.94 6.85
CA LEU F 123 -59.05 -3.23 8.25
C LEU F 123 -57.92 -2.33 8.71
N SER F 124 -58.06 -1.72 9.87
CA SER F 124 -57.04 -0.83 10.41
C SER F 124 -56.73 -1.20 11.87
N PRO F 125 -55.46 -1.03 12.29
CA PRO F 125 -55.04 -1.35 13.65
C PRO F 125 -55.77 -0.51 14.67
N THR F 126 -56.08 0.73 14.30
CA THR F 126 -56.77 1.65 15.21
C THR F 126 -58.28 1.48 15.22
N GLY F 127 -58.77 0.55 14.41
CA GLY F 127 -60.20 0.31 14.35
C GLY F 127 -60.97 1.56 13.95
N THR F 128 -60.46 2.29 12.97
CA THR F 128 -61.12 3.50 12.53
C THR F 128 -61.56 3.44 11.06
N THR F 129 -61.83 2.25 10.55
CA THR F 129 -62.24 2.10 9.17
C THR F 129 -63.52 1.32 9.02
N GLU F 130 -64.28 1.60 7.96
CA GLU F 130 -65.54 0.91 7.71
C GLU F 130 -65.28 -0.39 6.96
N PHE F 131 -66.09 -1.40 7.25
CA PHE F 131 -65.89 -2.67 6.57
C PHE F 131 -66.96 -3.71 6.90
N TRP F 132 -67.01 -4.74 6.07
CA TRP F 132 -67.90 -5.87 6.25
C TRP F 132 -66.91 -7.03 6.10
N LEU F 133 -66.79 -7.86 7.14
CA LEU F 133 -65.81 -8.95 7.14
C LEU F 133 -66.01 -10.02 6.10
N GLY F 134 -67.26 -10.41 5.86
CA GLY F 134 -67.55 -11.45 4.89
C GLY F 134 -68.43 -12.52 5.54
N ASN F 135 -69.53 -12.86 4.87
CA ASN F 135 -70.46 -13.85 5.39
C ASN F 135 -69.82 -15.22 5.60
N GLU F 136 -68.99 -15.65 4.67
CA GLU F 136 -68.34 -16.95 4.81
C GLU F 136 -67.52 -16.96 6.09
N LYS F 137 -66.71 -15.93 6.29
CA LYS F 137 -65.91 -15.84 7.50
C LYS F 137 -66.81 -15.82 8.75
N ILE F 138 -67.83 -14.97 8.74
CA ILE F 138 -68.73 -14.88 9.88
C ILE F 138 -69.36 -16.23 10.16
N HIS F 139 -69.65 -16.97 9.09
CA HIS F 139 -70.26 -18.28 9.27
C HIS F 139 -69.27 -19.22 9.94
N LEU F 140 -68.03 -19.21 9.46
CA LEU F 140 -66.98 -20.07 10.00
C LEU F 140 -66.74 -19.84 11.50
N ILE F 141 -66.68 -18.58 11.89
CA ILE F 141 -66.45 -18.24 13.28
C ILE F 141 -67.61 -18.59 14.21
N SER F 142 -68.83 -18.30 13.77
CA SER F 142 -70.02 -18.55 14.58
C SER F 142 -70.43 -20.01 14.70
N THR F 143 -69.91 -20.88 13.83
CA THR F 143 -70.30 -22.28 13.87
C THR F 143 -69.18 -23.28 14.14
N GLN F 144 -68.13 -22.84 14.83
CA GLN F 144 -67.02 -23.72 15.20
C GLN F 144 -67.65 -24.72 16.16
N SER F 145 -67.49 -26.00 15.87
CA SER F 145 -68.06 -27.06 16.70
C SER F 145 -68.33 -26.71 18.16
N ALA F 146 -69.60 -26.87 18.54
CA ALA F 146 -70.11 -26.65 19.89
C ALA F 146 -69.41 -25.60 20.76
N ILE F 147 -69.69 -24.34 20.51
CA ILE F 147 -69.11 -23.23 21.27
C ILE F 147 -70.06 -22.09 21.00
N PRO F 148 -71.06 -21.90 21.86
CA PRO F 148 -72.00 -20.81 21.61
C PRO F 148 -71.37 -19.42 21.64
N TYR F 149 -71.73 -18.60 20.66
CA TYR F 149 -71.24 -17.22 20.57
C TYR F 149 -72.35 -16.25 20.88
N ALA F 150 -71.96 -15.04 21.27
CA ALA F 150 -72.90 -14.00 21.57
C ALA F 150 -72.57 -12.88 20.58
N LEU F 151 -73.59 -12.12 20.21
CA LEU F 151 -73.41 -11.03 19.26
C LEU F 151 -73.75 -9.72 19.92
N ARG F 152 -72.87 -8.73 19.77
CA ARG F 152 -73.15 -7.43 20.33
C ARG F 152 -73.22 -6.38 19.25
N VAL F 153 -74.24 -5.54 19.35
CA VAL F 153 -74.44 -4.45 18.43
C VAL F 153 -74.23 -3.18 19.24
N GLU F 154 -73.45 -2.25 18.71
CA GLU F 154 -73.20 -0.98 19.39
C GLU F 154 -73.54 0.18 18.46
N LEU F 155 -74.19 1.20 19.01
CA LEU F 155 -74.57 2.37 18.23
C LEU F 155 -74.15 3.66 18.92
N GLU F 156 -73.97 4.71 18.14
CA GLU F 156 -73.61 6.03 18.67
C GLU F 156 -74.34 7.05 17.80
N ASP F 157 -75.16 7.91 18.42
CA ASP F 157 -75.89 8.92 17.66
C ASP F 157 -74.97 10.06 17.29
N TRP F 158 -75.55 11.14 16.77
CA TRP F 158 -74.73 12.27 16.37
C TRP F 158 -74.58 13.28 17.50
N ASN F 159 -75.14 12.93 18.65
CA ASN F 159 -75.06 13.77 19.83
C ASN F 159 -73.94 13.31 20.75
N GLY F 160 -73.43 12.11 20.51
CA GLY F 160 -72.35 11.59 21.32
C GLY F 160 -72.71 10.48 22.27
N ARG F 161 -73.97 10.07 22.28
CA ARG F 161 -74.41 9.00 23.16
C ARG F 161 -74.35 7.66 22.45
N THR F 162 -74.12 6.59 23.20
CA THR F 162 -74.06 5.25 22.64
C THR F 162 -74.99 4.28 23.36
N SER F 163 -75.28 3.16 22.72
CA SER F 163 -76.15 2.14 23.30
C SER F 163 -75.74 0.79 22.72
N THR F 164 -76.24 -0.29 23.30
CA THR F 164 -75.87 -1.62 22.82
C THR F 164 -77.04 -2.59 22.88
N ALA F 165 -76.89 -3.70 22.17
CA ALA F 165 -77.92 -4.73 22.14
C ALA F 165 -77.23 -6.08 21.96
N ASP F 166 -77.41 -6.97 22.92
CA ASP F 166 -76.78 -8.27 22.86
C ASP F 166 -77.71 -9.41 22.47
N TYR F 167 -77.16 -10.38 21.73
CA TYR F 167 -77.90 -11.55 21.27
C TYR F 167 -77.16 -12.84 21.61
N ALA F 168 -77.85 -13.77 22.26
CA ALA F 168 -77.24 -15.02 22.69
C ALA F 168 -77.36 -16.14 21.67
N MET F 169 -76.34 -16.99 21.65
CA MET F 169 -76.32 -18.11 20.74
C MET F 169 -76.44 -17.64 19.29
N PHE F 170 -75.62 -16.66 18.92
CA PHE F 170 -75.59 -16.09 17.57
C PHE F 170 -74.91 -17.02 16.58
N LYS F 171 -75.47 -17.13 15.39
CA LYS F 171 -74.91 -17.97 14.34
C LYS F 171 -75.31 -17.44 12.96
N VAL F 172 -74.53 -17.81 11.94
CA VAL F 172 -74.81 -17.42 10.57
C VAL F 172 -74.58 -18.68 9.76
N GLY F 173 -75.64 -19.16 9.11
CA GLY F 173 -75.54 -20.38 8.34
C GLY F 173 -74.64 -20.31 7.12
N PRO F 174 -74.49 -21.43 6.41
CA PRO F 174 -73.67 -21.58 5.20
C PRO F 174 -74.31 -20.99 3.94
N GLU F 175 -73.49 -20.75 2.92
CA GLU F 175 -73.98 -20.21 1.67
C GLU F 175 -75.14 -21.05 1.15
N ALA F 176 -75.16 -22.32 1.55
CA ALA F 176 -76.22 -23.23 1.11
C ALA F 176 -77.56 -22.72 1.62
N ASP F 177 -77.59 -22.24 2.85
CA ASP F 177 -78.83 -21.73 3.42
C ASP F 177 -78.80 -20.21 3.46
N LYS F 178 -78.14 -19.61 2.47
CA LYS F 178 -78.05 -18.15 2.34
C LYS F 178 -77.58 -17.41 3.58
N TYR F 179 -76.60 -17.95 4.28
CA TYR F 179 -76.07 -17.29 5.46
C TYR F 179 -77.16 -16.80 6.40
N ARG F 180 -78.12 -17.67 6.69
CA ARG F 180 -79.23 -17.33 7.58
C ARG F 180 -78.77 -16.90 8.96
N LEU F 181 -79.42 -15.87 9.48
CA LEU F 181 -79.12 -15.32 10.79
C LEU F 181 -80.01 -16.00 11.83
N THR F 182 -79.42 -16.41 12.96
CA THR F 182 -80.21 -17.05 14.02
C THR F 182 -79.60 -16.80 15.41
N TYR F 183 -80.45 -16.86 16.42
CA TYR F 183 -80.03 -16.67 17.80
C TYR F 183 -81.13 -17.17 18.74
N ALA F 184 -80.74 -17.75 19.87
CA ALA F 184 -81.71 -18.28 20.83
C ALA F 184 -82.60 -17.20 21.42
N TYR F 185 -82.00 -16.09 21.82
CA TYR F 185 -82.80 -15.02 22.41
C TYR F 185 -82.02 -13.73 22.57
N PHE F 186 -82.75 -12.68 22.92
CA PHE F 186 -82.20 -11.35 23.14
C PHE F 186 -81.62 -11.30 24.54
N ALA F 187 -80.39 -10.80 24.68
CA ALA F 187 -79.77 -10.74 25.99
C ALA F 187 -79.75 -9.36 26.63
N GLY F 188 -80.52 -8.42 26.09
CA GLY F 188 -80.53 -7.10 26.69
C GLY F 188 -79.72 -6.01 26.01
N GLY F 189 -79.88 -4.79 26.51
CA GLY F 189 -79.16 -3.66 25.95
C GLY F 189 -80.06 -2.45 25.83
N ASP F 190 -79.56 -1.31 26.29
CA ASP F 190 -80.32 -0.06 26.29
C ASP F 190 -80.62 0.46 24.89
N ALA F 191 -80.38 -0.36 23.87
CA ALA F 191 -80.63 0.05 22.49
C ALA F 191 -81.94 -0.56 22.03
N GLY F 192 -82.38 -1.59 22.74
CA GLY F 192 -83.63 -2.23 22.38
C GLY F 192 -83.40 -3.41 21.46
N ASP F 193 -84.33 -4.35 21.50
CA ASP F 193 -84.25 -5.53 20.68
C ASP F 193 -84.94 -5.32 19.33
N ALA F 194 -84.22 -4.68 18.41
CA ALA F 194 -84.76 -4.40 17.08
C ALA F 194 -84.91 -5.63 16.19
N PHE F 195 -84.27 -6.74 16.55
CA PHE F 195 -84.38 -7.96 15.75
C PHE F 195 -85.69 -8.67 16.00
N ASP F 196 -86.38 -8.26 17.05
CA ASP F 196 -87.66 -8.86 17.38
C ASP F 196 -88.71 -8.21 16.50
N GLY F 197 -88.29 -7.18 15.75
CA GLY F 197 -89.21 -6.47 14.89
C GLY F 197 -89.78 -5.28 15.62
N PHE F 198 -90.31 -4.33 14.87
CA PHE F 198 -90.89 -3.14 15.48
C PHE F 198 -92.30 -2.91 14.94
N ASP F 199 -93.15 -2.32 15.76
CA ASP F 199 -94.51 -2.05 15.33
C ASP F 199 -94.55 -0.60 14.88
N PHE F 200 -94.27 -0.39 13.60
CA PHE F 200 -94.25 0.95 13.03
C PHE F 200 -95.64 1.57 13.08
N GLY F 201 -96.65 0.71 13.21
CA GLY F 201 -98.02 1.17 13.31
C GLY F 201 -98.80 1.17 12.01
N ASP F 202 -98.14 1.45 10.89
CA ASP F 202 -98.83 1.48 9.62
C ASP F 202 -99.63 0.19 9.36
N ASP F 203 -99.41 -0.83 10.19
CA ASP F 203 -100.13 -2.08 10.02
C ASP F 203 -100.01 -3.03 11.20
N PRO F 204 -101.09 -3.76 11.50
CA PRO F 204 -101.18 -4.72 12.61
C PRO F 204 -100.10 -5.80 12.59
N SER F 205 -99.67 -6.21 11.40
CA SER F 205 -98.65 -7.25 11.30
C SER F 205 -97.28 -6.69 10.90
N ASP F 206 -97.05 -5.40 11.18
CA ASP F 206 -95.77 -4.78 10.85
C ASP F 206 -94.60 -5.39 11.65
N LYS F 207 -94.80 -5.57 12.95
CA LYS F 207 -93.76 -6.15 13.79
C LYS F 207 -93.33 -7.49 13.18
N PHE F 208 -94.30 -8.36 12.95
CA PHE F 208 -94.04 -9.67 12.36
C PHE F 208 -93.14 -9.62 11.12
N PHE F 209 -93.37 -8.64 10.26
CA PHE F 209 -92.60 -8.50 9.03
C PHE F 209 -91.30 -7.74 9.12
N THR F 210 -91.00 -7.17 10.29
CA THR F 210 -89.76 -6.42 10.44
C THR F 210 -88.81 -7.04 11.47
N SER F 211 -88.96 -8.33 11.73
CA SER F 211 -88.09 -9.03 12.67
C SER F 211 -87.02 -9.71 11.83
N HIS F 212 -85.88 -10.05 12.44
CA HIS F 212 -84.81 -10.65 11.66
C HIS F 212 -84.36 -12.05 11.96
N ASN F 213 -84.61 -12.54 13.17
CA ASN F 213 -84.21 -13.91 13.52
C ASN F 213 -84.70 -14.86 12.44
N GLY F 214 -83.85 -15.77 11.99
CA GLY F 214 -84.26 -16.71 10.96
C GLY F 214 -84.26 -16.22 9.52
N MET F 215 -84.04 -14.92 9.32
CA MET F 215 -84.02 -14.36 7.96
C MET F 215 -82.76 -14.75 7.21
N GLN F 216 -82.90 -15.05 5.93
CA GLN F 216 -81.74 -15.38 5.13
C GLN F 216 -81.10 -14.04 4.77
N PHE F 217 -79.95 -14.09 4.12
CA PHE F 217 -79.26 -12.87 3.74
C PHE F 217 -79.67 -12.47 2.33
N SER F 218 -79.74 -11.16 2.06
CA SER F 218 -80.13 -10.68 0.73
C SER F 218 -79.30 -9.52 0.20
N THR F 219 -79.04 -9.54 -1.11
CA THR F 219 -78.34 -8.48 -1.81
C THR F 219 -79.20 -8.22 -3.05
N TRP F 220 -79.01 -7.08 -3.70
CA TRP F 220 -79.83 -6.75 -4.86
C TRP F 220 -79.89 -7.83 -5.92
N ASP F 221 -78.80 -8.58 -6.07
CA ASP F 221 -78.75 -9.64 -7.08
C ASP F 221 -78.97 -11.03 -6.51
N ASN F 222 -79.50 -11.10 -5.29
CA ASN F 222 -79.75 -12.39 -4.66
C ASN F 222 -80.84 -12.21 -3.60
N ASP F 223 -82.07 -12.10 -4.08
CA ASP F 223 -83.27 -11.87 -3.27
C ASP F 223 -83.69 -13.07 -2.42
N ASN F 224 -83.63 -12.94 -1.11
CA ASN F 224 -84.03 -14.02 -0.24
C ASN F 224 -84.93 -13.54 0.88
N ASP F 225 -85.45 -12.32 0.73
CA ASP F 225 -86.33 -11.74 1.74
C ASP F 225 -87.71 -12.38 1.70
N LYS F 226 -88.62 -11.82 2.51
CA LYS F 226 -89.99 -12.31 2.59
C LYS F 226 -90.89 -11.23 2.02
N PHE F 227 -90.45 -10.65 0.90
CA PHE F 227 -91.18 -9.58 0.24
C PHE F 227 -91.37 -9.88 -1.23
N GLU F 228 -92.56 -9.60 -1.76
CA GLU F 228 -92.85 -9.85 -3.16
C GLU F 228 -91.80 -9.10 -3.99
N GLY F 229 -91.35 -7.97 -3.46
CA GLY F 229 -90.34 -7.18 -4.14
C GLY F 229 -88.96 -7.52 -3.64
N ASN F 230 -87.99 -6.64 -3.93
CA ASN F 230 -86.59 -6.84 -3.56
C ASN F 230 -86.14 -5.79 -2.56
N CYS F 231 -86.20 -6.12 -1.29
CA CYS F 231 -85.81 -5.19 -0.23
C CYS F 231 -84.39 -4.63 -0.40
N ALA F 232 -83.42 -5.54 -0.54
CA ALA F 232 -82.03 -5.14 -0.69
C ALA F 232 -81.78 -4.20 -1.86
N GLU F 233 -82.52 -4.39 -2.95
CA GLU F 233 -82.33 -3.51 -4.09
C GLU F 233 -82.91 -2.15 -3.77
N GLN F 234 -84.10 -2.15 -3.17
CA GLN F 234 -84.74 -0.90 -2.79
C GLN F 234 -83.92 -0.06 -1.82
N ASP F 235 -83.43 -0.68 -0.75
CA ASP F 235 -82.64 0.05 0.24
C ASP F 235 -81.17 0.25 -0.14
N GLY F 236 -80.70 -0.49 -1.14
CA GLY F 236 -79.31 -0.36 -1.57
C GLY F 236 -78.28 -0.85 -0.56
N SER F 237 -78.43 -2.10 -0.13
CA SER F 237 -77.52 -2.69 0.83
C SER F 237 -77.59 -4.21 0.83
N GLY F 238 -76.87 -4.80 1.76
CA GLY F 238 -76.86 -6.25 1.91
C GLY F 238 -77.34 -6.43 3.34
N TRP F 239 -78.27 -7.34 3.58
CA TRP F 239 -78.77 -7.51 4.93
C TRP F 239 -79.72 -8.69 5.06
N TRP F 240 -80.01 -9.07 6.31
CA TRP F 240 -80.94 -10.16 6.58
C TRP F 240 -82.32 -9.49 6.53
N MET F 241 -82.88 -9.38 5.31
CA MET F 241 -84.17 -8.73 5.11
C MET F 241 -85.39 -9.63 5.26
N ASN F 242 -86.47 -9.03 5.75
CA ASN F 242 -87.73 -9.74 5.91
C ASN F 242 -88.73 -9.04 4.97
N LYS F 243 -89.31 -7.93 5.45
CA LYS F 243 -90.24 -7.15 4.66
C LYS F 243 -90.58 -5.83 5.34
N CYS F 244 -89.56 -5.00 5.60
CA CYS F 244 -88.18 -5.34 5.25
C CYS F 244 -87.24 -5.36 6.44
N HIS F 245 -87.35 -4.39 7.35
CA HIS F 245 -86.46 -4.38 8.50
C HIS F 245 -86.83 -3.42 9.63
N ALA F 246 -86.24 -3.67 10.79
CA ALA F 246 -86.45 -2.83 11.98
C ALA F 246 -85.08 -2.30 12.41
N GLY F 247 -84.05 -3.07 12.08
CA GLY F 247 -82.68 -2.70 12.40
C GLY F 247 -81.93 -2.89 11.09
N HIS F 248 -81.26 -1.86 10.62
CA HIS F 248 -80.55 -1.96 9.35
C HIS F 248 -79.22 -1.20 9.45
N LEU F 249 -78.19 -1.88 9.96
CA LEU F 249 -76.89 -1.24 10.14
C LEU F 249 -76.05 -1.09 8.88
N ASN F 250 -76.40 -1.80 7.81
CA ASN F 250 -75.68 -1.71 6.55
C ASN F 250 -76.35 -0.74 5.58
N GLY F 251 -77.24 0.09 6.10
CA GLY F 251 -77.94 1.05 5.26
C GLY F 251 -77.08 2.21 4.82
N VAL F 252 -77.72 3.14 4.12
CA VAL F 252 -77.06 4.34 3.60
C VAL F 252 -76.63 5.30 4.70
N TYR F 253 -75.42 5.85 4.57
CA TYR F 253 -74.90 6.77 5.57
C TYR F 253 -75.36 8.22 5.37
N TYR F 254 -76.29 8.66 6.22
CA TYR F 254 -76.80 10.02 6.14
C TYR F 254 -76.11 10.93 7.16
N GLN F 255 -75.29 11.84 6.65
CA GLN F 255 -74.55 12.78 7.49
C GLN F 255 -75.57 13.52 8.36
N GLY F 256 -75.20 13.82 9.60
CA GLY F 256 -76.12 14.53 10.47
C GLY F 256 -77.07 13.60 11.22
N GLY F 257 -77.49 12.51 10.58
CA GLY F 257 -78.36 11.57 11.24
C GLY F 257 -79.84 11.69 10.96
N THR F 258 -80.28 12.88 10.57
CA THR F 258 -81.69 13.10 10.27
C THR F 258 -81.89 13.10 8.76
N TYR F 259 -82.89 12.39 8.29
CA TYR F 259 -83.17 12.36 6.87
C TYR F 259 -84.65 12.04 6.67
N SER F 260 -85.14 12.12 5.43
CA SER F 260 -86.56 11.88 5.18
C SER F 260 -86.89 11.23 3.84
N LYS F 261 -88.19 11.06 3.61
CA LYS F 261 -88.69 10.44 2.38
C LYS F 261 -88.11 11.15 1.16
N ALA F 262 -87.86 12.45 1.28
CA ALA F 262 -87.31 13.22 0.17
C ALA F 262 -85.94 12.67 -0.23
N SER F 263 -85.06 12.53 0.75
CA SER F 263 -83.70 12.05 0.54
C SER F 263 -83.62 10.69 -0.14
N THR F 264 -84.74 10.01 -0.27
CA THR F 264 -84.75 8.69 -0.87
C THR F 264 -85.32 8.64 -2.30
N PRO F 265 -84.96 7.59 -3.06
CA PRO F 265 -85.41 7.39 -4.44
C PRO F 265 -86.92 7.12 -4.47
N ASN F 266 -87.27 5.90 -4.03
CA ASN F 266 -88.65 5.44 -4.00
C ASN F 266 -89.44 5.92 -2.77
N GLY F 267 -88.74 6.45 -1.77
CA GLY F 267 -89.40 6.95 -0.57
C GLY F 267 -89.28 6.08 0.67
N TYR F 268 -88.47 5.03 0.60
CA TYR F 268 -88.28 4.11 1.73
C TYR F 268 -87.10 4.49 2.60
N ASP F 269 -87.24 4.29 3.91
CA ASP F 269 -86.16 4.55 4.85
C ASP F 269 -85.07 3.51 4.58
N ASN F 270 -83.88 3.99 4.27
CA ASN F 270 -82.78 3.08 3.94
C ASN F 270 -81.49 3.45 4.66
N GLY F 271 -81.62 4.24 5.72
CA GLY F 271 -80.44 4.63 6.47
C GLY F 271 -80.00 3.59 7.49
N ILE F 272 -79.04 3.98 8.32
CA ILE F 272 -78.51 3.11 9.35
C ILE F 272 -79.41 3.27 10.56
N ILE F 273 -80.45 2.44 10.61
CA ILE F 273 -81.44 2.51 11.68
C ILE F 273 -81.53 1.34 12.62
N TRP F 274 -82.13 1.62 13.77
CA TRP F 274 -82.36 0.67 14.84
C TRP F 274 -83.62 1.20 15.52
N ALA F 275 -84.77 0.79 14.99
CA ALA F 275 -86.08 1.24 15.43
C ALA F 275 -86.35 1.36 16.93
N THR F 276 -85.89 0.39 17.70
CA THR F 276 -86.12 0.41 19.14
C THR F 276 -85.33 1.48 19.87
N TRP F 277 -84.52 2.25 19.16
CA TRP F 277 -83.72 3.27 19.82
C TRP F 277 -83.84 4.66 19.20
N LYS F 278 -84.10 4.70 17.89
CA LYS F 278 -84.25 5.97 17.19
C LYS F 278 -85.32 5.82 16.12
N THR F 279 -85.71 6.94 15.52
CA THR F 279 -86.72 6.95 14.47
C THR F 279 -86.19 6.27 13.22
N ARG F 280 -87.07 5.71 12.42
CA ARG F 280 -86.65 5.07 11.19
C ARG F 280 -86.04 6.14 10.30
N TRP F 281 -86.17 7.40 10.71
CA TRP F 281 -85.61 8.51 9.94
C TRP F 281 -84.40 9.11 10.63
N TYR F 282 -83.68 8.26 11.37
CA TYR F 282 -82.47 8.67 12.07
C TYR F 282 -81.38 7.62 11.79
N SER F 283 -80.32 8.04 11.09
CA SER F 283 -79.23 7.15 10.74
C SER F 283 -78.08 7.30 11.73
N MET F 284 -77.62 6.18 12.28
CA MET F 284 -76.53 6.22 13.26
C MET F 284 -75.27 6.85 12.69
N LYS F 285 -74.43 7.36 13.58
CA LYS F 285 -73.16 7.98 13.19
C LYS F 285 -72.07 6.91 13.18
N LYS F 286 -72.14 6.01 14.16
CA LYS F 286 -71.17 4.93 14.28
C LYS F 286 -71.89 3.62 14.59
N THR F 287 -71.44 2.56 13.96
CA THR F 287 -72.03 1.25 14.15
C THR F 287 -70.93 0.21 14.22
N THR F 288 -71.18 -0.84 15.00
CA THR F 288 -70.22 -1.91 15.13
C THR F 288 -70.86 -3.20 15.59
N MET F 289 -70.62 -4.26 14.81
CA MET F 289 -71.15 -5.60 15.10
C MET F 289 -69.97 -6.52 15.34
N LYS F 290 -69.91 -7.08 16.54
CA LYS F 290 -68.83 -7.97 16.94
C LYS F 290 -69.38 -9.18 17.67
N ILE F 291 -68.60 -10.25 17.71
CA ILE F 291 -69.02 -11.45 18.39
C ILE F 291 -67.95 -11.97 19.33
N ILE F 292 -68.37 -12.75 20.31
CA ILE F 292 -67.46 -13.31 21.30
C ILE F 292 -68.11 -14.55 21.88
N PRO F 293 -67.32 -15.50 22.36
CA PRO F 293 -67.95 -16.70 22.92
C PRO F 293 -68.95 -16.28 24.01
N PHE F 294 -70.09 -16.95 24.08
CA PHE F 294 -71.11 -16.61 25.07
C PHE F 294 -70.65 -16.69 26.53
N ASN F 295 -70.00 -17.79 26.91
CA ASN F 295 -69.53 -17.95 28.29
C ASN F 295 -68.68 -16.76 28.73
N ARG F 296 -68.50 -15.81 27.82
CA ARG F 296 -67.69 -14.64 28.09
C ARG F 296 -68.51 -13.47 28.61
N LEU F 297 -69.83 -13.64 28.65
CA LEU F 297 -70.72 -12.59 29.14
C LEU F 297 -71.21 -12.91 30.55
N THR F 298 -71.06 -11.94 31.45
CA THR F 298 -71.46 -12.11 32.84
C THR F 298 -70.84 -13.38 33.44
N GLY G 1 6.17 6.29 8.77
CA GLY G 1 5.38 5.86 9.97
C GLY G 1 4.35 4.81 9.60
N HIS G 2 3.15 5.27 9.24
CA HIS G 2 2.06 4.39 8.85
C HIS G 2 1.60 4.83 7.47
N ARG G 3 1.04 3.92 6.69
CA ARG G 3 0.58 4.28 5.35
C ARG G 3 -0.94 4.15 5.29
N PRO G 4 -1.66 5.19 5.74
CA PRO G 4 -3.12 5.19 5.74
C PRO G 4 -3.71 5.14 4.33
N GLY H 1 68.23 -1.04 -17.16
CA GLY H 1 69.26 -1.24 -18.21
C GLY H 1 70.03 -2.52 -18.03
N HIS H 2 70.92 -2.82 -18.97
CA HIS H 2 71.73 -4.04 -18.91
C HIS H 2 73.17 -3.80 -18.46
N ARG H 3 73.89 -4.91 -18.28
CA ARG H 3 75.28 -4.87 -17.85
C ARG H 3 76.10 -5.77 -18.77
N PRO H 4 76.62 -5.20 -19.87
CA PRO H 4 77.42 -5.99 -20.80
C PRO H 4 78.53 -6.73 -20.05
N GLY I 1 -88.94 0.70 7.27
CA GLY I 1 -88.41 -0.68 7.25
C GLY I 1 -89.39 -1.68 6.67
N HIS I 2 -90.69 -1.44 6.88
CA HIS I 2 -91.72 -2.33 6.38
C HIS I 2 -92.26 -1.86 5.03
N ARG I 3 -92.71 -2.81 4.22
CA ARG I 3 -93.25 -2.50 2.91
C ARG I 3 -94.71 -2.92 2.90
N PRO I 4 -95.63 -1.94 2.96
CA PRO I 4 -97.07 -2.25 2.96
C PRO I 4 -97.53 -3.06 1.75
N GLY J 1 -26.63 -5.67 -23.69
CA GLY J 1 -25.78 -5.89 -24.89
C GLY J 1 -25.09 -7.23 -24.84
N HIS J 2 -24.30 -7.53 -25.88
CA HIS J 2 -23.58 -8.79 -25.92
C HIS J 2 -22.10 -8.59 -25.55
N ARG J 3 -21.39 -9.68 -25.40
CA ARG J 3 -19.98 -9.63 -25.05
C ARG J 3 -19.20 -10.38 -26.12
N PRO J 4 -18.61 -9.66 -27.07
CA PRO J 4 -17.87 -10.40 -28.10
C PRO J 4 -16.62 -11.06 -27.50
C1 NAG K . 75.20 -4.78 -25.98
C2 NAG K . 75.57 -4.42 -27.40
C3 NAG K . 77.09 -4.39 -27.50
C4 NAG K . 77.65 -3.36 -26.49
C5 NAG K . 77.09 -3.62 -25.07
C6 NAG K . 77.42 -2.52 -24.06
C7 NAG K . 74.03 -4.94 -29.16
C8 NAG K . 72.64 -4.75 -28.57
N2 NAG K . 74.99 -5.36 -28.34
O3 NAG K . 77.46 -4.02 -28.82
O4 NAG K . 79.10 -3.42 -26.42
O5 NAG K . 75.64 -3.75 -25.10
O6 NAG K . 77.64 -1.26 -24.74
O7 NAG K . 74.23 -4.69 -30.35
C1 NAG K . 79.87 -3.41 -27.58
C2 NAG K . 79.87 -2.01 -28.21
C3 NAG K . 80.82 -1.98 -29.40
C4 NAG K . 82.21 -2.51 -29.02
C5 NAG K . 82.10 -3.87 -28.32
C6 NAG K . 83.42 -4.37 -27.80
C7 NAG K . 78.33 -0.80 -29.62
C8 NAG K . 77.97 -1.36 -30.99
N2 NAG K . 78.52 -1.65 -28.63
O3 NAG K . 80.94 -0.66 -29.90
O4 NAG K . 83.02 -2.63 -30.19
O5 NAG K . 81.21 -3.77 -27.20
O6 NAG K . 84.28 -3.30 -27.44
O7 NAG K . 78.44 0.42 -29.48
C1 FUC K . 76.68 -0.29 -24.41
C2 FUC K . 77.09 1.08 -24.96
C3 FUC K . 76.94 1.12 -26.49
C4 FUC K . 75.53 0.69 -26.91
C5 FUC K . 75.21 -0.68 -26.31
C6 FUC K . 73.79 -1.14 -26.59
O2 FUC K . 78.44 1.34 -24.62
O3 FUC K . 77.20 2.44 -26.96
O4 FUC K . 74.58 1.65 -26.46
O5 FUC K . 75.36 -0.64 -24.87
C1 NAG L . -20.30 -9.59 -33.12
C2 NAG L . -20.41 -9.64 -34.64
C3 NAG L . -19.03 -9.64 -35.26
C4 NAG L . -18.08 -8.57 -34.68
C5 NAG L . -18.23 -8.37 -33.15
C6 NAG L . -17.67 -7.00 -32.75
C7 NAG L . -21.70 -10.93 -36.22
C8 NAG L . -22.07 -12.31 -36.74
N2 NAG L . -21.11 -10.85 -35.04
O3 NAG L . -19.14 -9.41 -36.66
O4 NAG L . -16.74 -9.03 -34.97
O5 NAG L . -19.62 -8.39 -32.75
O6 NAG L . -17.89 -6.75 -31.34
O7 NAG L . -21.95 -9.93 -36.91
C1 NAG L . -15.64 -8.16 -35.02
C2 NAG L . -16.01 -6.75 -35.47
C3 NAG L . -14.72 -5.97 -35.62
C4 NAG L . -13.90 -6.01 -34.33
C5 NAG L . -13.73 -7.46 -33.80
C6 NAG L . -13.16 -7.51 -32.41
C7 NAG L . -16.11 -6.97 -37.87
C8 NAG L . -15.97 -8.40 -38.37
N2 NAG L . -16.75 -6.79 -36.72
O3 NAG L . -14.99 -4.62 -35.97
O4 NAG L . -12.61 -5.46 -34.57
O5 NAG L . -15.01 -8.12 -33.75
O6 NAG L . -14.12 -7.11 -31.44
O7 NAG L . -15.63 -6.04 -38.53
C1 FUC L . -18.69 -5.62 -31.04
C2 FUC L . -18.03 -4.29 -31.44
C3 FUC L . -18.24 -3.94 -32.92
C4 FUC L . -19.71 -4.08 -33.32
C5 FUC L . -20.23 -5.46 -32.94
C6 FUC L . -21.72 -5.62 -33.22
O2 FUC L . -16.64 -4.33 -31.15
O3 FUC L . -17.82 -2.60 -33.17
O4 FUC L . -20.48 -3.08 -32.68
O5 FUC L . -20.04 -5.71 -31.52
CA CA M . 74.85 -11.72 -8.74
CA CA N . 5.87 -4.31 0.23
CA CA O . -19.93 -16.57 -15.56
CA CA P . -88.12 -10.68 -2.51
#